data_9NQJ
#
_entry.id   9NQJ
#
_cell.length_a   1.00
_cell.length_b   1.00
_cell.length_c   1.00
_cell.angle_alpha   90.00
_cell.angle_beta   90.00
_cell.angle_gamma   90.00
#
_symmetry.space_group_name_H-M   'P 1'
#
loop_
_entity.id
_entity.type
_entity.pdbx_description
1 polymer 'Maltose/maltodextrin import ATP-binding protein MalK'
2 polymer 'Maltose/maltodextrin transport system permease protein MalF'
3 polymer 'Maltose/maltodextrin transport system permease protein MalG'
4 non-polymer 'MAGNESIUM ION'
5 non-polymer "ADENOSINE-5'-DIPHOSPHATE"
6 non-polymer 'VANADATE ION'
#
loop_
_entity_poly.entity_id
_entity_poly.type
_entity_poly.pdbx_seq_one_letter_code
_entity_poly.pdbx_strand_id
1 'polypeptide(L)'
;ASVQLQNVTKAWGEVVVSKDINLDIHEGEFVVFVGPSGCGKSTLLRMIAGLETITSGDLFIGEKRMNDTPPAERGVGMVF
QSYALYPHLSVAENMSFGLKLAGAKKEVINQRVNQVAEVLQLAHLLDRKPKALSGGQRQRVAIGRTLVAEPSVFLLDEPL
SNLDAALRVQMRIEISRLHKRLGRTMIYVTHDQVEAMTLADKIVVLDAGRVAQVGKPLELYHYPADRFVAGFIGSPKMNF
LPVKVTATAIDQVQVELPMPNRQQVWLPVESRDVQVGANMSLGIRPEHLLPSDIADVILEGEVQVVEQLGNETQIHIQIP
SIRQNLVYRQNDVVLVEEGATFAIGLPPERCHLFREDGTACRRLHKEPGVA
;
A,B
2 'polypeptide(L)'
;MDVIKKKHWWQSDALKWSVLGLLGLLVGYLVVLMYAQGEYLFAITTLILSSAGLYIFANRKAYAWRYVYPGMAGMGLFVL
FPLVCTIAIAFTNYSSTNQLTFERAQEVLLDRSWQAGKTYNFGLYPAGDEWQLALSDGETGKNYLSDAFKFGGEQKLQLK
ETTAQPEGERANLRVITQNRQALSDITAILPDGNKVMMSSLRQFSGTQPLYTLDGDGTLTNNQSGVKYRPNNQIGFYQSI
TADGNWGDEKLSPGYTVTTGWKNFTRVFTDEGIQKPFLAIFVWTVVFSLITVFLTVAVGMVLACLVQWEALRGKAVYRVL
LILPYAVPSFISILIFKGLFNQSFGEINMMLSALFGVKPAWFSDPTTARTMLIIVNTWLGYPYMMILCMGLLKAIPDDLY
EASAMDGAGPFQNFFKITLPLLIKPLTPLMIASFAFNFNNFVLIQLLTNGGPDRLGTTTPAGYTDLLVNYTYRIAFEGGG
GQDFGLAAAIATLIFLLVGALAIVNLKATRMKFD
;
F
3 'polypeptide(L)'
;MAMVQPKSQKARLFITHLLLLLFIAAIMFPLLMVVAISLRQGNFATGSLIPEQISWDHWKLALGFSVEQADGRITPPPFP
VLLWLWNSVKVAGISAIGIVALSTTCAYAFARMRFPGKATLLKGMLIFQMFPAVLSLVALYALFDRLGEYIPFIGLNTHG
GVIFAYLGGIALHVWTIKGYFETIDSSLEEAAALDGATPWQAFRLVLLPLSVPILAVVFILSFIAAITEVPVASLLLRDV
NSYTLAVGMQQYLNPQNYLWGDFAAAAVMSALPITIVFLLAQRWLVNGLTAGGVKG
;
G
#
# COMPACT_ATOMS: atom_id res chain seq x y z
N ALA A 1 29.94 7.51 3.05
CA ALA A 1 29.65 8.62 3.94
C ALA A 1 29.27 8.13 5.33
N SER A 2 29.96 8.65 6.34
CA SER A 2 29.68 8.27 7.72
C SER A 2 28.33 8.84 8.16
N VAL A 3 27.64 8.11 9.03
CA VAL A 3 26.33 8.47 9.52
C VAL A 3 26.35 8.49 11.04
N GLN A 4 26.04 9.65 11.61
CA GLN A 4 26.09 9.84 13.06
C GLN A 4 24.88 10.65 13.49
N LEU A 5 24.22 10.22 14.56
CA LEU A 5 23.06 10.89 15.10
C LEU A 5 23.36 11.36 16.51
N GLN A 6 22.93 12.58 16.83
CA GLN A 6 23.26 13.21 18.11
C GLN A 6 21.97 13.59 18.82
N ASN A 7 21.62 12.84 19.86
CA ASN A 7 20.42 13.08 20.67
C ASN A 7 19.17 13.17 19.79
N VAL A 8 19.12 12.32 18.78
CA VAL A 8 17.97 12.30 17.87
C VAL A 8 16.78 11.71 18.61
N THR A 9 15.67 12.46 18.61
CA THR A 9 14.43 12.01 19.25
C THR A 9 13.26 12.36 18.35
N LYS A 10 12.42 11.35 18.06
CA LYS A 10 11.23 11.54 17.24
C LYS A 10 9.99 11.18 18.07
N ALA A 11 9.01 12.08 18.07
CA ALA A 11 7.80 11.88 18.85
C ALA A 11 6.58 12.08 17.95
N TRP A 12 5.80 11.02 17.79
CA TRP A 12 4.49 11.12 17.14
C TRP A 12 3.48 11.62 18.16
N GLY A 13 3.22 12.93 18.17
CA GLY A 13 2.37 13.49 19.19
C GLY A 13 2.93 13.26 20.57
N GLU A 14 2.27 12.37 21.34
CA GLU A 14 2.77 11.97 22.64
C GLU A 14 3.76 10.82 22.58
N VAL A 15 3.62 9.92 21.61
CA VAL A 15 4.42 8.70 21.60
C VAL A 15 5.84 9.03 21.19
N VAL A 16 6.80 8.68 22.04
CA VAL A 16 8.22 8.91 21.77
C VAL A 16 8.78 7.61 21.19
N VAL A 17 8.70 7.47 19.87
CA VAL A 17 9.15 6.26 19.19
C VAL A 17 10.67 6.17 19.11
N SER A 18 11.39 7.22 19.50
CA SER A 18 12.85 7.19 19.53
C SER A 18 13.30 8.23 20.54
N LYS A 19 14.11 7.80 21.51
CA LYS A 19 14.47 8.63 22.66
C LYS A 19 15.99 8.71 22.79
N ASP A 20 16.55 9.89 22.52
CA ASP A 20 17.95 10.19 22.80
C ASP A 20 18.89 9.14 22.23
N ILE A 21 18.89 9.04 20.91
CA ILE A 21 19.72 8.05 20.22
C ILE A 21 21.07 8.66 19.92
N ASN A 22 22.14 7.95 20.29
CA ASN A 22 23.50 8.41 20.06
C ASN A 22 24.27 7.29 19.33
N LEU A 23 24.19 7.29 18.00
CA LEU A 23 24.90 6.33 17.18
C LEU A 23 26.01 7.04 16.42
N ASP A 24 27.05 6.27 16.09
CA ASP A 24 28.16 6.79 15.28
C ASP A 24 28.62 5.66 14.38
N ILE A 25 28.53 5.87 13.07
CA ILE A 25 28.89 4.86 12.08
C ILE A 25 30.05 5.40 11.25
N HIS A 26 31.18 4.71 11.30
CA HIS A 26 32.36 5.14 10.56
C HIS A 26 32.18 4.81 9.08
N GLU A 27 33.13 5.23 8.25
CA GLU A 27 33.08 4.92 6.84
C GLU A 27 33.28 3.42 6.62
N GLY A 28 32.48 2.84 5.73
CA GLY A 28 32.61 1.44 5.41
C GLY A 28 32.32 0.49 6.55
N GLU A 29 31.20 0.70 7.26
CA GLU A 29 30.81 -0.15 8.38
C GLU A 29 29.46 -0.79 8.10
N PHE A 30 29.36 -2.09 8.39
CA PHE A 30 28.15 -2.88 8.15
C PHE A 30 27.35 -3.00 9.45
N VAL A 31 26.81 -1.87 9.91
CA VAL A 31 26.02 -1.88 11.14
C VAL A 31 24.68 -2.53 10.88
N VAL A 32 24.33 -3.51 11.71
CA VAL A 32 23.07 -4.26 11.59
C VAL A 32 22.21 -3.92 12.79
N PHE A 33 20.95 -3.57 12.53
CA PHE A 33 20.00 -3.22 13.58
C PHE A 33 19.10 -4.40 13.89
N VAL A 34 18.95 -4.70 15.18
CA VAL A 34 18.01 -5.70 15.64
C VAL A 34 17.23 -5.13 16.82
N GLY A 35 16.07 -5.70 17.08
CA GLY A 35 15.24 -5.26 18.18
C GLY A 35 13.84 -5.85 18.12
N PRO A 36 13.04 -5.60 19.14
CA PRO A 36 11.65 -6.11 19.13
C PRO A 36 10.86 -5.53 17.97
N SER A 37 9.73 -6.17 17.70
CA SER A 37 8.88 -5.79 16.57
C SER A 37 8.16 -4.48 16.84
N GLY A 38 8.78 -3.36 16.48
CA GLY A 38 8.16 -2.07 16.67
C GLY A 38 8.89 -1.18 17.64
N CYS A 39 10.18 -1.44 17.83
CA CYS A 39 10.98 -0.61 18.72
C CYS A 39 11.47 0.68 18.06
N GLY A 40 11.45 0.74 16.72
CA GLY A 40 11.79 1.97 16.04
C GLY A 40 12.89 1.85 15.00
N LYS A 41 13.19 0.63 14.56
CA LYS A 41 14.25 0.43 13.59
C LYS A 41 13.91 1.08 12.25
N SER A 42 12.71 0.77 11.72
CA SER A 42 12.31 1.35 10.45
C SER A 42 12.18 2.86 10.53
N THR A 43 11.69 3.37 11.66
CA THR A 43 11.59 4.82 11.81
C THR A 43 12.98 5.46 11.79
N LEU A 44 13.95 4.85 12.48
CA LEU A 44 15.31 5.36 12.44
C LEU A 44 15.86 5.33 11.02
N LEU A 45 15.57 4.26 10.29
CA LEU A 45 16.01 4.17 8.90
C LEU A 45 15.43 5.30 8.06
N ARG A 46 14.12 5.53 8.16
CA ARG A 46 13.48 6.56 7.36
C ARG A 46 13.98 7.95 7.73
N MET A 47 14.25 8.17 9.02
CA MET A 47 14.78 9.46 9.44
C MET A 47 16.21 9.67 8.96
N ILE A 48 17.00 8.60 8.89
CA ILE A 48 18.32 8.70 8.29
C ILE A 48 18.19 9.02 6.80
N ALA A 49 17.28 8.34 6.10
CA ALA A 49 17.08 8.59 4.68
C ALA A 49 16.50 9.97 4.44
N GLY A 50 15.69 10.47 5.37
CA GLY A 50 15.07 11.78 5.24
C GLY A 50 13.60 11.74 4.92
N LEU A 51 12.97 10.58 4.84
CA LEU A 51 11.55 10.51 4.55
C LEU A 51 10.73 11.05 5.71
N GLU A 52 11.21 10.86 6.94
CA GLU A 52 10.62 11.47 8.12
C GLU A 52 11.43 12.69 8.54
N THR A 53 10.86 13.46 9.45
CA THR A 53 11.51 14.65 9.99
C THR A 53 11.75 14.45 11.48
N ILE A 54 12.99 14.70 11.91
CA ILE A 54 13.33 14.51 13.31
C ILE A 54 12.85 15.71 14.11
N THR A 55 12.29 15.44 15.29
CA THR A 55 11.76 16.49 16.16
C THR A 55 12.83 17.12 17.03
N SER A 56 14.00 16.52 17.12
CA SER A 56 15.13 17.11 17.84
C SER A 56 16.40 16.44 17.34
N GLY A 57 17.52 16.84 17.93
CA GLY A 57 18.79 16.25 17.56
C GLY A 57 19.25 16.65 16.16
N ASP A 58 20.41 16.13 15.80
CA ASP A 58 21.02 16.40 14.51
C ASP A 58 21.48 15.10 13.87
N LEU A 59 21.33 15.02 12.56
CA LEU A 59 21.74 13.85 11.79
C LEU A 59 22.83 14.28 10.80
N PHE A 60 24.05 13.83 11.04
CA PHE A 60 25.19 14.19 10.21
C PHE A 60 25.48 13.06 9.23
N ILE A 61 25.59 13.38 7.96
CA ILE A 61 26.03 12.45 6.92
C ILE A 61 27.18 13.11 6.19
N GLY A 62 28.35 12.50 6.24
CA GLY A 62 29.53 13.12 5.68
C GLY A 62 29.92 14.41 6.38
N GLU A 63 29.69 14.48 7.70
CA GLU A 63 30.11 15.62 8.51
C GLU A 63 29.42 16.90 8.07
N LYS A 64 28.18 16.77 7.62
CA LYS A 64 27.36 17.92 7.28
C LYS A 64 25.94 17.67 7.76
N ARG A 65 25.33 18.68 8.37
CA ARG A 65 23.99 18.53 8.91
C ARG A 65 23.00 18.25 7.77
N MET A 66 22.18 17.22 7.95
CA MET A 66 21.22 16.83 6.93
C MET A 66 19.79 16.82 7.49
N ASN A 67 19.53 17.62 8.51
CA ASN A 67 18.18 17.71 9.05
C ASN A 67 17.19 18.32 8.06
N ASP A 68 17.64 19.30 7.27
CA ASP A 68 16.78 19.97 6.30
C ASP A 68 17.09 19.62 4.86
N THR A 69 18.03 18.72 4.59
CA THR A 69 18.37 18.36 3.23
C THR A 69 17.33 17.41 2.64
N PRO A 70 16.82 17.68 1.44
CA PRO A 70 15.83 16.78 0.86
C PRO A 70 16.43 15.43 0.55
N PRO A 71 15.60 14.39 0.41
CA PRO A 71 16.13 13.04 0.21
C PRO A 71 16.97 12.87 -1.04
N ALA A 72 16.76 13.71 -2.05
CA ALA A 72 17.50 13.55 -3.30
C ALA A 72 18.99 13.77 -3.10
N GLU A 73 19.38 14.77 -2.33
CA GLU A 73 20.77 15.19 -2.23
C GLU A 73 21.54 14.47 -1.12
N ARG A 74 20.86 13.79 -0.20
CA ARG A 74 21.56 13.08 0.85
C ARG A 74 22.42 11.93 0.35
N GLY A 75 22.11 11.40 -0.83
CA GLY A 75 22.84 10.25 -1.35
C GLY A 75 22.61 8.98 -0.56
N VAL A 76 21.38 8.71 -0.17
CA VAL A 76 21.03 7.52 0.61
C VAL A 76 20.08 6.68 -0.23
N GLY A 77 20.46 5.42 -0.47
CA GLY A 77 19.61 4.49 -1.17
C GLY A 77 19.03 3.45 -0.23
N MET A 78 17.71 3.36 -0.18
CA MET A 78 17.04 2.51 0.79
C MET A 78 16.23 1.44 0.10
N VAL A 79 16.33 0.22 0.61
CA VAL A 79 15.48 -0.89 0.22
C VAL A 79 14.34 -0.97 1.22
N PHE A 80 13.12 -0.81 0.74
CA PHE A 80 11.97 -0.60 1.61
C PHE A 80 11.54 -1.88 2.31
N GLN A 81 10.75 -1.70 3.37
CA GLN A 81 10.08 -2.83 4.01
C GLN A 81 8.94 -3.34 3.14
N SER A 82 8.34 -2.47 2.34
CA SER A 82 7.10 -2.77 1.62
C SER A 82 7.32 -3.01 0.13
N TYR A 83 8.56 -3.22 -0.30
CA TYR A 83 8.91 -3.35 -1.71
C TYR A 83 8.28 -2.25 -2.54
N ALA A 84 8.73 -1.02 -2.30
CA ALA A 84 8.14 0.12 -3.01
C ALA A 84 8.56 0.09 -4.47
N LEU A 85 7.75 -0.53 -5.32
CA LEU A 85 8.01 -0.65 -6.74
C LEU A 85 6.96 0.10 -7.54
N TYR A 86 7.33 0.52 -8.73
CA TYR A 86 6.38 1.18 -9.61
C TYR A 86 5.63 0.15 -10.42
N PRO A 87 4.32 -0.04 -10.21
CA PRO A 87 3.60 -1.09 -10.93
C PRO A 87 3.49 -0.87 -12.42
N HIS A 88 3.58 0.37 -12.89
CA HIS A 88 3.43 0.67 -14.31
C HIS A 88 4.74 0.49 -15.08
N LEU A 89 5.76 -0.09 -14.46
CA LEU A 89 7.06 -0.31 -15.09
C LEU A 89 7.44 -1.77 -14.95
N SER A 90 7.99 -2.35 -16.02
CA SER A 90 8.46 -3.72 -15.97
C SER A 90 9.66 -3.82 -15.03
N VAL A 91 10.21 -5.04 -14.90
CA VAL A 91 11.31 -5.26 -13.97
C VAL A 91 12.55 -4.48 -14.40
N ALA A 92 12.88 -4.53 -15.70
CA ALA A 92 14.07 -3.83 -16.18
C ALA A 92 13.93 -2.33 -16.01
N GLU A 93 12.76 -1.77 -16.33
CA GLU A 93 12.54 -0.35 -16.13
C GLU A 93 12.58 0.02 -14.65
N ASN A 94 11.99 -0.81 -13.80
CA ASN A 94 12.05 -0.56 -12.36
C ASN A 94 13.49 -0.48 -11.88
N MET A 95 14.31 -1.44 -12.29
CA MET A 95 15.71 -1.45 -11.83
C MET A 95 16.49 -0.28 -12.41
N SER A 96 16.29 0.04 -13.69
CA SER A 96 17.05 1.08 -14.36
C SER A 96 16.46 2.46 -14.20
N PHE A 97 15.40 2.61 -13.41
CA PHE A 97 14.80 3.92 -13.18
C PHE A 97 15.83 4.92 -12.67
N GLY A 98 16.60 4.54 -11.64
CA GLY A 98 17.58 5.46 -11.08
C GLY A 98 18.65 5.85 -12.06
N LEU A 99 19.18 4.88 -12.81
CA LEU A 99 20.20 5.19 -13.81
C LEU A 99 19.66 6.08 -14.92
N LYS A 100 18.44 5.80 -15.40
CA LYS A 100 17.84 6.65 -16.42
C LYS A 100 17.65 8.07 -15.90
N LEU A 101 17.25 8.21 -14.64
CA LEU A 101 17.15 9.53 -14.04
C LEU A 101 18.50 10.21 -13.97
N ALA A 102 19.55 9.44 -13.69
CA ALA A 102 20.91 9.98 -13.66
C ALA A 102 21.44 10.30 -15.05
N GLY A 103 20.73 9.91 -16.10
CA GLY A 103 21.16 10.20 -17.46
C GLY A 103 22.39 9.44 -17.92
N ALA A 104 22.53 8.18 -17.51
CA ALA A 104 23.62 7.35 -17.99
C ALA A 104 23.28 6.76 -19.35
N LYS A 105 24.28 6.16 -19.99
CA LYS A 105 24.09 5.62 -21.32
C LYS A 105 23.28 4.32 -21.28
N LYS A 106 22.60 4.04 -22.39
CA LYS A 106 21.76 2.84 -22.49
C LYS A 106 22.60 1.58 -22.34
N GLU A 107 23.79 1.55 -22.95
CA GLU A 107 24.62 0.36 -22.89
C GLU A 107 25.07 0.06 -21.46
N VAL A 108 25.51 1.10 -20.74
CA VAL A 108 25.90 0.91 -19.35
C VAL A 108 24.70 0.47 -18.52
N ILE A 109 23.54 1.08 -18.75
CA ILE A 109 22.34 0.72 -18.02
C ILE A 109 22.03 -0.76 -18.21
N ASN A 110 22.02 -1.21 -19.47
CA ASN A 110 21.70 -2.61 -19.77
C ASN A 110 22.73 -3.55 -19.15
N GLN A 111 24.01 -3.22 -19.29
CA GLN A 111 25.06 -4.11 -18.78
C GLN A 111 24.95 -4.26 -17.26
N ARG A 112 24.76 -3.16 -16.55
CA ARG A 112 24.68 -3.26 -15.08
C ARG A 112 23.38 -3.90 -14.62
N VAL A 113 22.26 -3.61 -15.28
CA VAL A 113 21.00 -4.26 -14.92
C VAL A 113 21.09 -5.76 -15.12
N ASN A 114 21.68 -6.20 -16.24
CA ASN A 114 21.87 -7.62 -16.46
C ASN A 114 22.79 -8.23 -15.42
N GLN A 115 23.88 -7.52 -15.08
CA GLN A 115 24.80 -8.02 -14.07
C GLN A 115 24.09 -8.27 -12.74
N VAL A 116 23.27 -7.30 -12.30
CA VAL A 116 22.58 -7.47 -11.03
C VAL A 116 21.53 -8.57 -11.11
N ALA A 117 20.73 -8.57 -12.19
CA ALA A 117 19.67 -9.56 -12.32
C ALA A 117 20.23 -10.98 -12.38
N GLU A 118 21.45 -11.14 -12.90
CA GLU A 118 22.07 -12.46 -12.94
C GLU A 118 22.31 -13.00 -11.54
N VAL A 119 22.82 -12.16 -10.63
CA VAL A 119 23.11 -12.63 -9.29
C VAL A 119 21.88 -12.65 -8.40
N LEU A 120 20.81 -11.95 -8.78
CA LEU A 120 19.58 -12.02 -8.00
C LEU A 120 18.58 -13.03 -8.55
N GLN A 121 18.94 -13.78 -9.59
CA GLN A 121 18.09 -14.84 -10.15
C GLN A 121 16.73 -14.28 -10.61
N LEU A 122 16.81 -13.35 -11.56
CA LEU A 122 15.62 -12.72 -12.12
C LEU A 122 15.70 -12.56 -13.63
N ALA A 123 16.59 -13.31 -14.28
CA ALA A 123 16.82 -13.10 -15.72
C ALA A 123 15.56 -13.38 -16.53
N HIS A 124 14.86 -14.48 -16.22
CA HIS A 124 13.64 -14.79 -16.95
C HIS A 124 12.47 -13.93 -16.52
N LEU A 125 12.55 -13.29 -15.35
CA LEU A 125 11.54 -12.35 -14.90
C LEU A 125 11.85 -10.91 -15.30
N LEU A 126 12.93 -10.69 -16.05
CA LEU A 126 13.40 -9.35 -16.38
C LEU A 126 12.43 -8.55 -17.25
N ASP A 127 11.26 -9.11 -17.57
CA ASP A 127 10.34 -8.48 -18.51
C ASP A 127 8.91 -8.55 -18.00
N ARG A 128 8.71 -8.22 -16.73
CA ARG A 128 7.42 -8.42 -16.09
C ARG A 128 7.06 -7.25 -15.17
N LYS A 129 5.78 -6.95 -15.08
CA LYS A 129 5.30 -5.97 -14.12
C LYS A 129 5.20 -6.60 -12.73
N PRO A 130 5.26 -5.80 -11.67
CA PRO A 130 5.20 -6.37 -10.31
C PRO A 130 3.91 -7.09 -10.00
N LYS A 131 2.82 -6.83 -10.74
CA LYS A 131 1.54 -7.48 -10.46
C LYS A 131 1.61 -8.98 -10.68
N ALA A 132 2.51 -9.44 -11.54
CA ALA A 132 2.63 -10.86 -11.88
C ALA A 132 3.79 -11.53 -11.15
N LEU A 133 4.42 -10.82 -10.21
CA LEU A 133 5.58 -11.32 -9.50
C LEU A 133 5.15 -11.81 -8.12
N SER A 134 5.65 -12.98 -7.74
CA SER A 134 5.43 -13.49 -6.40
C SER A 134 6.11 -12.59 -5.37
N GLY A 135 5.86 -12.86 -4.10
CA GLY A 135 6.41 -12.02 -3.04
C GLY A 135 7.92 -12.04 -2.99
N GLY A 136 8.51 -13.23 -3.09
CA GLY A 136 9.97 -13.32 -3.05
C GLY A 136 10.61 -12.61 -4.24
N GLN A 137 10.03 -12.76 -5.43
CA GLN A 137 10.55 -12.06 -6.59
C GLN A 137 10.41 -10.55 -6.45
N ARG A 138 9.29 -10.09 -5.86
CA ARG A 138 9.14 -8.66 -5.61
C ARG A 138 10.22 -8.15 -4.66
N GLN A 139 10.50 -8.93 -3.61
CA GLN A 139 11.56 -8.55 -2.68
C GLN A 139 12.91 -8.50 -3.38
N ARG A 140 13.18 -9.47 -4.25
CA ARG A 140 14.45 -9.49 -4.96
C ARG A 140 14.57 -8.32 -5.92
N VAL A 141 13.47 -7.91 -6.55
CA VAL A 141 13.51 -6.70 -7.37
C VAL A 141 13.78 -5.48 -6.51
N ALA A 142 13.18 -5.42 -5.33
CA ALA A 142 13.43 -4.30 -4.43
C ALA A 142 14.90 -4.20 -4.06
N ILE A 143 15.53 -5.33 -3.74
CA ILE A 143 16.96 -5.33 -3.44
C ILE A 143 17.76 -4.95 -4.68
N GLY A 144 17.39 -5.50 -5.83
CA GLY A 144 18.16 -5.29 -7.04
C GLY A 144 18.14 -3.85 -7.51
N ARG A 145 17.09 -3.11 -7.20
CA ARG A 145 17.07 -1.69 -7.57
C ARG A 145 18.25 -0.96 -6.92
N THR A 146 18.38 -1.09 -5.60
CA THR A 146 19.49 -0.45 -4.91
C THR A 146 20.83 -1.07 -5.32
N LEU A 147 20.84 -2.38 -5.58
CA LEU A 147 22.09 -3.02 -6.00
C LEU A 147 22.60 -2.43 -7.31
N VAL A 148 21.71 -2.26 -8.29
CA VAL A 148 22.13 -1.69 -9.57
C VAL A 148 22.40 -0.19 -9.42
N ALA A 149 21.78 0.46 -8.44
CA ALA A 149 22.26 1.77 -8.05
C ALA A 149 23.55 1.63 -7.26
N GLU A 150 24.21 2.75 -7.01
CA GLU A 150 25.43 2.78 -6.21
C GLU A 150 25.34 3.93 -5.20
N PRO A 151 24.40 3.87 -4.27
CA PRO A 151 24.29 4.94 -3.28
C PRO A 151 25.40 4.85 -2.26
N SER A 152 25.75 6.00 -1.67
CA SER A 152 26.83 6.04 -0.70
C SER A 152 26.43 5.36 0.60
N VAL A 153 25.14 5.23 0.86
CA VAL A 153 24.63 4.58 2.06
C VAL A 153 23.55 3.60 1.65
N PHE A 154 23.65 2.37 2.14
CA PHE A 154 22.65 1.34 1.86
C PHE A 154 21.76 1.15 3.07
N LEU A 155 20.47 1.46 2.92
CA LEU A 155 19.49 1.28 3.98
C LEU A 155 18.64 0.07 3.60
N LEU A 156 19.09 -1.12 3.97
CA LEU A 156 18.34 -2.34 3.72
C LEU A 156 17.38 -2.58 4.88
N ASP A 157 16.08 -2.52 4.60
CA ASP A 157 15.04 -2.63 5.61
C ASP A 157 14.36 -3.97 5.47
N GLU A 158 14.86 -4.98 6.20
CA GLU A 158 14.36 -6.35 6.16
C GLU A 158 14.37 -6.87 4.73
N PRO A 159 15.55 -7.13 4.15
CA PRO A 159 15.61 -7.47 2.73
C PRO A 159 15.37 -8.93 2.41
N LEU A 160 15.60 -9.86 3.34
CA LEU A 160 15.47 -11.28 3.07
C LEU A 160 14.38 -11.90 3.94
N SER A 161 13.24 -11.22 4.06
CA SER A 161 12.15 -11.71 4.89
C SER A 161 11.35 -12.82 4.23
N ASN A 162 11.22 -12.83 2.90
CA ASN A 162 10.37 -13.78 2.21
C ASN A 162 11.15 -14.67 1.25
N LEU A 163 12.35 -15.10 1.65
CA LEU A 163 13.18 -15.94 0.81
C LEU A 163 13.57 -17.21 1.58
N ASP A 164 13.69 -18.31 0.84
CA ASP A 164 13.93 -19.61 1.44
C ASP A 164 15.32 -19.67 2.06
N ALA A 165 15.67 -20.83 2.64
CA ALA A 165 16.94 -20.95 3.34
C ALA A 165 18.13 -20.81 2.40
N ALA A 166 18.16 -21.60 1.33
CA ALA A 166 19.28 -21.56 0.41
C ALA A 166 19.36 -20.23 -0.33
N LEU A 167 18.22 -19.71 -0.78
CA LEU A 167 18.22 -18.43 -1.47
C LEU A 167 18.65 -17.31 -0.53
N ARG A 168 18.23 -17.36 0.73
CA ARG A 168 18.66 -16.35 1.71
C ARG A 168 20.16 -16.44 1.95
N VAL A 169 20.70 -17.67 2.02
CA VAL A 169 22.15 -17.82 2.16
C VAL A 169 22.87 -17.20 0.97
N GLN A 170 22.37 -17.47 -0.24
CA GLN A 170 23.00 -16.90 -1.43
C GLN A 170 22.93 -15.39 -1.43
N MET A 171 21.79 -14.83 -1.02
CA MET A 171 21.67 -13.38 -0.95
C MET A 171 22.63 -12.79 0.06
N ARG A 172 22.76 -13.42 1.22
CA ARG A 172 23.77 -13.00 2.20
C ARG A 172 25.15 -12.95 1.55
N ILE A 173 25.52 -14.03 0.86
CA ILE A 173 26.85 -14.11 0.28
C ILE A 173 27.06 -13.01 -0.76
N GLU A 174 26.07 -12.81 -1.64
CA GLU A 174 26.20 -11.79 -2.67
C GLU A 174 26.28 -10.39 -2.08
N ILE A 175 25.48 -10.11 -1.05
CA ILE A 175 25.54 -8.79 -0.41
C ILE A 175 26.89 -8.58 0.26
N SER A 176 27.42 -9.61 0.93
CA SER A 176 28.73 -9.49 1.57
C SER A 176 29.82 -9.25 0.54
N ARG A 177 29.77 -9.96 -0.59
CA ARG A 177 30.73 -9.72 -1.66
C ARG A 177 30.60 -8.31 -2.22
N LEU A 178 29.37 -7.83 -2.37
CA LEU A 178 29.15 -6.47 -2.85
C LEU A 178 29.79 -5.46 -1.91
N HIS A 179 29.59 -5.64 -0.60
CA HIS A 179 30.17 -4.71 0.36
C HIS A 179 31.69 -4.77 0.34
N LYS A 180 32.26 -5.97 0.25
CA LYS A 180 33.72 -6.10 0.21
C LYS A 180 34.29 -5.43 -1.04
N ARG A 181 33.61 -5.60 -2.19
CA ARG A 181 34.10 -4.96 -3.41
C ARG A 181 33.98 -3.45 -3.35
N LEU A 182 32.85 -2.93 -2.84
CA LEU A 182 32.60 -1.50 -2.89
C LEU A 182 33.30 -0.75 -1.76
N GLY A 183 32.92 -1.04 -0.52
CA GLY A 183 33.42 -0.30 0.61
C GLY A 183 32.58 0.91 0.94
N ARG A 184 31.26 0.73 0.97
CA ARG A 184 30.32 1.79 1.30
C ARG A 184 29.54 1.42 2.54
N THR A 185 29.04 2.44 3.24
CA THR A 185 28.30 2.23 4.48
C THR A 185 26.95 1.60 4.18
N MET A 186 26.62 0.52 4.89
CA MET A 186 25.35 -0.18 4.74
C MET A 186 24.72 -0.41 6.10
N ILE A 187 23.51 0.09 6.30
CA ILE A 187 22.75 -0.13 7.53
C ILE A 187 21.74 -1.23 7.25
N TYR A 188 21.75 -2.25 8.09
CA TYR A 188 20.98 -3.47 7.85
C TYR A 188 20.01 -3.68 9.02
N VAL A 189 18.76 -3.94 8.69
CA VAL A 189 17.74 -4.27 9.68
C VAL A 189 17.28 -5.68 9.42
N THR A 190 17.30 -6.52 10.44
CA THR A 190 17.01 -7.93 10.26
C THR A 190 16.35 -8.49 11.51
N HIS A 191 15.66 -9.61 11.33
CA HIS A 191 15.20 -10.45 12.43
C HIS A 191 15.84 -11.83 12.37
N ASP A 192 17.04 -11.91 11.79
CA ASP A 192 17.76 -13.16 11.64
C ASP A 192 19.09 -13.03 12.38
N GLN A 193 19.24 -13.79 13.46
CA GLN A 193 20.49 -13.78 14.20
C GLN A 193 21.62 -14.32 13.34
N VAL A 194 21.34 -15.31 12.50
CA VAL A 194 22.37 -15.83 11.60
C VAL A 194 22.90 -14.71 10.72
N GLU A 195 21.98 -13.96 10.10
CA GLU A 195 22.38 -12.83 9.27
C GLU A 195 23.18 -11.80 10.06
N ALA A 196 22.71 -11.45 11.26
CA ALA A 196 23.38 -10.42 12.04
C ALA A 196 24.80 -10.84 12.39
N MET A 197 24.97 -12.01 12.98
CA MET A 197 26.30 -12.46 13.39
C MET A 197 27.20 -12.75 12.20
N THR A 198 26.66 -13.10 11.04
CA THR A 198 27.50 -13.43 9.90
C THR A 198 27.82 -12.23 9.02
N LEU A 199 27.11 -11.11 9.18
CA LEU A 199 27.35 -9.97 8.32
C LEU A 199 27.82 -8.71 9.04
N ALA A 200 27.52 -8.57 10.33
CA ALA A 200 27.71 -7.30 11.02
C ALA A 200 29.15 -7.14 11.50
N ASP A 201 29.73 -5.96 11.22
CA ASP A 201 30.91 -5.52 11.94
C ASP A 201 30.57 -4.96 13.30
N LYS A 202 29.32 -4.55 13.51
CA LYS A 202 28.87 -3.96 14.77
C LYS A 202 27.36 -4.03 14.79
N ILE A 203 26.79 -4.51 15.90
CA ILE A 203 25.36 -4.72 16.03
C ILE A 203 24.80 -3.68 16.99
N VAL A 204 23.64 -3.13 16.65
CA VAL A 204 22.92 -2.19 17.49
C VAL A 204 21.57 -2.81 17.83
N VAL A 205 21.25 -2.83 19.11
CA VAL A 205 19.98 -3.36 19.60
C VAL A 205 19.15 -2.18 20.10
N LEU A 206 17.94 -2.05 19.58
CA LEU A 206 17.02 -1.02 20.01
C LEU A 206 16.01 -1.59 20.99
N ASP A 207 15.43 -0.72 21.81
CA ASP A 207 14.43 -1.14 22.80
C ASP A 207 13.55 0.06 23.12
N ALA A 208 12.34 0.07 22.55
CA ALA A 208 11.38 1.13 22.76
C ALA A 208 12.00 2.51 22.48
N GLY A 209 12.55 2.64 21.28
CA GLY A 209 13.21 3.88 20.90
C GLY A 209 14.40 4.23 21.78
N ARG A 210 15.22 3.25 22.13
CA ARG A 210 16.39 3.50 22.95
C ARG A 210 17.46 2.46 22.61
N VAL A 211 18.71 2.91 22.54
CA VAL A 211 19.83 2.02 22.24
C VAL A 211 20.17 1.27 23.52
N ALA A 212 20.19 -0.07 23.44
CA ALA A 212 20.48 -0.89 24.61
C ALA A 212 21.98 -1.15 24.73
N GLN A 213 22.58 -1.69 23.68
CA GLN A 213 24.01 -1.98 23.68
C GLN A 213 24.52 -2.00 22.24
N VAL A 214 25.76 -1.55 22.07
CA VAL A 214 26.40 -1.46 20.76
C VAL A 214 27.76 -2.14 20.85
N GLY A 215 28.02 -3.07 19.95
CA GLY A 215 29.29 -3.76 19.97
C GLY A 215 29.33 -4.85 18.92
N LYS A 216 30.40 -5.65 19.00
CA LYS A 216 30.61 -6.75 18.07
C LYS A 216 29.52 -7.82 18.26
N PRO A 217 29.26 -8.61 17.23
CA PRO A 217 28.25 -9.68 17.38
C PRO A 217 28.58 -10.67 18.48
N LEU A 218 29.80 -11.21 18.48
CA LEU A 218 30.16 -12.17 19.51
C LEU A 218 30.26 -11.49 20.88
N GLU A 219 30.62 -10.20 20.90
CA GLU A 219 30.62 -9.47 22.16
C GLU A 219 29.23 -9.37 22.73
N LEU A 220 28.24 -9.07 21.89
CA LEU A 220 26.84 -9.06 22.34
C LEU A 220 26.43 -10.44 22.82
N TYR A 221 26.80 -11.48 22.08
CA TYR A 221 26.39 -12.83 22.45
C TYR A 221 26.98 -13.26 23.80
N HIS A 222 28.26 -12.95 24.03
CA HIS A 222 28.94 -13.46 25.22
C HIS A 222 28.74 -12.59 26.44
N TYR A 223 28.76 -11.27 26.30
CA TYR A 223 28.68 -10.35 27.43
C TYR A 223 27.53 -9.37 27.22
N PRO A 224 26.30 -9.81 27.40
CA PRO A 224 25.16 -8.90 27.26
C PRO A 224 25.10 -7.92 28.43
N ALA A 225 24.69 -6.69 28.12
CA ALA A 225 24.69 -5.64 29.13
C ALA A 225 23.53 -5.78 30.11
N ASP A 226 22.35 -6.17 29.62
CA ASP A 226 21.15 -6.14 30.44
C ASP A 226 20.30 -7.37 30.17
N ARG A 227 19.24 -7.51 30.96
CA ARG A 227 18.34 -8.66 30.82
C ARG A 227 17.69 -8.68 29.44
N PHE A 228 17.30 -7.50 28.94
CA PHE A 228 16.60 -7.45 27.66
C PHE A 228 17.49 -7.96 26.53
N VAL A 229 18.70 -7.41 26.41
CA VAL A 229 19.58 -7.85 25.34
C VAL A 229 20.02 -9.29 25.55
N ALA A 230 20.18 -9.71 26.81
CA ALA A 230 20.56 -11.08 27.10
C ALA A 230 19.49 -12.06 26.62
N GLY A 231 18.22 -11.72 26.84
CA GLY A 231 17.14 -12.58 26.37
C GLY A 231 16.81 -12.40 24.91
N PHE A 232 17.31 -11.33 24.28
CA PHE A 232 16.99 -11.08 22.88
C PHE A 232 18.05 -11.61 21.92
N ILE A 233 19.31 -11.63 22.32
CA ILE A 233 20.38 -12.13 21.45
C ILE A 233 20.54 -13.63 21.69
N GLY A 234 20.23 -14.42 20.66
CA GLY A 234 20.27 -15.86 20.79
C GLY A 234 18.88 -16.47 20.85
N SER A 235 18.63 -17.47 20.01
CA SER A 235 17.35 -18.15 20.01
C SER A 235 17.56 -19.65 20.17
N PRO A 236 16.84 -20.30 21.09
CA PRO A 236 15.77 -19.78 21.96
C PRO A 236 16.31 -18.87 23.06
N LYS A 237 15.44 -18.13 23.73
CA LYS A 237 15.90 -17.16 24.73
C LYS A 237 16.55 -17.87 25.90
N MET A 238 17.39 -17.14 26.62
CA MET A 238 18.14 -17.69 27.74
C MET A 238 17.21 -17.95 28.92
N ASN A 239 17.44 -19.07 29.61
CA ASN A 239 16.67 -19.39 30.80
C ASN A 239 17.02 -18.42 31.93
N PHE A 240 16.02 -18.07 32.74
CA PHE A 240 16.23 -17.16 33.86
C PHE A 240 15.68 -17.79 35.13
N LEU A 241 16.54 -17.89 36.14
CA LEU A 241 16.16 -18.45 37.44
C LEU A 241 16.37 -17.37 38.49
N PRO A 242 15.32 -16.91 39.16
CA PRO A 242 15.51 -16.00 40.29
C PRO A 242 16.34 -16.69 41.37
N VAL A 243 17.28 -15.94 41.95
CA VAL A 243 18.24 -16.47 42.91
C VAL A 243 18.39 -15.49 44.06
N LYS A 244 19.03 -15.97 45.13
CA LYS A 244 19.28 -15.18 46.32
C LYS A 244 20.76 -15.21 46.65
N VAL A 245 21.30 -14.07 47.04
CA VAL A 245 22.72 -13.96 47.33
C VAL A 245 22.98 -14.40 48.77
N THR A 246 24.11 -15.06 48.98
CA THR A 246 24.56 -15.43 50.31
C THR A 246 25.88 -14.79 50.70
N ALA A 247 26.91 -14.91 49.86
CA ALA A 247 28.21 -14.33 50.17
C ALA A 247 28.83 -13.79 48.89
N THR A 248 29.46 -12.62 49.00
CA THR A 248 30.13 -11.97 47.88
C THR A 248 31.62 -11.92 48.17
N ALA A 249 32.40 -12.68 47.42
CA ALA A 249 33.85 -12.66 47.55
C ALA A 249 34.40 -11.44 46.83
N ILE A 250 35.73 -11.38 46.66
CA ILE A 250 36.35 -10.23 46.01
C ILE A 250 35.93 -10.14 44.54
N ASP A 251 35.91 -11.27 43.83
CA ASP A 251 35.57 -11.24 42.41
C ASP A 251 34.56 -12.31 42.01
N GLN A 252 33.87 -12.92 42.99
CA GLN A 252 32.89 -13.93 42.66
C GLN A 252 31.78 -13.89 43.69
N VAL A 253 30.54 -14.12 43.24
CA VAL A 253 29.36 -14.01 44.07
C VAL A 253 28.78 -15.40 44.27
N GLN A 254 28.31 -15.66 45.49
CA GLN A 254 27.66 -16.93 45.83
C GLN A 254 26.16 -16.71 45.83
N VAL A 255 25.49 -17.22 44.79
CA VAL A 255 24.05 -17.17 44.72
C VAL A 255 23.48 -18.49 45.22
N GLU A 256 22.33 -18.41 45.87
CA GLU A 256 21.65 -19.59 46.43
C GLU A 256 20.50 -19.97 45.50
N LEU A 257 20.58 -21.16 44.93
CA LEU A 257 19.58 -21.60 43.98
C LEU A 257 18.23 -21.80 44.69
N PRO A 258 17.12 -21.55 44.00
CA PRO A 258 15.80 -21.69 44.62
C PRO A 258 15.32 -23.13 44.79
N MET A 259 16.18 -24.11 44.56
CA MET A 259 15.77 -25.50 44.73
C MET A 259 15.59 -25.83 46.20
N PRO A 260 14.79 -26.87 46.51
CA PRO A 260 14.62 -27.26 47.92
C PRO A 260 15.92 -27.64 48.61
N ASN A 261 16.88 -28.21 47.89
CA ASN A 261 18.16 -28.54 48.51
C ASN A 261 19.05 -27.31 48.68
N ARG A 262 18.69 -26.19 48.06
CA ARG A 262 19.39 -24.91 48.25
C ARG A 262 20.88 -25.04 47.97
N GLN A 263 21.23 -25.66 46.85
CA GLN A 263 22.63 -25.72 46.46
C GLN A 263 23.14 -24.33 46.10
N GLN A 264 24.24 -23.92 46.73
CA GLN A 264 24.85 -22.63 46.49
C GLN A 264 26.11 -22.81 45.66
N VAL A 265 26.24 -22.02 44.60
CA VAL A 265 27.38 -22.09 43.70
C VAL A 265 28.02 -20.71 43.60
N TRP A 266 29.32 -20.70 43.36
CA TRP A 266 30.09 -19.46 43.25
C TRP A 266 30.20 -19.09 41.76
N LEU A 267 29.67 -17.92 41.41
CA LEU A 267 29.70 -17.47 40.03
C LEU A 267 30.85 -16.48 39.84
N PRO A 268 31.76 -16.73 38.90
CA PRO A 268 32.83 -15.75 38.66
C PRO A 268 32.31 -14.51 37.96
N VAL A 269 31.66 -13.62 38.74
CA VAL A 269 31.07 -12.40 38.22
C VAL A 269 31.54 -11.24 39.11
N GLU A 270 31.46 -10.03 38.56
CA GLU A 270 31.90 -8.85 39.28
C GLU A 270 31.14 -8.69 40.58
N SER A 271 31.87 -8.45 41.67
CA SER A 271 31.30 -8.36 43.01
C SER A 271 30.91 -6.93 43.38
N ARG A 272 31.01 -5.99 42.45
CA ARG A 272 30.71 -4.60 42.76
C ARG A 272 29.20 -4.37 42.75
N ASP A 273 28.72 -3.63 43.75
CA ASP A 273 27.31 -3.25 43.89
C ASP A 273 26.40 -4.48 44.01
N VAL A 274 26.64 -5.26 45.06
CA VAL A 274 25.74 -6.36 45.42
C VAL A 274 25.76 -6.52 46.93
N GLN A 275 24.58 -6.69 47.53
CA GLN A 275 24.44 -6.82 48.97
C GLN A 275 23.98 -8.23 49.32
N VAL A 276 24.48 -8.74 50.45
CA VAL A 276 24.08 -10.05 50.92
C VAL A 276 22.57 -10.06 51.17
N GLY A 277 21.87 -10.96 50.50
CA GLY A 277 20.43 -11.06 50.61
C GLY A 277 19.66 -10.42 49.48
N ALA A 278 20.36 -9.87 48.47
CA ALA A 278 19.67 -9.28 47.33
C ALA A 278 19.02 -10.35 46.48
N ASN A 279 18.04 -9.93 45.68
CA ASN A 279 17.26 -10.84 44.84
C ASN A 279 17.66 -10.63 43.38
N MET A 280 18.62 -11.42 42.90
CA MET A 280 19.13 -11.31 41.56
C MET A 280 18.42 -12.30 40.63
N SER A 281 18.82 -12.29 39.36
CA SER A 281 18.22 -13.14 38.34
C SER A 281 19.33 -13.86 37.59
N LEU A 282 19.48 -15.15 37.85
CA LEU A 282 20.50 -15.94 37.16
C LEU A 282 20.06 -16.26 35.74
N GLY A 283 21.04 -16.32 34.84
CA GLY A 283 20.75 -16.65 33.46
C GLY A 283 21.77 -17.58 32.85
N ILE A 284 21.31 -18.64 32.18
CA ILE A 284 22.18 -19.61 31.55
C ILE A 284 21.66 -19.87 30.14
N ARG A 285 22.55 -19.80 29.16
CA ARG A 285 22.16 -20.03 27.77
C ARG A 285 21.77 -21.49 27.57
N PRO A 286 20.73 -21.76 26.77
CA PRO A 286 20.31 -23.16 26.57
C PRO A 286 21.41 -24.05 26.02
N GLU A 287 22.16 -23.59 25.01
CA GLU A 287 23.18 -24.44 24.40
C GLU A 287 24.30 -24.76 25.36
N HIS A 288 24.44 -24.00 26.44
CA HIS A 288 25.52 -24.19 27.40
C HIS A 288 25.15 -25.11 28.56
N LEU A 289 23.90 -25.56 28.63
CA LEU A 289 23.50 -26.47 29.69
C LEU A 289 24.15 -27.84 29.47
N LEU A 290 24.63 -28.43 30.56
CA LEU A 290 25.47 -29.61 30.48
C LEU A 290 24.68 -30.89 30.76
N PRO A 291 25.08 -32.00 30.17
CA PRO A 291 24.48 -33.29 30.56
C PRO A 291 24.77 -33.62 32.01
N SER A 292 23.84 -34.36 32.61
CA SER A 292 23.94 -34.68 34.03
C SER A 292 24.98 -35.75 34.34
N ASP A 293 25.60 -36.35 33.31
CA ASP A 293 26.59 -37.39 33.56
C ASP A 293 27.81 -36.82 34.27
N ILE A 294 28.33 -35.69 33.80
CA ILE A 294 29.48 -35.02 34.39
C ILE A 294 29.08 -33.58 34.69
N ALA A 295 28.93 -33.26 35.97
CA ALA A 295 28.56 -31.92 36.41
C ALA A 295 28.76 -31.85 37.92
N ASP A 296 28.68 -30.62 38.44
CA ASP A 296 28.80 -30.40 39.88
C ASP A 296 27.45 -30.16 40.55
N VAL A 297 26.55 -29.43 39.89
CA VAL A 297 25.19 -29.21 40.38
C VAL A 297 24.22 -29.64 39.29
N ILE A 298 23.14 -30.32 39.70
CA ILE A 298 22.16 -30.88 38.78
C ILE A 298 20.81 -30.21 39.03
N LEU A 299 20.14 -29.80 37.97
CA LEU A 299 18.83 -29.16 38.04
C LEU A 299 17.80 -30.19 37.55
N GLU A 300 17.33 -31.03 38.46
CA GLU A 300 16.43 -32.12 38.10
C GLU A 300 15.01 -31.62 37.89
N GLY A 301 14.35 -32.17 36.88
CA GLY A 301 12.98 -31.80 36.59
C GLY A 301 12.32 -32.84 35.70
N GLU A 302 11.16 -32.47 35.16
CA GLU A 302 10.37 -33.33 34.29
C GLU A 302 10.14 -32.66 32.95
N VAL A 303 10.24 -33.45 31.87
CA VAL A 303 10.06 -32.92 30.53
C VAL A 303 8.61 -32.53 30.31
N GLN A 304 8.40 -31.42 29.61
CA GLN A 304 7.07 -30.98 29.20
C GLN A 304 6.89 -31.01 27.69
N VAL A 305 7.75 -30.32 26.95
CA VAL A 305 7.65 -30.22 25.49
C VAL A 305 9.01 -30.52 24.91
N VAL A 306 9.05 -31.41 23.92
CA VAL A 306 10.27 -31.77 23.22
C VAL A 306 10.07 -31.48 21.74
N GLU A 307 10.92 -30.62 21.18
CA GLU A 307 10.84 -30.21 19.79
C GLU A 307 11.97 -30.86 19.01
N GLN A 308 11.63 -31.67 18.02
CA GLN A 308 12.62 -32.37 17.22
C GLN A 308 12.91 -31.55 15.97
N LEU A 309 14.10 -30.96 15.90
CA LEU A 309 14.50 -30.13 14.78
C LEU A 309 15.41 -30.84 13.80
N GLY A 310 15.67 -32.13 14.00
CA GLY A 310 16.53 -32.88 13.09
C GLY A 310 18.00 -32.80 13.45
N ASN A 311 18.63 -31.65 13.19
CA ASN A 311 20.03 -31.48 13.57
C ASN A 311 20.21 -31.31 15.06
N GLU A 312 19.14 -31.04 15.80
CA GLU A 312 19.21 -30.83 17.24
C GLU A 312 17.86 -31.17 17.84
N THR A 313 17.86 -31.36 19.16
CA THR A 313 16.64 -31.65 19.90
C THR A 313 16.51 -30.65 21.05
N GLN A 314 15.36 -30.00 21.13
CA GLN A 314 15.08 -29.04 22.19
C GLN A 314 14.12 -29.66 23.19
N ILE A 315 14.47 -29.60 24.46
CA ILE A 315 13.70 -30.22 25.53
C ILE A 315 13.32 -29.14 26.54
N HIS A 316 12.02 -29.08 26.88
CA HIS A 316 11.53 -28.17 27.89
C HIS A 316 11.31 -28.93 29.18
N ILE A 317 11.95 -28.49 30.26
CA ILE A 317 11.91 -29.16 31.54
C ILE A 317 11.20 -28.27 32.54
N GLN A 318 10.21 -28.83 33.24
CA GLN A 318 9.46 -28.09 34.25
C GLN A 318 10.09 -28.37 35.60
N ILE A 319 10.86 -27.41 36.10
CA ILE A 319 11.45 -27.53 37.43
C ILE A 319 10.37 -27.26 38.47
N PRO A 320 10.28 -28.03 39.54
CA PRO A 320 9.29 -27.73 40.59
C PRO A 320 9.45 -26.34 41.17
N SER A 321 10.68 -25.83 41.28
CA SER A 321 10.87 -24.54 41.94
C SER A 321 10.62 -23.37 40.99
N ILE A 322 11.42 -23.21 39.94
CA ILE A 322 11.25 -22.09 39.03
C ILE A 322 10.01 -22.31 38.16
N ARG A 323 9.27 -21.22 37.92
CA ARG A 323 8.00 -21.33 37.23
C ARG A 323 8.18 -21.57 35.73
N GLN A 324 9.24 -21.04 35.14
CA GLN A 324 9.45 -21.15 33.71
C GLN A 324 9.92 -22.56 33.36
N ASN A 325 10.16 -22.80 32.08
CA ASN A 325 10.68 -24.07 31.59
C ASN A 325 12.12 -23.89 31.16
N LEU A 326 12.99 -24.76 31.66
CA LEU A 326 14.41 -24.72 31.29
C LEU A 326 14.54 -25.25 29.86
N VAL A 327 14.74 -24.34 28.92
CA VAL A 327 14.90 -24.74 27.53
C VAL A 327 16.31 -25.30 27.34
N TYR A 328 16.38 -26.56 26.90
CA TYR A 328 17.64 -27.28 26.78
C TYR A 328 17.84 -27.66 25.32
N ARG A 329 19.08 -27.56 24.84
CA ARG A 329 19.41 -27.89 23.46
C ARG A 329 20.49 -28.97 23.45
N GLN A 330 20.14 -30.14 22.91
CA GLN A 330 21.04 -31.26 22.81
C GLN A 330 21.31 -31.57 21.35
N ASN A 331 22.55 -31.93 21.04
CA ASN A 331 22.93 -32.18 19.66
C ASN A 331 22.35 -33.50 19.17
N ASP A 332 22.14 -33.59 17.86
CA ASP A 332 21.57 -34.77 17.22
C ASP A 332 20.19 -35.08 17.78
N VAL A 333 19.72 -36.31 17.60
CA VAL A 333 18.36 -36.70 17.95
C VAL A 333 18.39 -37.51 19.23
N VAL A 334 17.63 -37.07 20.22
CA VAL A 334 17.47 -37.77 21.49
C VAL A 334 16.00 -38.13 21.64
N LEU A 335 15.73 -39.37 22.04
CA LEU A 335 14.36 -39.87 22.15
C LEU A 335 13.92 -39.77 23.60
N VAL A 336 13.41 -38.60 24.00
CA VAL A 336 12.85 -38.40 25.33
C VAL A 336 11.38 -38.05 25.17
N GLU A 337 10.51 -38.90 25.72
CA GLU A 337 9.08 -38.66 25.67
C GLU A 337 8.67 -37.67 26.75
N GLU A 338 7.45 -37.14 26.60
CA GLU A 338 6.93 -36.19 27.57
C GLU A 338 6.50 -36.90 28.86
N GLY A 339 6.65 -36.19 29.98
CA GLY A 339 6.30 -36.72 31.27
C GLY A 339 7.41 -37.48 31.97
N ALA A 340 8.46 -37.86 31.25
CA ALA A 340 9.60 -38.54 31.86
C ALA A 340 10.50 -37.53 32.55
N THR A 341 11.15 -37.96 33.63
CA THR A 341 12.06 -37.09 34.34
C THR A 341 13.34 -36.87 33.54
N PHE A 342 13.91 -35.68 33.67
CA PHE A 342 15.16 -35.34 33.00
C PHE A 342 15.99 -34.42 33.90
N ALA A 343 17.29 -34.68 33.95
CA ALA A 343 18.20 -33.92 34.79
C ALA A 343 19.34 -33.36 33.94
N ILE A 344 19.62 -32.07 34.13
CA ILE A 344 20.72 -31.41 33.44
C ILE A 344 21.57 -30.69 34.47
N GLY A 345 22.83 -30.47 34.11
CA GLY A 345 23.79 -29.82 34.97
C GLY A 345 23.95 -28.35 34.64
N LEU A 346 24.21 -27.55 35.67
CA LEU A 346 24.42 -26.11 35.54
C LEU A 346 25.92 -25.83 35.64
N PRO A 347 26.57 -25.40 34.56
CA PRO A 347 27.98 -25.03 34.65
C PRO A 347 28.12 -23.62 35.21
N PRO A 348 28.66 -23.49 36.43
CA PRO A 348 28.68 -22.16 37.07
C PRO A 348 29.48 -21.13 36.30
N GLU A 349 30.53 -21.52 35.59
CA GLU A 349 31.39 -20.57 34.90
C GLU A 349 30.73 -19.92 33.70
N ARG A 350 29.56 -20.41 33.28
CA ARG A 350 28.92 -19.93 32.05
C ARG A 350 27.59 -19.23 32.31
N CYS A 351 27.29 -18.87 33.56
CA CYS A 351 26.02 -18.25 33.90
C CYS A 351 26.18 -16.75 34.10
N HIS A 352 25.23 -16.00 33.57
CA HIS A 352 25.16 -14.56 33.77
C HIS A 352 24.35 -14.24 35.02
N LEU A 353 24.69 -13.12 35.65
CA LEU A 353 23.96 -12.61 36.80
C LEU A 353 23.42 -11.23 36.47
N PHE A 354 22.22 -10.93 36.97
CA PHE A 354 21.55 -9.67 36.70
C PHE A 354 20.99 -9.11 37.99
N ARG A 355 20.87 -7.79 38.04
CA ARG A 355 20.26 -7.14 39.19
C ARG A 355 18.76 -6.94 38.93
N GLU A 356 18.05 -6.48 39.95
CA GLU A 356 16.62 -6.24 39.80
C GLU A 356 16.35 -5.13 38.80
N ASP A 357 17.29 -4.19 38.68
CA ASP A 357 17.12 -3.12 37.69
C ASP A 357 17.23 -3.67 36.27
N GLY A 358 18.16 -4.59 36.04
CA GLY A 358 18.37 -5.14 34.71
C GLY A 358 19.83 -5.17 34.32
N THR A 359 20.61 -4.24 34.87
CA THR A 359 22.04 -4.21 34.59
C THR A 359 22.70 -5.50 35.05
N ALA A 360 23.65 -5.98 34.25
CA ALA A 360 24.31 -7.25 34.50
C ALA A 360 25.73 -7.01 34.98
N CYS A 361 26.10 -7.62 36.09
CA CYS A 361 27.49 -7.59 36.54
C CYS A 361 28.36 -8.28 35.51
N ARG A 362 29.47 -7.63 35.17
CA ARG A 362 30.30 -8.11 34.07
C ARG A 362 30.92 -9.47 34.41
N ARG A 363 31.01 -10.32 33.41
CA ARG A 363 31.57 -11.66 33.59
C ARG A 363 33.09 -11.61 33.62
N LEU A 364 33.67 -12.36 34.56
CA LEU A 364 35.13 -12.43 34.70
C LEU A 364 35.72 -13.59 33.92
N HIS A 365 34.91 -14.30 33.14
CA HIS A 365 35.36 -15.47 32.40
C HIS A 365 35.82 -15.04 31.02
N LYS A 366 37.05 -15.41 30.67
CA LYS A 366 37.61 -15.10 29.35
C LYS A 366 37.01 -16.07 28.34
N GLU A 367 35.89 -15.67 27.74
CA GLU A 367 35.31 -16.45 26.68
C GLU A 367 36.19 -16.40 25.44
N PRO A 368 36.33 -17.50 24.71
CA PRO A 368 37.15 -17.48 23.49
C PRO A 368 36.50 -16.64 22.40
N GLY A 369 37.33 -16.11 21.51
CA GLY A 369 36.85 -15.31 20.41
C GLY A 369 36.81 -13.83 20.70
N VAL A 370 36.03 -13.42 21.69
CA VAL A 370 35.91 -12.01 22.03
C VAL A 370 37.20 -11.52 22.64
N ALA A 371 37.72 -10.40 22.13
CA ALA A 371 38.95 -9.82 22.65
C ALA A 371 38.71 -9.08 23.95
N ALA B 1 -12.22 -29.99 7.76
CA ALA B 1 -12.54 -30.25 6.37
C ALA B 1 -11.39 -30.96 5.66
N SER B 2 -11.68 -32.13 5.11
CA SER B 2 -10.65 -32.94 4.46
C SER B 2 -10.34 -32.32 3.11
N VAL B 3 -9.50 -31.28 3.13
CA VAL B 3 -9.07 -30.63 1.90
C VAL B 3 -8.35 -31.65 1.03
N GLN B 4 -8.83 -31.81 -0.20
CA GLN B 4 -8.24 -32.77 -1.12
C GLN B 4 -8.07 -32.11 -2.49
N LEU B 5 -6.95 -32.41 -3.14
CA LEU B 5 -6.66 -31.91 -4.47
C LEU B 5 -6.33 -33.08 -5.39
N GLN B 6 -6.77 -32.99 -6.64
CA GLN B 6 -6.58 -34.06 -7.60
C GLN B 6 -6.31 -33.44 -8.97
N ASN B 7 -5.09 -33.64 -9.48
CA ASN B 7 -4.72 -33.20 -10.83
C ASN B 7 -4.93 -31.70 -11.01
N VAL B 8 -4.76 -30.94 -9.92
CA VAL B 8 -4.97 -29.50 -9.96
C VAL B 8 -3.86 -28.86 -10.76
N THR B 9 -4.19 -28.34 -11.93
CA THR B 9 -3.23 -27.71 -12.83
C THR B 9 -3.63 -26.26 -13.08
N LYS B 10 -2.68 -25.36 -12.87
CA LYS B 10 -2.87 -23.93 -13.10
C LYS B 10 -2.01 -23.52 -14.29
N ALA B 11 -2.44 -22.50 -15.02
CA ALA B 11 -1.69 -22.02 -16.18
C ALA B 11 -2.01 -20.55 -16.41
N TRP B 12 -0.97 -19.71 -16.39
CA TRP B 12 -1.11 -18.28 -16.66
C TRP B 12 -0.82 -18.01 -18.14
N GLY B 13 -1.67 -18.57 -18.99
CA GLY B 13 -1.44 -18.50 -20.42
C GLY B 13 -0.70 -19.72 -20.92
N GLU B 14 0.62 -19.63 -21.07
CA GLU B 14 1.43 -20.77 -21.46
C GLU B 14 2.27 -21.32 -20.31
N VAL B 15 2.75 -20.46 -19.41
CA VAL B 15 3.52 -20.93 -18.27
C VAL B 15 2.61 -21.75 -17.35
N VAL B 16 3.18 -22.76 -16.71
CA VAL B 16 2.45 -23.66 -15.83
C VAL B 16 3.10 -23.58 -14.45
N VAL B 17 2.33 -23.11 -13.46
CA VAL B 17 2.84 -22.94 -12.11
C VAL B 17 2.31 -23.99 -11.16
N SER B 18 1.59 -24.98 -11.66
CA SER B 18 1.08 -26.07 -10.83
C SER B 18 0.77 -27.23 -11.75
N LYS B 19 1.48 -28.34 -11.59
CA LYS B 19 1.43 -29.45 -12.53
C LYS B 19 1.13 -30.74 -11.79
N ASP B 20 -0.13 -31.19 -11.88
CA ASP B 20 -0.54 -32.50 -11.37
C ASP B 20 -0.22 -32.65 -9.88
N ILE B 21 -0.79 -31.77 -9.08
CA ILE B 21 -0.68 -31.85 -7.63
C ILE B 21 -1.76 -32.79 -7.12
N ASN B 22 -1.35 -33.87 -6.45
CA ASN B 22 -2.26 -34.84 -5.87
C ASN B 22 -2.02 -34.85 -4.36
N LEU B 23 -2.70 -33.95 -3.65
CA LEU B 23 -2.58 -33.83 -2.21
C LEU B 23 -3.78 -34.48 -1.52
N ASP B 24 -3.60 -34.78 -0.23
CA ASP B 24 -4.67 -35.38 0.56
C ASP B 24 -4.43 -34.99 2.02
N ILE B 25 -5.20 -34.02 2.50
CA ILE B 25 -5.12 -33.55 3.87
C ILE B 25 -6.34 -34.05 4.62
N HIS B 26 -6.11 -34.85 5.67
CA HIS B 26 -7.22 -35.37 6.45
C HIS B 26 -7.80 -34.28 7.34
N GLU B 27 -8.98 -34.57 7.89
CA GLU B 27 -9.66 -33.61 8.75
C GLU B 27 -8.85 -33.33 10.00
N GLY B 28 -8.70 -32.05 10.33
CA GLY B 28 -7.96 -31.65 11.51
C GLY B 28 -6.49 -32.03 11.45
N GLU B 29 -5.87 -31.80 10.30
CA GLU B 29 -4.46 -32.12 10.10
C GLU B 29 -3.68 -30.83 9.85
N PHE B 30 -2.50 -30.74 10.45
CA PHE B 30 -1.58 -29.63 10.22
C PHE B 30 -0.67 -30.00 9.06
N VAL B 31 -0.66 -29.17 8.03
CA VAL B 31 0.16 -29.39 6.84
C VAL B 31 0.89 -28.09 6.54
N VAL B 32 2.21 -28.19 6.33
CA VAL B 32 3.03 -27.02 6.03
C VAL B 32 3.61 -27.16 4.63
N PHE B 33 3.50 -26.09 3.85
CA PHE B 33 4.06 -26.02 2.51
C PHE B 33 5.35 -25.24 2.55
N VAL B 34 6.45 -25.88 2.14
CA VAL B 34 7.73 -25.21 2.02
C VAL B 34 8.26 -25.43 0.61
N GLY B 35 8.87 -24.40 0.05
CA GLY B 35 9.39 -24.46 -1.30
C GLY B 35 10.26 -23.26 -1.63
N PRO B 36 11.06 -23.37 -2.69
CA PRO B 36 11.88 -22.22 -3.11
C PRO B 36 11.00 -21.07 -3.56
N SER B 37 11.53 -19.86 -3.40
CA SER B 37 10.77 -18.66 -3.73
C SER B 37 10.24 -18.70 -5.16
N GLY B 38 8.91 -18.70 -5.30
CA GLY B 38 8.27 -18.77 -6.60
C GLY B 38 7.89 -20.16 -7.07
N CYS B 39 7.78 -21.14 -6.18
CA CYS B 39 7.43 -22.49 -6.60
C CYS B 39 5.95 -22.63 -6.92
N GLY B 40 5.09 -21.86 -6.24
CA GLY B 40 3.67 -21.98 -6.45
C GLY B 40 2.86 -22.08 -5.18
N LYS B 41 3.47 -21.77 -4.04
CA LYS B 41 2.80 -21.93 -2.76
C LYS B 41 1.61 -20.98 -2.62
N SER B 42 1.82 -19.69 -2.88
CA SER B 42 0.73 -18.74 -2.76
C SER B 42 -0.37 -19.01 -3.79
N THR B 43 0.03 -19.41 -5.00
CA THR B 43 -0.97 -19.77 -6.01
C THR B 43 -1.79 -20.96 -5.57
N LEU B 44 -1.16 -21.97 -4.97
CA LEU B 44 -1.89 -23.13 -4.50
C LEU B 44 -2.83 -22.77 -3.35
N LEU B 45 -2.37 -21.91 -2.44
CA LEU B 45 -3.25 -21.45 -1.37
C LEU B 45 -4.45 -20.70 -1.91
N ARG B 46 -4.23 -19.83 -2.89
CA ARG B 46 -5.34 -19.07 -3.47
C ARG B 46 -6.30 -20.00 -4.19
N MET B 47 -5.77 -20.98 -4.93
CA MET B 47 -6.63 -21.94 -5.62
C MET B 47 -7.46 -22.74 -4.63
N ILE B 48 -6.88 -23.10 -3.49
CA ILE B 48 -7.65 -23.78 -2.45
C ILE B 48 -8.73 -22.85 -1.92
N ALA B 49 -8.38 -21.59 -1.67
CA ALA B 49 -9.35 -20.63 -1.17
C ALA B 49 -10.34 -20.23 -2.26
N GLY B 50 -9.88 -20.13 -3.50
CA GLY B 50 -10.73 -19.71 -4.60
C GLY B 50 -10.43 -18.32 -5.13
N LEU B 51 -9.36 -17.67 -4.69
CA LEU B 51 -9.03 -16.34 -5.21
C LEU B 51 -8.55 -16.40 -6.65
N GLU B 52 -8.22 -17.59 -7.16
CA GLU B 52 -7.81 -17.76 -8.54
CA GLU B 52 -7.81 -17.76 -8.54
C GLU B 52 -8.39 -19.05 -9.08
N THR B 53 -8.69 -19.06 -10.37
CA THR B 53 -9.38 -20.18 -10.99
C THR B 53 -8.51 -21.42 -11.10
N ILE B 54 -9.15 -22.58 -11.10
CA ILE B 54 -8.47 -23.85 -11.33
C ILE B 54 -8.70 -24.24 -12.79
N THR B 55 -7.60 -24.36 -13.55
CA THR B 55 -7.73 -24.62 -14.98
C THR B 55 -8.18 -26.05 -15.25
N SER B 56 -7.58 -27.02 -14.56
CA SER B 56 -7.96 -28.41 -14.75
C SER B 56 -7.69 -29.19 -13.47
N GLY B 57 -8.56 -30.13 -13.18
CA GLY B 57 -8.48 -30.93 -11.97
C GLY B 57 -9.66 -30.67 -11.06
N ASP B 58 -9.70 -31.43 -9.97
CA ASP B 58 -10.80 -31.36 -9.02
C ASP B 58 -10.28 -31.02 -7.64
N LEU B 59 -10.88 -30.00 -7.03
CA LEU B 59 -10.56 -29.60 -5.66
C LEU B 59 -11.70 -30.04 -4.75
N PHE B 60 -11.37 -30.83 -3.75
CA PHE B 60 -12.36 -31.34 -2.81
C PHE B 60 -12.14 -30.73 -1.44
N ILE B 61 -13.20 -30.19 -0.86
CA ILE B 61 -13.20 -29.69 0.52
C ILE B 61 -14.41 -30.28 1.20
N GLY B 62 -14.17 -31.09 2.24
CA GLY B 62 -15.27 -31.74 2.94
C GLY B 62 -16.11 -32.64 2.06
N GLU B 63 -15.47 -33.35 1.13
CA GLU B 63 -16.15 -34.25 0.19
C GLU B 63 -17.19 -33.54 -0.66
N LYS B 64 -17.00 -32.24 -0.89
CA LYS B 64 -17.87 -31.49 -1.80
C LYS B 64 -16.99 -30.77 -2.80
N ARG B 65 -17.35 -30.88 -4.08
CA ARG B 65 -16.60 -30.21 -5.13
C ARG B 65 -16.66 -28.70 -4.93
N MET B 66 -15.49 -28.06 -4.95
CA MET B 66 -15.40 -26.63 -4.71
C MET B 66 -14.64 -25.92 -5.83
N ASN B 67 -14.66 -26.52 -7.02
CA ASN B 67 -14.04 -25.88 -8.18
C ASN B 67 -14.75 -24.58 -8.54
N ASP B 68 -16.07 -24.57 -8.46
CA ASP B 68 -16.87 -23.42 -8.86
C ASP B 68 -17.63 -22.78 -7.70
N THR B 69 -17.46 -23.27 -6.49
CA THR B 69 -18.05 -22.60 -5.33
C THR B 69 -17.34 -21.27 -5.11
N PRO B 70 -18.06 -20.20 -4.81
CA PRO B 70 -17.40 -18.89 -4.67
C PRO B 70 -16.54 -18.86 -3.42
N PRO B 71 -15.53 -17.98 -3.40
CA PRO B 71 -14.61 -17.94 -2.24
C PRO B 71 -15.30 -17.63 -0.93
N ALA B 72 -16.37 -16.83 -0.95
CA ALA B 72 -17.06 -16.49 0.30
C ALA B 72 -17.73 -17.72 0.91
N GLU B 73 -18.36 -18.55 0.09
CA GLU B 73 -19.03 -19.75 0.56
C GLU B 73 -18.10 -20.97 0.62
N ARG B 74 -16.83 -20.81 0.24
CA ARG B 74 -15.88 -21.90 0.43
C ARG B 74 -15.75 -22.30 1.90
N GLY B 75 -15.93 -21.34 2.80
CA GLY B 75 -15.76 -21.58 4.22
C GLY B 75 -14.33 -21.64 4.69
N VAL B 76 -13.42 -20.91 4.05
CA VAL B 76 -12.01 -20.91 4.42
C VAL B 76 -11.58 -19.49 4.76
N GLY B 77 -10.47 -19.38 5.50
CA GLY B 77 -9.90 -18.10 5.84
C GLY B 77 -8.41 -18.05 5.55
N MET B 78 -7.93 -16.94 4.99
CA MET B 78 -6.56 -16.86 4.50
C MET B 78 -5.87 -15.64 5.09
N VAL B 79 -4.59 -15.80 5.41
CA VAL B 79 -3.73 -14.70 5.86
C VAL B 79 -2.90 -14.25 4.66
N PHE B 80 -3.20 -13.06 4.15
CA PHE B 80 -2.56 -12.60 2.93
C PHE B 80 -1.10 -12.25 3.18
N GLN B 81 -0.29 -12.40 2.12
CA GLN B 81 1.11 -12.02 2.21
C GLN B 81 1.28 -10.51 2.29
N SER B 82 0.37 -9.76 1.67
CA SER B 82 0.30 -8.32 1.82
C SER B 82 -0.65 -7.90 2.94
N TYR B 83 -1.12 -8.88 3.72
CA TYR B 83 -1.88 -8.69 4.95
C TYR B 83 -3.32 -8.24 4.71
N ALA B 84 -3.62 -7.87 3.46
CA ALA B 84 -4.97 -7.48 3.03
C ALA B 84 -5.70 -6.65 4.09
N LEU B 85 -5.05 -5.59 4.54
CA LEU B 85 -5.55 -4.78 5.63
C LEU B 85 -6.41 -3.64 5.10
N TYR B 86 -7.51 -3.38 5.80
CA TYR B 86 -8.39 -2.27 5.42
C TYR B 86 -7.79 -0.96 5.92
N PRO B 87 -7.46 -0.03 5.04
CA PRO B 87 -6.84 1.23 5.51
C PRO B 87 -7.78 2.14 6.26
N HIS B 88 -9.09 2.02 6.05
CA HIS B 88 -10.07 2.95 6.60
C HIS B 88 -10.69 2.44 7.89
N LEU B 89 -10.08 1.45 8.54
CA LEU B 89 -10.59 0.89 9.78
C LEU B 89 -9.46 0.79 10.78
N SER B 90 -9.79 0.95 12.05
CA SER B 90 -8.80 0.79 13.11
C SER B 90 -8.43 -0.69 13.24
N VAL B 91 -7.53 -0.97 14.18
CA VAL B 91 -7.12 -2.36 14.41
C VAL B 91 -8.30 -3.19 14.91
N ALA B 92 -9.08 -2.61 15.84
CA ALA B 92 -10.23 -3.34 16.38
C ALA B 92 -11.26 -3.64 15.29
N GLU B 93 -11.56 -2.65 14.45
CA GLU B 93 -12.49 -2.88 13.37
C GLU B 93 -11.95 -3.90 12.37
N ASN B 94 -10.66 -3.81 12.06
CA ASN B 94 -10.06 -4.78 11.14
C ASN B 94 -10.18 -6.20 11.67
N MET B 95 -9.90 -6.40 12.96
CA MET B 95 -9.94 -7.75 13.50
C MET B 95 -11.36 -8.24 13.75
N SER B 96 -12.32 -7.33 13.98
CA SER B 96 -13.69 -7.73 14.24
C SER B 96 -14.58 -7.68 13.00
N PHE B 97 -14.02 -7.34 11.84
CA PHE B 97 -14.80 -7.25 10.61
C PHE B 97 -15.55 -8.54 10.33
N GLY B 98 -14.86 -9.68 10.43
CA GLY B 98 -15.49 -10.95 10.07
C GLY B 98 -16.65 -11.32 10.97
N LEU B 99 -16.46 -11.21 12.29
CA LEU B 99 -17.54 -11.56 13.20
C LEU B 99 -18.68 -10.56 13.12
N LYS B 100 -18.37 -9.28 12.85
CA LYS B 100 -19.44 -8.32 12.67
C LYS B 100 -20.27 -8.65 11.44
N LEU B 101 -19.61 -9.05 10.34
CA LEU B 101 -20.34 -9.39 9.12
C LEU B 101 -21.17 -10.65 9.30
N ALA B 102 -20.60 -11.67 9.95
CA ALA B 102 -21.27 -12.96 10.09
C ALA B 102 -22.14 -12.95 11.34
N GLY B 103 -23.15 -12.08 11.33
CA GLY B 103 -24.10 -12.04 12.42
C GLY B 103 -23.55 -11.52 13.74
N ALA B 104 -23.27 -10.23 13.81
CA ALA B 104 -22.63 -9.64 14.98
C ALA B 104 -23.49 -9.82 16.24
N LYS B 105 -22.83 -9.75 17.39
CA LYS B 105 -23.50 -9.93 18.67
C LYS B 105 -23.22 -8.82 19.68
N LYS B 106 -22.21 -7.97 19.44
CA LYS B 106 -21.92 -6.78 20.24
C LYS B 106 -21.31 -7.11 21.60
N GLU B 107 -21.28 -8.38 21.98
CA GLU B 107 -20.52 -8.70 23.18
C GLU B 107 -19.55 -9.85 23.00
N VAL B 108 -19.95 -10.92 22.31
CA VAL B 108 -19.04 -12.04 22.09
C VAL B 108 -17.93 -11.62 21.13
N ILE B 109 -18.27 -10.78 20.14
CA ILE B 109 -17.26 -10.25 19.22
C ILE B 109 -16.24 -9.42 19.99
N ASN B 110 -16.71 -8.57 20.90
CA ASN B 110 -15.81 -7.75 21.70
C ASN B 110 -14.91 -8.61 22.57
N GLN B 111 -15.48 -9.62 23.23
CA GLN B 111 -14.69 -10.50 24.09
C GLN B 111 -13.64 -11.24 23.27
N ARG B 112 -14.02 -11.78 22.11
CA ARG B 112 -13.07 -12.49 21.27
C ARG B 112 -11.96 -11.57 20.79
N VAL B 113 -12.31 -10.35 20.39
CA VAL B 113 -11.31 -9.42 19.87
C VAL B 113 -10.34 -9.03 20.98
N ASN B 114 -10.85 -8.74 22.17
CA ASN B 114 -9.97 -8.39 23.28
C ASN B 114 -9.07 -9.55 23.66
N GLN B 115 -9.60 -10.77 23.69
CA GLN B 115 -8.76 -11.91 24.03
C GLN B 115 -7.67 -12.14 22.99
N VAL B 116 -8.01 -12.03 21.71
CA VAL B 116 -7.02 -12.25 20.66
C VAL B 116 -5.96 -11.14 20.68
N ALA B 117 -6.38 -9.90 20.87
CA ALA B 117 -5.41 -8.81 20.98
C ALA B 117 -4.50 -9.01 22.19
N GLU B 118 -5.05 -9.47 23.31
CA GLU B 118 -4.24 -9.72 24.49
C GLU B 118 -3.21 -10.82 24.22
N VAL B 119 -3.62 -11.89 23.54
CA VAL B 119 -2.69 -12.99 23.29
C VAL B 119 -1.76 -12.72 22.12
N LEU B 120 -1.98 -11.66 21.37
CA LEU B 120 -1.05 -11.21 20.34
C LEU B 120 -0.20 -10.04 20.79
N GLN B 121 -0.31 -9.62 22.05
CA GLN B 121 0.40 -8.47 22.59
C GLN B 121 0.12 -7.22 21.75
N LEU B 122 -1.15 -7.04 21.40
CA LEU B 122 -1.60 -5.95 20.56
C LEU B 122 -2.61 -5.07 21.29
N ALA B 123 -2.51 -5.03 22.63
CA ALA B 123 -3.51 -4.32 23.41
C ALA B 123 -3.46 -2.82 23.18
N HIS B 124 -2.26 -2.23 23.28
CA HIS B 124 -2.14 -0.78 23.24
C HIS B 124 -2.37 -0.19 21.85
N LEU B 125 -2.43 -1.02 20.82
CA LEU B 125 -2.61 -0.55 19.45
C LEU B 125 -3.97 -0.96 18.90
N LEU B 126 -5.00 -0.94 19.75
CA LEU B 126 -6.29 -1.45 19.35
C LEU B 126 -7.10 -0.46 18.52
N ASP B 127 -6.70 0.81 18.47
CA ASP B 127 -7.47 1.82 17.76
C ASP B 127 -6.56 2.69 16.90
N ARG B 128 -5.66 2.06 16.16
CA ARG B 128 -4.76 2.78 15.26
C ARG B 128 -4.95 2.27 13.84
N LYS B 129 -5.02 3.20 12.90
CA LYS B 129 -5.15 2.84 11.50
C LYS B 129 -3.87 2.13 11.02
N PRO B 130 -3.99 1.22 10.06
CA PRO B 130 -2.81 0.45 9.63
C PRO B 130 -1.68 1.31 9.12
N LYS B 131 -1.93 2.57 8.76
CA LYS B 131 -0.85 3.47 8.43
C LYS B 131 0.05 3.71 9.64
N ALA B 132 -0.55 3.85 10.83
CA ALA B 132 0.20 4.09 12.05
C ALA B 132 0.56 2.76 12.73
N LEU B 133 1.36 1.97 12.02
CA LEU B 133 1.76 0.66 12.49
C LEU B 133 3.09 0.27 11.87
N SER B 134 3.69 -0.77 12.41
CA SER B 134 4.88 -1.38 11.84
C SER B 134 4.52 -2.63 11.05
N GLY B 135 5.51 -3.18 10.35
CA GLY B 135 5.27 -4.36 9.54
C GLY B 135 4.88 -5.56 10.38
N GLY B 136 5.58 -5.76 11.50
CA GLY B 136 5.24 -6.85 12.39
C GLY B 136 3.84 -6.70 12.97
N GLN B 137 3.47 -5.48 13.33
CA GLN B 137 2.13 -5.25 13.87
C GLN B 137 1.06 -5.48 12.81
N ARG B 138 1.35 -5.11 11.56
CA ARG B 138 0.39 -5.36 10.49
C ARG B 138 0.21 -6.87 10.27
N GLN B 139 1.31 -7.60 10.24
CA GLN B 139 1.21 -9.05 10.06
C GLN B 139 0.45 -9.69 11.23
N ARG B 140 0.71 -9.22 12.45
CA ARG B 140 -0.01 -9.74 13.60
C ARG B 140 -1.48 -9.35 13.56
N VAL B 141 -1.81 -8.18 13.03
CA VAL B 141 -3.22 -7.80 12.88
C VAL B 141 -3.91 -8.74 11.91
N ALA B 142 -3.23 -9.09 10.81
CA ALA B 142 -3.82 -10.05 9.88
C ALA B 142 -4.01 -11.41 10.54
N ILE B 143 -3.01 -11.87 11.29
CA ILE B 143 -3.15 -13.12 12.02
C ILE B 143 -4.34 -13.06 12.97
N GLY B 144 -4.47 -11.95 13.70
CA GLY B 144 -5.56 -11.82 14.65
C GLY B 144 -6.92 -11.77 13.98
N ARG B 145 -7.00 -11.15 12.80
CA ARG B 145 -8.24 -11.15 12.04
C ARG B 145 -8.64 -12.57 11.69
N THR B 146 -7.68 -13.35 11.18
CA THR B 146 -7.98 -14.74 10.83
C THR B 146 -8.36 -15.55 12.07
N LEU B 147 -7.67 -15.34 13.19
CA LEU B 147 -7.95 -16.11 14.41
C LEU B 147 -9.29 -15.72 15.01
N VAL B 148 -9.65 -14.43 14.97
CA VAL B 148 -10.95 -14.00 15.45
C VAL B 148 -12.05 -14.62 14.60
N ALA B 149 -11.87 -14.63 13.29
CA ALA B 149 -12.74 -15.48 12.48
C ALA B 149 -12.51 -16.93 12.85
N GLU B 150 -13.52 -17.76 12.65
CA GLU B 150 -13.46 -19.18 12.99
C GLU B 150 -13.65 -20.02 11.73
N PRO B 151 -12.71 -19.94 10.80
CA PRO B 151 -12.88 -20.65 9.53
C PRO B 151 -12.70 -22.15 9.72
N SER B 152 -13.32 -22.91 8.81
CA SER B 152 -13.08 -24.34 8.80
C SER B 152 -11.64 -24.67 8.48
N VAL B 153 -11.02 -23.94 7.56
CA VAL B 153 -9.64 -24.16 7.14
C VAL B 153 -8.86 -22.87 7.38
N PHE B 154 -7.72 -22.97 8.04
CA PHE B 154 -6.83 -21.84 8.25
C PHE B 154 -5.75 -21.86 7.17
N LEU B 155 -5.83 -20.92 6.24
CA LEU B 155 -4.86 -20.82 5.16
C LEU B 155 -3.83 -19.74 5.48
N LEU B 156 -3.00 -20.04 6.47
CA LEU B 156 -1.91 -19.13 6.84
C LEU B 156 -0.84 -19.11 5.75
N ASP B 157 -0.36 -17.91 5.42
CA ASP B 157 0.61 -17.73 4.35
C ASP B 157 1.72 -16.82 4.86
N GLU B 158 2.78 -17.42 5.40
CA GLU B 158 3.95 -16.70 5.88
C GLU B 158 3.58 -15.61 6.89
N PRO B 159 2.96 -15.98 8.01
CA PRO B 159 2.51 -14.97 8.97
C PRO B 159 3.56 -14.53 9.98
N LEU B 160 4.78 -15.03 9.90
CA LEU B 160 5.82 -14.72 10.87
C LEU B 160 7.08 -14.16 10.21
N SER B 161 6.91 -13.48 9.07
CA SER B 161 8.06 -13.06 8.27
C SER B 161 8.75 -11.84 8.87
N ASN B 162 8.00 -10.96 9.52
CA ASN B 162 8.52 -9.67 10.01
C ASN B 162 8.53 -9.61 11.53
N LEU B 163 8.95 -10.69 12.18
CA LEU B 163 8.91 -10.78 13.62
C LEU B 163 10.26 -11.26 14.15
N ASP B 164 10.63 -10.75 15.33
CA ASP B 164 11.86 -11.18 15.99
C ASP B 164 11.71 -12.62 16.49
N ALA B 165 12.81 -13.19 17.00
CA ALA B 165 12.82 -14.61 17.32
C ALA B 165 11.89 -14.94 18.48
N ALA B 166 11.92 -14.13 19.55
CA ALA B 166 11.05 -14.40 20.69
C ALA B 166 9.59 -14.27 20.32
N LEU B 167 9.25 -13.26 19.53
CA LEU B 167 7.88 -13.10 19.07
C LEU B 167 7.46 -14.26 18.18
N ARG B 168 8.37 -14.74 17.33
CA ARG B 168 8.06 -15.91 16.50
C ARG B 168 7.78 -17.13 17.36
N VAL B 169 8.58 -17.33 18.41
CA VAL B 169 8.39 -18.48 19.29
C VAL B 169 7.04 -18.39 19.99
N GLN B 170 6.71 -17.20 20.51
CA GLN B 170 5.42 -17.04 21.20
C GLN B 170 4.26 -17.23 20.23
N MET B 171 4.38 -16.71 19.01
CA MET B 171 3.32 -16.90 18.02
C MET B 171 3.15 -18.36 17.66
N ARG B 172 4.26 -19.10 17.52
CA ARG B 172 4.17 -20.53 17.23
C ARG B 172 3.47 -21.26 18.37
N ILE B 173 3.82 -20.91 19.62
CA ILE B 173 3.16 -21.55 20.75
C ILE B 173 1.67 -21.26 20.74
N GLU B 174 1.29 -20.01 20.46
CA GLU B 174 -0.13 -19.66 20.44
C GLU B 174 -0.87 -20.39 19.33
N ILE B 175 -0.25 -20.49 18.15
CA ILE B 175 -0.90 -21.20 17.04
C ILE B 175 -1.05 -22.68 17.35
N SER B 176 -0.04 -23.28 17.99
CA SER B 176 -0.15 -24.67 18.41
C SER B 176 -1.28 -24.85 19.42
N ARG B 177 -1.41 -23.92 20.36
CA ARG B 177 -2.51 -24.00 21.33
C ARG B 177 -3.85 -23.89 20.65
N LEU B 178 -3.98 -22.96 19.69
CA LEU B 178 -5.24 -22.79 18.97
C LEU B 178 -5.58 -24.03 18.16
N HIS B 179 -4.57 -24.64 17.53
CA HIS B 179 -4.82 -25.87 16.77
C HIS B 179 -5.25 -26.99 17.69
N LYS B 180 -4.56 -27.17 18.82
CA LYS B 180 -4.91 -28.24 19.74
C LYS B 180 -6.25 -27.98 20.41
N ARG B 181 -6.74 -26.74 20.39
CA ARG B 181 -8.06 -26.46 20.93
C ARG B 181 -9.15 -26.73 19.89
N LEU B 182 -9.02 -26.12 18.71
CA LEU B 182 -10.08 -26.21 17.70
C LEU B 182 -10.12 -27.57 17.02
N GLY B 183 -8.97 -28.12 16.67
CA GLY B 183 -8.95 -29.32 15.83
C GLY B 183 -9.43 -29.06 14.43
N ARG B 184 -9.07 -27.91 13.86
CA ARG B 184 -9.46 -27.53 12.51
C ARG B 184 -8.27 -27.73 11.57
N THR B 185 -8.54 -28.16 10.34
CA THR B 185 -7.48 -28.40 9.38
C THR B 185 -6.84 -27.07 8.97
N MET B 186 -5.51 -27.02 9.01
CA MET B 186 -4.78 -25.80 8.73
C MET B 186 -3.65 -26.08 7.76
N ILE B 187 -3.44 -25.15 6.84
CA ILE B 187 -2.36 -25.23 5.86
C ILE B 187 -1.47 -24.00 6.06
N TYR B 188 -0.16 -24.23 6.16
CA TYR B 188 0.78 -23.21 6.61
C TYR B 188 1.93 -23.13 5.62
N VAL B 189 2.20 -21.94 5.11
CA VAL B 189 3.30 -21.74 4.17
C VAL B 189 4.38 -20.91 4.83
N THR B 190 5.61 -21.43 4.88
CA THR B 190 6.67 -20.78 5.62
C THR B 190 8.01 -21.06 4.98
N HIS B 191 8.99 -20.22 5.32
CA HIS B 191 10.37 -20.41 4.90
C HIS B 191 11.31 -20.64 6.08
N ASP B 192 10.78 -21.03 7.22
CA ASP B 192 11.56 -21.25 8.43
C ASP B 192 11.61 -22.74 8.72
N GLN B 193 12.83 -23.30 8.74
CA GLN B 193 12.97 -24.72 9.00
C GLN B 193 12.51 -25.07 10.40
N VAL B 194 12.76 -24.20 11.39
CA VAL B 194 12.30 -24.46 12.74
C VAL B 194 10.78 -24.55 12.78
N GLU B 195 10.11 -23.58 12.14
CA GLU B 195 8.65 -23.60 12.11
C GLU B 195 8.12 -24.85 11.41
N ALA B 196 8.74 -25.22 10.28
CA ALA B 196 8.27 -26.38 9.54
C ALA B 196 8.46 -27.67 10.34
N MET B 197 9.65 -27.85 10.93
CA MET B 197 9.93 -29.08 11.68
C MET B 197 9.13 -29.14 12.97
N THR B 198 8.68 -28.01 13.49
CA THR B 198 7.92 -28.01 14.75
C THR B 198 6.42 -28.19 14.50
N LEU B 199 5.83 -27.34 13.67
CA LEU B 199 4.37 -27.34 13.48
C LEU B 199 4.06 -28.15 12.22
N ALA B 200 4.03 -29.46 12.37
CA ALA B 200 3.72 -30.30 11.22
C ALA B 200 3.29 -31.71 11.62
N ASP B 201 2.26 -32.21 10.96
CA ASP B 201 2.00 -33.64 10.89
C ASP B 201 2.31 -34.20 9.51
N LYS B 202 2.52 -33.33 8.53
CA LYS B 202 2.79 -33.74 7.16
C LYS B 202 3.26 -32.51 6.40
N ILE B 203 4.39 -32.62 5.71
CA ILE B 203 4.95 -31.50 4.95
C ILE B 203 4.92 -31.84 3.48
N VAL B 204 4.61 -30.83 2.66
CA VAL B 204 4.63 -30.93 1.21
C VAL B 204 5.70 -29.97 0.70
N VAL B 205 6.60 -30.46 -0.15
CA VAL B 205 7.72 -29.68 -0.65
C VAL B 205 7.51 -29.46 -2.14
N LEU B 206 7.06 -28.27 -2.50
CA LEU B 206 6.81 -27.94 -3.90
C LEU B 206 8.12 -27.63 -4.61
N ASP B 207 8.10 -27.81 -5.94
CA ASP B 207 9.27 -27.53 -6.77
C ASP B 207 8.76 -27.26 -8.17
N ALA B 208 8.83 -25.99 -8.60
CA ALA B 208 8.43 -25.59 -9.94
C ALA B 208 7.01 -26.05 -10.27
N GLY B 209 6.11 -25.89 -9.30
CA GLY B 209 4.73 -26.27 -9.53
C GLY B 209 4.45 -27.75 -9.52
N ARG B 210 5.16 -28.52 -8.70
CA ARG B 210 4.87 -29.94 -8.56
C ARG B 210 5.30 -30.40 -7.17
N VAL B 211 4.67 -31.48 -6.70
CA VAL B 211 4.99 -32.04 -5.38
C VAL B 211 6.23 -32.91 -5.51
N ALA B 212 7.26 -32.58 -4.73
CA ALA B 212 8.49 -33.35 -4.75
C ALA B 212 8.48 -34.50 -3.74
N GLN B 213 7.96 -34.25 -2.54
CA GLN B 213 7.84 -35.30 -1.53
C GLN B 213 6.79 -34.90 -0.52
N VAL B 214 6.33 -35.87 0.26
CA VAL B 214 5.35 -35.66 1.32
C VAL B 214 5.66 -36.63 2.45
N GLY B 215 5.65 -36.14 3.68
CA GLY B 215 5.87 -37.02 4.81
C GLY B 215 6.09 -36.25 6.09
N LYS B 216 6.45 -37.01 7.14
CA LYS B 216 6.75 -36.44 8.44
C LYS B 216 8.02 -35.60 8.38
N PRO B 217 8.16 -34.61 9.27
CA PRO B 217 9.39 -33.82 9.28
C PRO B 217 10.65 -34.64 9.49
N LEU B 218 10.61 -35.60 10.41
CA LEU B 218 11.76 -36.46 10.62
C LEU B 218 12.04 -37.33 9.41
N GLU B 219 10.98 -37.82 8.76
CA GLU B 219 11.17 -38.59 7.54
C GLU B 219 11.83 -37.77 6.45
N LEU B 220 11.39 -36.51 6.28
CA LEU B 220 12.00 -35.65 5.28
C LEU B 220 13.46 -35.37 5.61
N TYR B 221 13.77 -35.15 6.89
CA TYR B 221 15.15 -34.84 7.27
C TYR B 221 16.05 -36.06 7.12
N HIS B 222 15.54 -37.26 7.42
CA HIS B 222 16.40 -38.43 7.54
C HIS B 222 16.47 -39.25 6.26
N TYR B 223 15.35 -39.44 5.58
CA TYR B 223 15.28 -40.28 4.37
C TYR B 223 14.69 -39.47 3.24
N PRO B 224 15.45 -38.52 2.68
CA PRO B 224 14.94 -37.75 1.55
C PRO B 224 14.87 -38.60 0.30
N ALA B 225 13.78 -38.44 -0.45
CA ALA B 225 13.51 -39.25 -1.63
C ALA B 225 13.95 -38.58 -2.93
N ASP B 226 14.60 -37.42 -2.85
CA ASP B 226 14.99 -36.70 -4.05
C ASP B 226 16.16 -35.77 -3.72
N ARG B 227 16.98 -35.53 -4.75
CA ARG B 227 18.13 -34.65 -4.59
C ARG B 227 17.70 -33.24 -4.20
N PHE B 228 16.66 -32.72 -4.85
CA PHE B 228 16.20 -31.37 -4.55
C PHE B 228 15.68 -31.28 -3.12
N VAL B 229 14.86 -32.24 -2.71
CA VAL B 229 14.32 -32.23 -1.35
C VAL B 229 15.44 -32.34 -0.33
N ALA B 230 16.44 -33.18 -0.61
CA ALA B 230 17.55 -33.34 0.30
C ALA B 230 18.36 -32.06 0.42
N GLY B 231 18.54 -31.34 -0.69
CA GLY B 231 19.22 -30.06 -0.62
C GLY B 231 18.38 -28.98 0.03
N PHE B 232 17.05 -29.16 0.04
CA PHE B 232 16.17 -28.13 0.56
C PHE B 232 15.98 -28.26 2.08
N ILE B 233 15.88 -29.48 2.58
CA ILE B 233 15.56 -29.68 3.99
C ILE B 233 16.83 -29.53 4.81
N GLY B 234 16.83 -28.53 5.70
CA GLY B 234 18.02 -28.19 6.46
C GLY B 234 18.45 -26.78 6.14
N SER B 235 18.92 -26.03 7.16
CA SER B 235 19.27 -24.64 6.91
C SER B 235 20.63 -24.51 6.20
N PRO B 236 21.70 -25.20 6.61
CA PRO B 236 22.87 -25.28 5.72
C PRO B 236 22.68 -26.40 4.73
N LYS B 237 22.75 -26.11 3.43
CA LYS B 237 22.49 -27.14 2.44
C LYS B 237 23.52 -28.24 2.53
N MET B 238 23.07 -29.48 2.39
CA MET B 238 23.94 -30.63 2.59
C MET B 238 25.02 -30.69 1.51
N ASN B 239 26.24 -31.02 1.94
CA ASN B 239 27.35 -31.09 1.01
C ASN B 239 27.17 -32.25 0.04
N PHE B 240 27.25 -31.96 -1.26
CA PHE B 240 27.08 -32.95 -2.30
C PHE B 240 28.42 -33.19 -2.99
N LEU B 241 28.76 -34.46 -3.18
CA LEU B 241 30.02 -34.85 -3.79
C LEU B 241 29.76 -35.74 -5.00
N PRO B 242 30.26 -35.40 -6.18
CA PRO B 242 30.25 -36.37 -7.29
C PRO B 242 31.17 -37.54 -6.95
N VAL B 243 30.79 -38.73 -7.41
CA VAL B 243 31.47 -39.95 -7.01
C VAL B 243 31.08 -41.08 -7.97
N LYS B 244 32.00 -42.02 -8.17
CA LYS B 244 31.82 -43.15 -9.07
C LYS B 244 31.59 -44.42 -8.26
N VAL B 245 30.61 -45.22 -8.68
CA VAL B 245 30.37 -46.52 -8.06
C VAL B 245 31.37 -47.53 -8.62
N THR B 246 31.95 -48.34 -7.73
CA THR B 246 32.91 -49.36 -8.14
C THR B 246 32.36 -50.78 -8.01
N ALA B 247 31.59 -51.07 -6.97
CA ALA B 247 31.03 -52.40 -6.78
C ALA B 247 29.75 -52.28 -5.97
N THR B 248 28.92 -53.32 -6.07
CA THR B 248 27.64 -53.38 -5.37
C THR B 248 27.52 -54.69 -4.62
N ALA B 249 27.04 -54.61 -3.38
CA ALA B 249 26.74 -55.79 -2.58
C ALA B 249 25.24 -56.02 -2.57
N ILE B 250 24.78 -56.96 -1.74
CA ILE B 250 23.36 -57.30 -1.70
C ILE B 250 22.54 -56.11 -1.21
N ASP B 251 23.03 -55.41 -0.19
CA ASP B 251 22.29 -54.29 0.40
C ASP B 251 23.18 -53.09 0.68
N GLN B 252 24.31 -52.97 0.00
CA GLN B 252 25.18 -51.82 0.19
C GLN B 252 25.98 -51.57 -1.08
N VAL B 253 26.15 -50.30 -1.42
CA VAL B 253 26.87 -49.87 -2.60
C VAL B 253 28.17 -49.21 -2.15
N GLN B 254 29.29 -49.67 -2.69
CA GLN B 254 30.58 -49.08 -2.39
C GLN B 254 30.95 -48.09 -3.49
N VAL B 255 31.57 -46.98 -3.08
CA VAL B 255 31.83 -45.85 -3.96
C VAL B 255 33.27 -45.40 -3.78
N GLU B 256 33.76 -44.66 -4.77
CA GLU B 256 35.15 -44.19 -4.81
C GLU B 256 35.18 -42.68 -4.86
N LEU B 257 35.70 -42.06 -3.79
CA LEU B 257 35.77 -40.62 -3.64
C LEU B 257 36.72 -39.98 -4.65
N PRO B 258 36.48 -38.73 -5.03
CA PRO B 258 37.33 -38.09 -6.05
C PRO B 258 38.64 -37.52 -5.52
N MET B 259 38.93 -37.67 -4.24
CA MET B 259 40.19 -37.18 -3.70
C MET B 259 41.36 -38.03 -4.22
N PRO B 260 42.58 -37.48 -4.23
CA PRO B 260 43.68 -38.18 -4.93
C PRO B 260 43.94 -39.60 -4.45
N ASN B 261 43.84 -39.87 -3.16
CA ASN B 261 44.03 -41.25 -2.68
C ASN B 261 42.87 -42.15 -3.07
N ARG B 262 41.77 -41.59 -3.58
CA ARG B 262 40.64 -42.33 -4.15
C ARG B 262 40.21 -43.50 -3.27
N GLN B 263 40.12 -43.25 -1.97
CA GLN B 263 39.69 -44.27 -1.04
C GLN B 263 38.23 -44.62 -1.29
N GLN B 264 37.85 -45.86 -0.98
CA GLN B 264 36.52 -46.37 -1.24
C GLN B 264 35.85 -46.82 0.05
N VAL B 265 34.56 -46.50 0.19
CA VAL B 265 33.81 -46.80 1.39
C VAL B 265 32.52 -47.53 1.01
N TRP B 266 32.02 -48.30 1.97
CA TRP B 266 30.80 -49.08 1.80
C TRP B 266 29.63 -48.33 2.40
N LEU B 267 28.61 -48.05 1.59
CA LEU B 267 27.45 -47.29 2.02
C LEU B 267 26.24 -48.20 2.12
N PRO B 268 25.62 -48.34 3.28
CA PRO B 268 24.46 -49.26 3.43
C PRO B 268 23.19 -48.70 2.76
N VAL B 269 23.20 -48.72 1.43
CA VAL B 269 22.09 -48.19 0.63
C VAL B 269 21.59 -49.30 -0.28
N GLU B 270 20.39 -49.08 -0.82
CA GLU B 270 19.75 -50.08 -1.67
C GLU B 270 20.56 -50.29 -2.94
N SER B 271 20.71 -51.55 -3.35
CA SER B 271 21.58 -51.91 -4.47
C SER B 271 20.84 -52.02 -5.79
N ARG B 272 19.50 -51.96 -5.79
CA ARG B 272 18.75 -52.14 -7.02
C ARG B 272 19.02 -51.02 -8.00
N ASP B 273 19.19 -51.41 -9.28
CA ASP B 273 19.35 -50.50 -10.41
C ASP B 273 20.72 -49.83 -10.41
N VAL B 274 21.49 -50.02 -9.34
CA VAL B 274 22.81 -49.40 -9.24
C VAL B 274 23.74 -50.10 -10.22
N GLN B 275 24.27 -49.34 -11.17
CA GLN B 275 25.13 -49.87 -12.23
C GLN B 275 26.59 -49.55 -11.92
N VAL B 276 27.44 -50.57 -12.07
CA VAL B 276 28.86 -50.38 -11.80
C VAL B 276 29.42 -49.35 -12.76
N GLY B 277 30.00 -48.28 -12.22
CA GLY B 277 30.55 -47.20 -13.01
C GLY B 277 29.68 -45.97 -13.15
N ALA B 278 28.48 -45.97 -12.55
CA ALA B 278 27.62 -44.81 -12.62
C ALA B 278 28.23 -43.65 -11.84
N ASN B 279 28.04 -42.44 -12.37
CA ASN B 279 28.54 -41.23 -11.72
C ASN B 279 27.51 -40.78 -10.69
N MET B 280 27.72 -41.17 -9.44
CA MET B 280 26.73 -41.00 -8.39
C MET B 280 26.77 -39.55 -7.89
N SER B 281 26.09 -39.28 -6.78
CA SER B 281 26.14 -37.98 -6.13
C SER B 281 25.96 -38.19 -4.62
N LEU B 282 27.09 -38.30 -3.92
CA LEU B 282 27.06 -38.52 -2.49
C LEU B 282 26.65 -37.25 -1.76
N GLY B 283 25.93 -37.42 -0.65
CA GLY B 283 25.51 -36.28 0.15
C GLY B 283 25.59 -36.54 1.64
N ILE B 284 26.22 -35.63 2.38
CA ILE B 284 26.37 -35.77 3.82
C ILE B 284 26.08 -34.43 4.47
N ARG B 285 25.22 -34.44 5.49
CA ARG B 285 24.81 -33.20 6.13
C ARG B 285 25.97 -32.61 6.93
N PRO B 286 26.05 -31.28 7.02
CA PRO B 286 27.14 -30.66 7.79
C PRO B 286 27.17 -31.08 9.26
N GLU B 287 26.01 -31.25 9.89
CA GLU B 287 25.99 -31.60 11.30
C GLU B 287 26.51 -33.00 11.55
N HIS B 288 26.42 -33.87 10.54
CA HIS B 288 26.80 -35.26 10.73
C HIS B 288 28.30 -35.49 10.61
N LEU B 289 29.04 -34.53 10.08
CA LEU B 289 30.47 -34.71 9.90
C LEU B 289 31.19 -34.71 11.25
N LEU B 290 31.85 -35.83 11.57
CA LEU B 290 32.62 -35.95 12.80
C LEU B 290 33.98 -35.31 12.65
N PRO B 291 34.61 -34.92 13.75
CA PRO B 291 36.01 -34.47 13.68
C PRO B 291 36.95 -35.58 13.24
N SER B 292 38.18 -35.23 12.88
CA SER B 292 39.10 -36.17 12.27
C SER B 292 39.57 -37.26 13.23
N ASP B 293 39.20 -37.20 14.50
CA ASP B 293 39.66 -38.18 15.48
C ASP B 293 39.06 -39.58 15.26
N ILE B 294 38.30 -39.78 14.20
CA ILE B 294 37.71 -41.08 13.90
C ILE B 294 38.41 -41.68 12.69
N ALA B 295 38.81 -42.95 12.82
CA ALA B 295 39.47 -43.67 11.72
C ALA B 295 38.51 -43.76 10.54
N ASP B 296 38.82 -43.04 9.48
CA ASP B 296 37.95 -42.96 8.31
C ASP B 296 38.79 -42.43 7.14
N VAL B 297 38.13 -42.10 6.04
CA VAL B 297 38.83 -41.57 4.87
C VAL B 297 39.52 -40.24 5.19
N ILE B 298 38.87 -39.40 6.00
CA ILE B 298 39.43 -38.12 6.45
C ILE B 298 39.64 -37.19 5.26
N LEU B 299 38.67 -36.27 5.06
CA LEU B 299 38.75 -35.30 3.97
C LEU B 299 39.48 -34.06 4.46
N GLU B 300 40.81 -34.13 4.45
CA GLU B 300 41.63 -32.98 4.82
C GLU B 300 41.59 -31.93 3.72
N GLY B 301 41.41 -30.68 4.11
CA GLY B 301 41.38 -29.59 3.17
C GLY B 301 41.96 -28.32 3.77
N GLU B 302 41.61 -27.19 3.16
CA GLU B 302 42.08 -25.89 3.60
C GLU B 302 40.88 -24.99 3.83
N VAL B 303 40.89 -24.27 4.97
CA VAL B 303 39.75 -23.45 5.35
C VAL B 303 39.66 -22.22 4.48
N GLN B 304 38.44 -21.82 4.12
CA GLN B 304 38.20 -20.62 3.33
C GLN B 304 37.39 -19.58 4.09
N VAL B 305 36.28 -19.98 4.70
CA VAL B 305 35.38 -19.06 5.40
C VAL B 305 35.02 -19.66 6.74
N VAL B 306 35.10 -18.85 7.80
CA VAL B 306 34.71 -19.25 9.14
C VAL B 306 33.64 -18.29 9.61
N GLU B 307 32.45 -18.81 9.89
CA GLU B 307 31.32 -18.01 10.35
C GLU B 307 31.03 -18.35 11.80
N GLN B 308 31.07 -17.34 12.66
CA GLN B 308 30.87 -17.53 14.09
C GLN B 308 29.43 -17.21 14.44
N LEU B 309 28.73 -18.18 14.99
CA LEU B 309 27.32 -18.02 15.36
C LEU B 309 27.11 -17.97 16.87
N GLY B 310 28.17 -18.01 17.66
CA GLY B 310 28.05 -18.04 19.10
C GLY B 310 27.87 -19.43 19.66
N ASN B 311 26.77 -20.07 19.31
CA ASN B 311 26.50 -21.43 19.79
C ASN B 311 27.11 -22.51 18.89
N GLU B 312 27.44 -22.17 17.66
CA GLU B 312 28.11 -23.13 16.78
C GLU B 312 29.00 -22.37 15.81
N THR B 313 30.02 -23.06 15.30
CA THR B 313 30.94 -22.50 14.33
C THR B 313 30.78 -23.26 13.02
N GLN B 314 30.61 -22.52 11.93
CA GLN B 314 30.46 -23.11 10.60
C GLN B 314 31.74 -22.90 9.81
N ILE B 315 32.38 -24.00 9.40
CA ILE B 315 33.66 -23.98 8.72
C ILE B 315 33.46 -24.48 7.30
N HIS B 316 33.92 -23.71 6.32
CA HIS B 316 33.85 -24.08 4.92
C HIS B 316 35.25 -24.48 4.46
N ILE B 317 35.38 -25.71 3.99
CA ILE B 317 36.67 -26.28 3.61
C ILE B 317 36.69 -26.46 2.10
N GLN B 318 37.75 -25.98 1.46
CA GLN B 318 37.93 -26.14 0.02
C GLN B 318 38.79 -27.37 -0.21
N ILE B 319 38.14 -28.52 -0.33
CA ILE B 319 38.86 -29.78 -0.55
C ILE B 319 39.49 -29.75 -1.94
N PRO B 320 40.73 -30.22 -2.09
CA PRO B 320 41.33 -30.30 -3.43
C PRO B 320 40.52 -31.23 -4.34
N SER B 321 40.51 -30.90 -5.63
CA SER B 321 39.77 -31.63 -6.65
C SER B 321 38.27 -31.65 -6.39
N ILE B 322 37.76 -30.66 -5.66
CA ILE B 322 36.34 -30.55 -5.37
C ILE B 322 35.91 -29.13 -5.75
N ARG B 323 34.84 -29.03 -6.55
CA ARG B 323 34.40 -27.72 -7.02
C ARG B 323 33.80 -26.89 -5.89
N GLN B 324 32.90 -27.48 -5.12
CA GLN B 324 32.24 -26.75 -4.04
C GLN B 324 33.08 -26.85 -2.77
N ASN B 325 32.53 -26.36 -1.66
CA ASN B 325 33.19 -26.40 -0.36
C ASN B 325 32.34 -27.17 0.62
N LEU B 326 32.93 -28.18 1.27
CA LEU B 326 32.22 -28.88 2.32
C LEU B 326 31.95 -27.94 3.49
N VAL B 327 30.71 -27.92 3.95
CA VAL B 327 30.31 -27.09 5.08
C VAL B 327 30.35 -27.94 6.34
N TYR B 328 30.99 -27.44 7.38
CA TYR B 328 31.18 -28.17 8.63
C TYR B 328 30.64 -27.34 9.78
N ARG B 329 29.80 -27.95 10.61
CA ARG B 329 29.21 -27.29 11.76
C ARG B 329 29.74 -27.95 13.03
N GLN B 330 30.67 -27.26 13.69
CA GLN B 330 31.20 -27.72 14.97
C GLN B 330 30.45 -27.02 16.11
N ASN B 331 30.33 -27.70 17.24
CA ASN B 331 29.60 -27.14 18.36
C ASN B 331 30.44 -26.08 19.07
N ASP B 332 29.74 -25.12 19.68
CA ASP B 332 30.34 -24.04 20.46
C ASP B 332 31.26 -23.18 19.59
N VAL B 333 32.17 -22.44 20.22
CA VAL B 333 33.06 -21.52 19.54
C VAL B 333 34.40 -22.19 19.33
N VAL B 334 34.83 -22.28 18.07
CA VAL B 334 36.12 -22.86 17.70
C VAL B 334 36.94 -21.76 17.02
N LEU B 335 38.19 -21.61 17.45
CA LEU B 335 39.05 -20.53 16.97
C LEU B 335 39.91 -21.06 15.84
N VAL B 336 39.38 -21.00 14.62
CA VAL B 336 40.09 -21.42 13.42
C VAL B 336 40.13 -20.25 12.45
N GLU B 337 41.32 -19.94 11.95
CA GLU B 337 41.52 -18.82 11.05
C GLU B 337 41.62 -19.30 9.60
N GLU B 338 41.29 -18.41 8.68
CA GLU B 338 41.26 -18.75 7.26
C GLU B 338 42.66 -19.07 6.76
N GLY B 339 42.73 -19.91 5.74
CA GLY B 339 43.98 -20.36 5.18
C GLY B 339 44.63 -21.51 5.92
N ALA B 340 43.99 -22.04 6.95
CA ALA B 340 44.53 -23.13 7.74
C ALA B 340 44.01 -24.47 7.23
N THR B 341 44.72 -25.53 7.60
CA THR B 341 44.33 -26.88 7.24
C THR B 341 43.30 -27.43 8.22
N PHE B 342 42.33 -28.17 7.68
CA PHE B 342 41.29 -28.78 8.50
C PHE B 342 40.89 -30.10 7.86
N ALA B 343 40.55 -31.07 8.71
CA ALA B 343 40.15 -32.40 8.26
C ALA B 343 38.87 -32.82 8.96
N ILE B 344 38.04 -33.58 8.25
CA ILE B 344 36.75 -34.05 8.75
C ILE B 344 36.53 -35.49 8.34
N GLY B 345 35.76 -36.20 9.16
CA GLY B 345 35.46 -37.62 8.94
C GLY B 345 34.10 -37.77 8.30
N LEU B 346 33.95 -38.82 7.49
CA LEU B 346 32.71 -39.05 6.75
C LEU B 346 32.01 -40.29 7.31
N PRO B 347 30.98 -40.13 8.14
CA PRO B 347 30.20 -41.23 8.57
C PRO B 347 29.67 -42.04 7.41
N PRO B 348 30.07 -43.30 7.29
CA PRO B 348 29.48 -44.16 6.24
C PRO B 348 27.98 -44.32 6.37
N GLU B 349 27.45 -44.31 7.59
CA GLU B 349 26.04 -44.60 7.83
C GLU B 349 25.15 -43.36 7.75
N ARG B 350 25.71 -42.18 7.51
CA ARG B 350 24.93 -40.95 7.42
C ARG B 350 24.92 -40.37 6.01
N CYS B 351 25.35 -41.15 5.02
CA CYS B 351 25.48 -40.67 3.65
C CYS B 351 24.28 -41.11 2.81
N HIS B 352 23.68 -40.16 2.11
CA HIS B 352 22.66 -40.45 1.12
C HIS B 352 23.31 -40.56 -0.26
N LEU B 353 22.87 -41.54 -1.04
CA LEU B 353 23.42 -41.78 -2.36
C LEU B 353 22.39 -41.41 -3.41
N PHE B 354 22.73 -40.44 -4.26
CA PHE B 354 21.81 -39.91 -5.25
C PHE B 354 22.27 -40.30 -6.65
N ARG B 355 21.34 -40.76 -7.47
CA ARG B 355 21.67 -41.14 -8.83
C ARG B 355 21.79 -39.91 -9.72
N GLU B 356 22.16 -40.15 -10.97
CA GLU B 356 22.36 -39.06 -11.93
C GLU B 356 21.07 -38.28 -12.20
N ASP B 357 19.94 -38.97 -12.32
CA ASP B 357 18.67 -38.32 -12.62
C ASP B 357 18.14 -37.49 -11.47
N GLY B 358 18.74 -37.58 -10.28
CA GLY B 358 18.31 -36.83 -9.12
C GLY B 358 17.59 -37.66 -8.08
N THR B 359 17.17 -38.88 -8.42
CA THR B 359 16.57 -39.76 -7.44
C THR B 359 17.62 -40.19 -6.41
N ALA B 360 17.15 -40.79 -5.32
CA ALA B 360 18.00 -41.19 -4.22
C ALA B 360 17.89 -42.69 -4.00
N CYS B 361 19.04 -43.34 -3.79
CA CYS B 361 19.04 -44.72 -3.31
C CYS B 361 18.54 -44.75 -1.88
N ARG B 362 17.48 -45.52 -1.64
CA ARG B 362 16.87 -45.55 -0.32
C ARG B 362 17.87 -46.01 0.73
N ARG B 363 17.95 -45.26 1.82
CA ARG B 363 18.85 -45.60 2.91
C ARG B 363 18.33 -46.81 3.68
N LEU B 364 19.26 -47.61 4.19
CA LEU B 364 18.93 -48.82 4.93
C LEU B 364 19.34 -48.72 6.40
N HIS B 365 19.53 -47.50 6.89
CA HIS B 365 19.92 -47.27 8.27
C HIS B 365 18.70 -46.81 9.06
N LYS B 366 18.45 -47.45 10.20
CA LYS B 366 17.30 -47.12 11.03
C LYS B 366 17.64 -45.93 11.90
N GLU B 367 17.34 -44.73 11.42
CA GLU B 367 17.58 -43.52 12.18
C GLU B 367 16.59 -43.39 13.33
N PRO B 368 17.01 -42.78 14.43
CA PRO B 368 16.10 -42.61 15.57
C PRO B 368 14.96 -41.66 15.24
N GLY B 369 13.82 -41.89 15.89
CA GLY B 369 12.68 -41.01 15.78
C GLY B 369 11.81 -41.21 14.55
N VAL B 370 12.09 -42.20 13.72
CA VAL B 370 11.33 -42.44 12.50
C VAL B 370 10.87 -43.89 12.49
N ALA B 371 9.56 -44.09 12.35
CA ALA B 371 9.01 -45.43 12.27
C ALA B 371 9.30 -46.07 10.92
N SER C 18 17.36 35.38 -17.24
CA SER C 18 17.15 36.76 -17.68
C SER C 18 15.92 36.86 -18.57
N VAL C 19 15.47 35.72 -19.11
CA VAL C 19 14.30 35.72 -19.98
C VAL C 19 13.04 36.02 -19.18
N LEU C 20 12.93 35.48 -17.97
CA LEU C 20 11.76 35.77 -17.15
C LEU C 20 11.78 37.22 -16.67
N GLY C 21 12.94 37.88 -16.75
CA GLY C 21 13.01 39.28 -16.38
C GLY C 21 12.53 40.20 -17.49
N LEU C 22 12.78 39.82 -18.76
CA LEU C 22 12.32 40.65 -19.87
C LEU C 22 10.83 40.53 -20.07
N LEU C 23 10.23 39.39 -19.72
CA LEU C 23 8.79 39.24 -19.79
C LEU C 23 8.08 40.18 -18.81
N GLY C 24 8.65 40.35 -17.62
CA GLY C 24 8.07 41.25 -16.65
C GLY C 24 8.02 42.69 -17.13
N LEU C 25 9.07 43.13 -17.84
CA LEU C 25 9.10 44.50 -18.36
C LEU C 25 7.97 44.74 -19.35
N LEU C 26 7.73 43.78 -20.24
CA LEU C 26 6.59 43.90 -21.16
C LEU C 26 5.29 43.99 -20.40
N VAL C 27 5.13 43.15 -19.37
CA VAL C 27 4.03 43.33 -18.43
C VAL C 27 4.17 44.66 -17.69
N GLY C 28 5.40 44.99 -17.26
CA GLY C 28 5.62 46.23 -16.54
C GLY C 28 5.34 47.47 -17.37
N TYR C 29 5.59 47.41 -18.68
CA TYR C 29 5.20 48.51 -19.55
C TYR C 29 3.71 48.75 -19.50
N LEU C 30 2.93 47.68 -19.37
CA LEU C 30 1.48 47.82 -19.30
C LEU C 30 1.04 48.52 -18.01
N VAL C 31 1.72 48.25 -16.90
CA VAL C 31 1.31 48.82 -15.61
C VAL C 31 1.34 50.35 -15.67
N VAL C 32 2.20 50.91 -16.52
CA VAL C 32 2.16 52.35 -16.76
C VAL C 32 0.83 52.74 -17.40
N LEU C 33 0.37 51.97 -18.38
CA LEU C 33 -0.89 52.29 -19.06
C LEU C 33 -2.08 52.20 -18.12
N MET C 34 -2.03 51.26 -17.15
CA MET C 34 -3.08 51.19 -16.14
C MET C 34 -3.16 52.47 -15.32
N TYR C 35 -2.02 52.97 -14.84
CA TYR C 35 -2.04 54.24 -14.12
C TYR C 35 -2.36 55.40 -15.06
N ALA C 36 -1.99 55.29 -16.33
CA ALA C 36 -2.30 56.32 -17.30
C ALA C 36 -3.81 56.43 -17.51
N GLN C 37 -4.51 55.30 -17.55
CA GLN C 37 -5.96 55.30 -17.75
C GLN C 37 -6.74 55.59 -16.47
N GLY C 38 -6.05 55.74 -15.34
CA GLY C 38 -6.70 56.12 -14.10
C GLY C 38 -7.33 54.99 -13.32
N GLU C 39 -7.11 53.74 -13.71
CA GLU C 39 -7.68 52.60 -13.00
C GLU C 39 -6.66 52.07 -12.00
N TYR C 40 -6.69 52.67 -10.81
CA TYR C 40 -5.71 52.37 -9.78
C TYR C 40 -5.86 50.94 -9.26
N LEU C 41 -7.09 50.46 -9.12
CA LEU C 41 -7.28 49.09 -8.65
C LEU C 41 -6.76 48.07 -9.68
N PHE C 42 -7.00 48.33 -10.96
CA PHE C 42 -6.45 47.46 -12.00
C PHE C 42 -4.93 47.50 -11.99
N ALA C 43 -4.35 48.69 -11.85
CA ALA C 43 -2.90 48.80 -11.76
C ALA C 43 -2.34 48.03 -10.57
N ILE C 44 -3.01 48.15 -9.42
CA ILE C 44 -2.56 47.45 -8.23
C ILE C 44 -2.60 45.94 -8.44
N THR C 45 -3.71 45.44 -9.00
CA THR C 45 -3.84 44.01 -9.22
C THR C 45 -2.78 43.49 -10.18
N THR C 46 -2.57 44.20 -11.30
CA THR C 46 -1.61 43.71 -12.28
C THR C 46 -0.18 43.79 -11.76
N LEU C 47 0.17 44.87 -11.05
CA LEU C 47 1.52 44.96 -10.48
C LEU C 47 1.73 43.89 -9.43
N ILE C 48 0.71 43.64 -8.59
CA ILE C 48 0.84 42.63 -7.54
C ILE C 48 1.05 41.25 -8.17
N LEU C 49 0.24 40.91 -9.16
CA LEU C 49 0.36 39.59 -9.78
C LEU C 49 1.69 39.44 -10.51
N SER C 50 2.11 40.48 -11.23
CA SER C 50 3.40 40.40 -11.92
C SER C 50 4.55 40.22 -10.94
N SER C 51 4.57 41.04 -9.88
CA SER C 51 5.66 40.94 -8.91
C SER C 51 5.66 39.57 -8.24
N ALA C 52 4.48 39.07 -7.86
CA ALA C 52 4.41 37.77 -7.22
C ALA C 52 4.94 36.68 -8.14
N GLY C 53 4.49 36.65 -9.39
CA GLY C 53 4.96 35.63 -10.31
C GLY C 53 6.45 35.72 -10.57
N LEU C 54 6.96 36.93 -10.83
CA LEU C 54 8.38 37.08 -11.12
C LEU C 54 9.24 36.66 -9.94
N TYR C 55 8.91 37.14 -8.74
CA TYR C 55 9.71 36.80 -7.57
C TYR C 55 9.65 35.30 -7.28
N ILE C 56 8.44 34.71 -7.38
CA ILE C 56 8.29 33.29 -7.07
C ILE C 56 9.11 32.44 -8.05
N PHE C 57 9.01 32.75 -9.35
CA PHE C 57 9.80 32.01 -10.33
C PHE C 57 11.30 32.23 -10.12
N ALA C 58 11.73 33.46 -9.86
CA ALA C 58 13.15 33.77 -9.80
C ALA C 58 13.81 33.14 -8.57
N ASN C 59 13.11 33.15 -7.44
CA ASN C 59 13.68 32.60 -6.21
C ASN C 59 13.44 31.09 -6.17
N ARG C 60 14.53 30.34 -5.96
CA ARG C 60 14.49 28.89 -6.01
C ARG C 60 13.90 28.25 -4.77
N LYS C 61 13.71 29.00 -3.69
CA LYS C 61 13.25 28.39 -2.44
C LYS C 61 11.77 28.04 -2.46
N ALA C 62 10.94 28.83 -3.13
CA ALA C 62 9.49 28.61 -3.13
C ALA C 62 9.07 27.71 -4.28
N TYR C 63 9.50 26.45 -4.23
CA TYR C 63 9.15 25.49 -5.26
C TYR C 63 7.65 25.19 -5.27
N ALA C 64 7.06 25.00 -4.09
CA ALA C 64 5.62 24.75 -4.00
C ALA C 64 4.83 25.95 -4.52
N TRP C 65 5.27 27.16 -4.16
CA TRP C 65 4.59 28.34 -4.69
C TRP C 65 4.80 28.48 -6.20
N ARG C 66 5.94 28.03 -6.71
CA ARG C 66 6.13 27.99 -8.15
C ARG C 66 5.11 27.08 -8.81
N TYR C 67 4.83 25.94 -8.18
CA TYR C 67 3.81 25.04 -8.72
C TYR C 67 2.41 25.62 -8.56
N VAL C 68 2.19 26.41 -7.51
CA VAL C 68 0.84 26.88 -7.20
C VAL C 68 0.46 28.12 -8.00
N TYR C 69 1.42 28.98 -8.33
CA TYR C 69 1.11 30.33 -8.82
C TYR C 69 0.16 30.37 -10.02
N PRO C 70 0.36 29.59 -11.10
CA PRO C 70 -0.54 29.76 -12.26
C PRO C 70 -2.00 29.52 -11.93
N GLY C 71 -2.31 28.42 -11.25
CA GLY C 71 -3.70 28.13 -10.92
C GLY C 71 -4.31 29.14 -9.97
N MET C 72 -3.55 29.57 -8.97
CA MET C 72 -4.06 30.56 -8.03
C MET C 72 -4.34 31.88 -8.72
N ALA C 73 -3.43 32.31 -9.61
CA ALA C 73 -3.65 33.57 -10.33
C ALA C 73 -4.85 33.47 -11.26
N GLY C 74 -4.99 32.36 -11.97
CA GLY C 74 -6.17 32.17 -12.82
C GLY C 74 -7.46 32.18 -12.02
N MET C 75 -7.45 31.48 -10.88
CA MET C 75 -8.62 31.47 -10.01
C MET C 75 -8.95 32.87 -9.50
N GLY C 76 -7.93 33.62 -9.10
CA GLY C 76 -8.14 34.98 -8.66
C GLY C 76 -8.84 35.78 -9.73
N LEU C 77 -8.19 35.89 -10.89
CA LEU C 77 -8.72 36.72 -11.97
C LEU C 77 -10.05 36.22 -12.52
N PHE C 78 -10.41 34.95 -12.26
CA PHE C 78 -11.70 34.45 -12.73
C PHE C 78 -12.83 34.70 -11.75
N VAL C 79 -12.63 34.42 -10.45
CA VAL C 79 -13.70 34.49 -9.47
C VAL C 79 -13.48 35.61 -8.46
N LEU C 80 -12.28 35.67 -7.86
CA LEU C 80 -12.11 36.50 -6.67
C LEU C 80 -12.30 37.97 -6.99
N PHE C 81 -11.66 38.45 -8.06
CA PHE C 81 -11.82 39.85 -8.43
C PHE C 81 -13.26 40.20 -8.78
N PRO C 82 -13.97 39.42 -9.63
CA PRO C 82 -15.39 39.73 -9.84
C PRO C 82 -16.23 39.69 -8.57
N LEU C 83 -15.96 38.74 -7.68
CA LEU C 83 -16.73 38.63 -6.45
C LEU C 83 -16.54 39.84 -5.56
N VAL C 84 -15.28 40.26 -5.35
CA VAL C 84 -15.03 41.42 -4.51
C VAL C 84 -15.54 42.69 -5.18
N CYS C 85 -15.52 42.75 -6.52
CA CYS C 85 -16.15 43.86 -7.20
C CYS C 85 -17.64 43.91 -6.92
N THR C 86 -18.29 42.74 -6.89
CA THR C 86 -19.72 42.71 -6.56
C THR C 86 -19.97 43.16 -5.12
N ILE C 87 -19.17 42.69 -4.17
CA ILE C 87 -19.34 43.11 -2.79
C ILE C 87 -19.12 44.61 -2.65
N ALA C 88 -18.19 45.16 -3.42
CA ALA C 88 -17.99 46.62 -3.44
C ALA C 88 -19.21 47.33 -4.02
N ILE C 89 -19.81 46.74 -5.06
CA ILE C 89 -21.02 47.31 -5.65
C ILE C 89 -22.15 47.30 -4.64
N ALA C 90 -22.18 46.29 -3.76
CA ALA C 90 -23.18 46.25 -2.70
C ALA C 90 -23.09 47.45 -1.78
N PHE C 91 -21.95 48.13 -1.73
CA PHE C 91 -21.76 49.29 -0.87
C PHE C 91 -21.80 50.60 -1.67
N THR C 92 -22.53 50.62 -2.78
CA THR C 92 -22.75 51.84 -3.54
C THR C 92 -24.11 51.73 -4.21
N ASN C 93 -24.67 52.88 -4.58
CA ASN C 93 -26.03 52.91 -5.12
C ASN C 93 -26.11 52.21 -6.46
N TYR C 94 -25.18 52.55 -7.38
CA TYR C 94 -25.21 52.05 -8.76
C TYR C 94 -26.60 52.26 -9.37
N SER C 95 -27.09 53.48 -9.28
CA SER C 95 -28.39 53.83 -9.85
C SER C 95 -28.45 55.32 -10.19
N THR C 259 -22.31 53.61 -0.65
CA THR C 259 -23.42 53.75 0.28
C THR C 259 -23.03 53.25 1.67
N GLY C 260 -22.25 52.18 1.71
CA GLY C 260 -21.71 51.68 2.96
C GLY C 260 -22.58 50.68 3.70
N TRP C 261 -23.66 51.17 4.32
CA TRP C 261 -24.48 50.30 5.17
C TRP C 261 -25.98 50.51 5.02
N LYS C 262 -26.43 51.48 4.24
CA LYS C 262 -27.87 51.72 4.13
C LYS C 262 -28.59 50.54 3.48
N ASN C 263 -27.98 49.94 2.45
CA ASN C 263 -28.58 48.79 1.80
C ASN C 263 -28.67 47.61 2.76
N PHE C 264 -27.64 47.41 3.59
CA PHE C 264 -27.68 46.32 4.56
C PHE C 264 -28.72 46.57 5.64
N THR C 265 -28.86 47.82 6.09
CA THR C 265 -29.92 48.13 7.03
C THR C 265 -31.29 47.88 6.42
N ARG C 266 -31.45 48.19 5.13
CA ARG C 266 -32.70 47.90 4.43
C ARG C 266 -32.98 46.40 4.41
N VAL C 267 -31.99 45.60 3.96
CA VAL C 267 -32.23 44.16 3.87
C VAL C 267 -32.42 43.55 5.25
N PHE C 268 -31.89 44.18 6.30
CA PHE C 268 -32.16 43.71 7.65
C PHE C 268 -33.58 44.05 8.08
N THR C 269 -34.05 45.25 7.76
CA THR C 269 -35.41 45.67 8.07
C THR C 269 -36.42 45.25 7.00
N ASP C 270 -36.04 44.31 6.12
CA ASP C 270 -36.94 43.84 5.08
C ASP C 270 -38.03 42.93 5.66
N GLU C 271 -38.91 43.50 6.49
CA GLU C 271 -39.93 42.72 7.16
C GLU C 271 -41.01 42.21 6.20
N GLY C 272 -41.27 42.94 5.11
CA GLY C 272 -42.34 42.54 4.21
C GLY C 272 -42.18 41.15 3.64
N ILE C 273 -40.94 40.67 3.55
CA ILE C 273 -40.68 39.34 3.00
C ILE C 273 -39.83 38.53 3.98
N GLN C 274 -39.60 39.08 5.18
CA GLN C 274 -38.71 38.42 6.13
C GLN C 274 -39.25 37.07 6.57
N LYS C 275 -40.53 37.03 6.99
CA LYS C 275 -41.12 35.75 7.38
C LYS C 275 -41.15 34.75 6.23
N PRO C 276 -41.55 35.11 5.01
CA PRO C 276 -41.36 34.17 3.89
C PRO C 276 -39.89 33.84 3.62
N PHE C 277 -38.97 34.76 3.90
CA PHE C 277 -37.56 34.51 3.62
C PHE C 277 -37.02 33.34 4.43
N LEU C 278 -37.34 33.29 5.72
CA LEU C 278 -36.84 32.22 6.58
C LEU C 278 -37.36 30.87 6.10
N ALA C 279 -38.65 30.77 5.81
CA ALA C 279 -39.24 29.51 5.40
C ALA C 279 -38.73 29.08 4.02
N ILE C 280 -38.56 30.05 3.11
CA ILE C 280 -38.04 29.73 1.79
C ILE C 280 -36.61 29.20 1.91
N PHE C 281 -35.80 29.83 2.76
CA PHE C 281 -34.44 29.34 2.98
C PHE C 281 -34.45 27.94 3.60
N VAL C 282 -35.37 27.68 4.52
CA VAL C 282 -35.46 26.36 5.15
C VAL C 282 -35.79 25.30 4.11
N TRP C 283 -36.81 25.57 3.28
CA TRP C 283 -37.18 24.61 2.25
C TRP C 283 -36.04 24.43 1.26
N THR C 284 -35.34 25.52 0.93
CA THR C 284 -34.23 25.42 -0.02
C THR C 284 -33.13 24.53 0.53
N VAL C 285 -32.79 24.67 1.81
CA VAL C 285 -31.71 23.86 2.37
C VAL C 285 -32.14 22.39 2.47
N VAL C 286 -33.40 22.15 2.83
CA VAL C 286 -33.89 20.77 2.90
C VAL C 286 -33.85 20.13 1.51
N PHE C 287 -34.30 20.89 0.50
CA PHE C 287 -34.32 20.42 -0.87
C PHE C 287 -32.91 20.12 -1.37
N SER C 288 -31.97 21.03 -1.10
CA SER C 288 -30.59 20.82 -1.53
C SER C 288 -29.99 19.59 -0.86
N LEU C 289 -30.24 19.41 0.43
CA LEU C 289 -29.70 18.24 1.13
C LEU C 289 -30.25 16.94 0.54
N ILE C 290 -31.58 16.87 0.35
CA ILE C 290 -32.15 15.63 -0.14
C ILE C 290 -31.70 15.36 -1.57
N THR C 291 -31.55 16.42 -2.39
CA THR C 291 -31.16 16.19 -3.77
C THR C 291 -29.69 15.81 -3.89
N VAL C 292 -28.81 16.36 -3.04
CA VAL C 292 -27.41 15.95 -3.11
C VAL C 292 -27.26 14.52 -2.63
N PHE C 293 -28.01 14.13 -1.59
CA PHE C 293 -27.98 12.74 -1.15
C PHE C 293 -28.42 11.80 -2.27
N LEU C 294 -29.57 12.10 -2.90
CA LEU C 294 -30.09 11.24 -3.95
C LEU C 294 -29.13 11.18 -5.14
N THR C 295 -28.57 12.32 -5.53
CA THR C 295 -27.68 12.36 -6.68
C THR C 295 -26.41 11.55 -6.41
N VAL C 296 -25.81 11.72 -5.23
CA VAL C 296 -24.61 10.95 -4.90
C VAL C 296 -24.92 9.47 -4.87
N ALA C 297 -26.05 9.09 -4.26
CA ALA C 297 -26.39 7.67 -4.16
C ALA C 297 -26.58 7.05 -5.54
N VAL C 298 -27.36 7.71 -6.39
CA VAL C 298 -27.63 7.17 -7.72
C VAL C 298 -26.34 7.07 -8.53
N GLY C 299 -25.53 8.13 -8.51
CA GLY C 299 -24.29 8.11 -9.26
C GLY C 299 -23.35 7.00 -8.80
N MET C 300 -23.17 6.85 -7.49
CA MET C 300 -22.27 5.83 -6.99
C MET C 300 -22.79 4.43 -7.32
N VAL C 301 -24.09 4.20 -7.16
CA VAL C 301 -24.64 2.88 -7.46
C VAL C 301 -24.43 2.54 -8.93
N LEU C 302 -24.70 3.50 -9.82
CA LEU C 302 -24.54 3.22 -11.24
C LEU C 302 -23.08 3.02 -11.63
N ALA C 303 -22.17 3.81 -11.03
CA ALA C 303 -20.75 3.63 -11.35
C ALA C 303 -20.24 2.28 -10.86
N CYS C 304 -20.67 1.85 -9.68
CA CYS C 304 -20.28 0.53 -9.19
C CYS C 304 -20.85 -0.57 -10.07
N LEU C 305 -22.11 -0.43 -10.50
CA LEU C 305 -22.71 -1.44 -11.36
C LEU C 305 -21.98 -1.55 -12.69
N VAL C 306 -21.64 -0.40 -13.29
CA VAL C 306 -20.95 -0.43 -14.58
C VAL C 306 -19.51 -0.91 -14.40
N GLN C 307 -18.94 -0.73 -13.21
CA GLN C 307 -17.61 -1.27 -12.93
C GLN C 307 -17.57 -2.79 -13.02
N TRP C 308 -18.73 -3.44 -12.89
CA TRP C 308 -18.79 -4.90 -12.87
C TRP C 308 -18.21 -5.49 -14.15
N GLU C 309 -17.41 -6.54 -14.01
CA GLU C 309 -16.86 -7.20 -15.18
C GLU C 309 -17.84 -8.18 -15.82
N ALA C 310 -18.77 -8.71 -15.03
CA ALA C 310 -19.75 -9.64 -15.58
C ALA C 310 -20.74 -8.96 -16.51
N LEU C 311 -21.00 -7.67 -16.31
CA LEU C 311 -21.85 -6.92 -17.22
C LEU C 311 -21.27 -6.95 -18.63
N ARG C 312 -22.14 -7.16 -19.61
CA ARG C 312 -21.71 -7.31 -21.01
C ARG C 312 -21.66 -5.97 -21.73
N GLY C 313 -22.76 -5.22 -21.74
CA GLY C 313 -22.82 -3.97 -22.47
C GLY C 313 -22.35 -2.78 -21.67
N LYS C 314 -21.14 -2.84 -21.11
CA LYS C 314 -20.64 -1.78 -20.25
C LYS C 314 -20.55 -0.45 -21.00
N ALA C 315 -19.97 -0.47 -22.20
CA ALA C 315 -19.70 0.78 -22.92
C ALA C 315 -21.00 1.45 -23.35
N VAL C 316 -21.89 0.70 -24.00
CA VAL C 316 -23.17 1.26 -24.44
C VAL C 316 -23.98 1.71 -23.23
N TYR C 317 -23.99 0.90 -22.17
CA TYR C 317 -24.74 1.27 -20.98
C TYR C 317 -24.27 2.60 -20.41
N ARG C 318 -22.95 2.74 -20.23
CA ARG C 318 -22.46 3.95 -19.59
C ARG C 318 -22.55 5.17 -20.51
N VAL C 319 -22.45 4.99 -21.83
CA VAL C 319 -22.62 6.14 -22.70
C VAL C 319 -24.07 6.61 -22.70
N LEU C 320 -25.03 5.67 -22.76
CA LEU C 320 -26.43 6.06 -22.66
C LEU C 320 -26.74 6.64 -21.29
N LEU C 321 -25.98 6.24 -20.28
CA LEU C 321 -26.21 6.78 -18.93
C LEU C 321 -25.69 8.20 -18.80
N ILE C 322 -24.54 8.52 -19.42
CA ILE C 322 -24.02 9.88 -19.33
C ILE C 322 -24.80 10.81 -20.25
N LEU C 323 -25.43 10.27 -21.30
CA LEU C 323 -26.18 11.08 -22.25
C LEU C 323 -27.00 12.23 -21.67
N PRO C 324 -27.68 12.12 -20.49
CA PRO C 324 -28.46 13.26 -19.98
C PRO C 324 -27.73 14.59 -19.81
N TYR C 325 -26.41 14.61 -20.01
CA TYR C 325 -25.68 15.87 -20.09
C TYR C 325 -25.68 16.46 -21.50
N ALA C 326 -26.25 15.78 -22.47
CA ALA C 326 -26.31 16.32 -23.82
C ALA C 326 -27.12 17.62 -23.86
N VAL C 327 -28.29 17.61 -23.23
CA VAL C 327 -29.12 18.82 -23.20
C VAL C 327 -28.39 19.91 -22.41
N PRO C 328 -28.38 21.16 -22.87
CA PRO C 328 -27.67 22.21 -22.12
C PRO C 328 -28.43 22.67 -20.90
N SER C 329 -29.45 21.90 -20.50
CA SER C 329 -30.29 22.21 -19.33
C SER C 329 -31.01 23.54 -19.53
N PHE C 330 -31.68 23.68 -20.68
CA PHE C 330 -32.53 24.83 -20.93
C PHE C 330 -33.88 24.47 -21.53
N ILE C 331 -34.00 23.29 -22.17
CA ILE C 331 -35.26 22.84 -22.75
C ILE C 331 -35.61 21.42 -22.32
N SER C 332 -34.75 20.76 -21.53
CA SER C 332 -35.19 19.55 -20.85
C SER C 332 -36.44 19.81 -20.03
N ILE C 333 -36.51 20.98 -19.40
CA ILE C 333 -37.73 21.36 -18.69
C ILE C 333 -38.88 21.54 -19.65
N LEU C 334 -38.62 22.15 -20.82
CA LEU C 334 -39.70 22.37 -21.76
C LEU C 334 -40.30 21.06 -22.25
N ILE C 335 -39.45 20.06 -22.52
CA ILE C 335 -39.96 18.76 -22.93
C ILE C 335 -40.65 18.06 -21.77
N PHE C 336 -40.16 18.25 -20.54
CA PHE C 336 -40.86 17.71 -19.37
C PHE C 336 -42.26 18.32 -19.25
N LYS C 337 -42.37 19.64 -19.45
CA LYS C 337 -43.66 20.31 -19.39
C LYS C 337 -44.56 19.85 -20.52
N GLY C 338 -43.98 19.59 -21.70
CA GLY C 338 -44.76 19.05 -22.78
C GLY C 338 -45.31 17.67 -22.48
N LEU C 339 -44.51 16.82 -21.83
CA LEU C 339 -44.96 15.47 -21.52
C LEU C 339 -45.86 15.42 -20.28
N PHE C 340 -45.85 16.47 -19.46
CA PHE C 340 -46.72 16.52 -18.28
C PHE C 340 -47.78 17.60 -18.48
N ASN C 341 -49.03 17.18 -18.59
CA ASN C 341 -50.13 18.12 -18.77
C ASN C 341 -51.38 17.64 -18.04
N SER C 363 -50.19 23.18 -9.97
CA SER C 363 -51.16 22.35 -9.27
C SER C 363 -50.44 21.37 -8.33
N ASP C 364 -51.01 21.17 -7.14
CA ASP C 364 -50.48 20.26 -6.14
C ASP C 364 -49.04 20.66 -5.79
N PRO C 365 -48.85 21.73 -5.02
CA PRO C 365 -47.49 22.21 -4.75
C PRO C 365 -46.56 21.16 -4.18
N THR C 366 -47.08 20.16 -3.46
CA THR C 366 -46.24 19.03 -3.06
C THR C 366 -45.74 18.26 -4.28
N THR C 367 -46.61 18.06 -5.27
CA THR C 367 -46.18 17.45 -6.52
C THR C 367 -45.17 18.34 -7.23
N ALA C 368 -45.32 19.66 -7.13
CA ALA C 368 -44.34 20.57 -7.71
C ALA C 368 -42.97 20.36 -7.07
N ARG C 369 -42.94 20.25 -5.74
CA ARG C 369 -41.68 20.00 -5.04
C ARG C 369 -41.07 18.67 -5.45
N THR C 370 -41.90 17.63 -5.55
CA THR C 370 -41.39 16.31 -5.94
C THR C 370 -40.83 16.34 -7.36
N MET C 371 -41.51 17.01 -8.28
CA MET C 371 -41.01 17.15 -9.64
C MET C 371 -39.70 17.93 -9.65
N LEU C 372 -39.61 18.97 -8.81
CA LEU C 372 -38.39 19.74 -8.66
C LEU C 372 -37.22 18.81 -8.32
N ILE C 373 -37.41 18.01 -7.28
CA ILE C 373 -36.34 17.14 -6.78
C ILE C 373 -35.97 16.09 -7.83
N ILE C 374 -36.98 15.48 -8.45
CA ILE C 374 -36.70 14.40 -9.39
C ILE C 374 -36.00 14.94 -10.63
N VAL C 375 -36.35 16.15 -11.07
CA VAL C 375 -35.68 16.71 -12.23
C VAL C 375 -34.24 17.06 -11.90
N ASN C 376 -33.96 17.52 -10.67
CA ASN C 376 -32.56 17.70 -10.28
C ASN C 376 -31.81 16.39 -10.28
N THR C 377 -32.41 15.32 -9.75
CA THR C 377 -31.68 14.05 -9.75
C THR C 377 -31.38 13.59 -11.17
N TRP C 378 -32.39 13.63 -12.05
CA TRP C 378 -32.19 13.18 -13.42
C TRP C 378 -31.18 14.05 -14.16
N LEU C 379 -31.09 15.34 -13.79
CA LEU C 379 -30.19 16.25 -14.49
C LEU C 379 -28.79 16.25 -13.92
N GLY C 380 -28.61 15.77 -12.69
CA GLY C 380 -27.31 15.88 -12.04
C GLY C 380 -26.61 14.59 -11.69
N TYR C 381 -27.30 13.44 -11.78
CA TYR C 381 -26.66 12.18 -11.44
C TYR C 381 -25.42 11.85 -12.28
N PRO C 382 -25.36 12.09 -13.60
CA PRO C 382 -24.16 11.67 -14.34
C PRO C 382 -22.88 12.33 -13.88
N TYR C 383 -22.95 13.52 -13.27
CA TYR C 383 -21.75 14.15 -12.72
C TYR C 383 -21.14 13.29 -11.61
N MET C 384 -21.95 12.92 -10.63
CA MET C 384 -21.47 12.05 -9.57
C MET C 384 -21.14 10.67 -10.09
N MET C 385 -21.78 10.24 -11.18
CA MET C 385 -21.44 8.92 -11.73
C MET C 385 -20.06 8.92 -12.36
N ILE C 386 -19.72 9.96 -13.12
CA ILE C 386 -18.37 10.07 -13.65
C ILE C 386 -17.36 10.19 -12.52
N LEU C 387 -17.70 10.99 -11.50
CA LEU C 387 -16.80 11.13 -10.36
C LEU C 387 -16.58 9.79 -9.66
N CYS C 388 -17.64 9.02 -9.47
CA CYS C 388 -17.52 7.75 -8.77
C CYS C 388 -16.84 6.70 -9.63
N MET C 389 -16.96 6.79 -10.95
CA MET C 389 -16.17 5.93 -11.83
C MET C 389 -14.69 6.21 -11.66
N GLY C 390 -14.32 7.49 -11.69
CA GLY C 390 -12.93 7.85 -11.48
C GLY C 390 -12.40 7.42 -10.12
N LEU C 391 -13.20 7.63 -9.08
CA LEU C 391 -12.77 7.26 -7.74
C LEU C 391 -12.82 5.76 -7.49
N LEU C 392 -13.59 5.03 -8.30
CA LEU C 392 -13.64 3.58 -8.17
C LEU C 392 -12.50 2.92 -8.93
N LYS C 393 -11.93 3.63 -9.90
CA LYS C 393 -10.71 3.14 -10.54
C LYS C 393 -9.55 3.00 -9.55
N ALA C 394 -9.60 3.71 -8.42
CA ALA C 394 -8.45 3.81 -7.53
C ALA C 394 -8.54 2.91 -6.30
N ILE C 395 -9.59 2.10 -6.18
CA ILE C 395 -9.72 1.21 -5.02
C ILE C 395 -8.90 -0.05 -5.26
N PRO C 396 -7.97 -0.39 -4.37
CA PRO C 396 -7.24 -1.66 -4.52
C PRO C 396 -8.17 -2.85 -4.40
N ASP C 397 -7.86 -3.88 -5.20
CA ASP C 397 -8.68 -5.10 -5.26
C ASP C 397 -8.38 -6.07 -4.13
N ASP C 398 -7.20 -5.94 -3.50
CA ASP C 398 -6.83 -6.86 -2.44
C ASP C 398 -7.78 -6.78 -1.25
N LEU C 399 -8.30 -5.59 -0.97
CA LEU C 399 -9.30 -5.44 0.08
C LEU C 399 -10.57 -6.20 -0.26
N TYR C 400 -11.00 -6.14 -1.52
CA TYR C 400 -12.16 -6.92 -1.95
C TYR C 400 -11.87 -8.41 -1.81
N GLU C 401 -10.65 -8.82 -2.12
CA GLU C 401 -10.27 -10.22 -1.93
C GLU C 401 -10.42 -10.64 -0.47
N ALA C 402 -9.92 -9.82 0.45
CA ALA C 402 -10.04 -10.15 1.88
C ALA C 402 -11.51 -10.18 2.30
N SER C 403 -12.30 -9.20 1.86
CA SER C 403 -13.70 -9.17 2.24
C SER C 403 -14.44 -10.40 1.74
N ALA C 404 -14.13 -10.84 0.52
CA ALA C 404 -14.70 -12.09 0.02
C ALA C 404 -14.25 -13.27 0.88
N MET C 405 -12.99 -13.26 1.31
CA MET C 405 -12.53 -14.28 2.26
C MET C 405 -13.32 -14.23 3.57
N ASP C 406 -13.92 -13.10 3.88
CA ASP C 406 -14.68 -12.96 5.11
C ASP C 406 -16.17 -13.26 4.94
N GLY C 407 -16.59 -13.73 3.77
CA GLY C 407 -17.99 -14.06 3.55
C GLY C 407 -18.86 -12.93 3.10
N ALA C 408 -18.29 -11.82 2.67
CA ALA C 408 -19.08 -10.67 2.26
C ALA C 408 -19.76 -10.91 0.93
N GLY C 409 -21.07 -10.62 0.87
CA GLY C 409 -21.79 -10.62 -0.37
C GLY C 409 -21.63 -9.31 -1.08
N PRO C 410 -22.36 -9.10 -2.17
CA PRO C 410 -22.22 -7.84 -2.92
C PRO C 410 -22.67 -6.62 -2.14
N PHE C 411 -23.85 -6.68 -1.51
CA PHE C 411 -24.39 -5.51 -0.81
C PHE C 411 -23.54 -5.16 0.40
N GLN C 412 -23.20 -6.16 1.21
CA GLN C 412 -22.34 -5.91 2.37
C GLN C 412 -20.97 -5.43 1.94
N ASN C 413 -20.40 -6.04 0.91
CA ASN C 413 -19.10 -5.61 0.39
C ASN C 413 -19.15 -4.15 -0.02
N PHE C 414 -20.19 -3.76 -0.76
CA PHE C 414 -20.37 -2.36 -1.12
C PHE C 414 -20.40 -1.48 0.13
N PHE C 415 -21.41 -1.69 0.98
CA PHE C 415 -21.63 -0.80 2.12
C PHE C 415 -20.44 -0.75 3.06
N LYS C 416 -19.56 -1.74 3.04
CA LYS C 416 -18.45 -1.76 3.99
C LYS C 416 -17.13 -1.29 3.41
N ILE C 417 -16.85 -1.50 2.12
CA ILE C 417 -15.58 -1.11 1.52
C ILE C 417 -15.78 -0.01 0.48
N THR C 418 -16.75 -0.18 -0.42
CA THR C 418 -16.89 0.76 -1.52
C THR C 418 -17.36 2.12 -1.02
N LEU C 419 -18.41 2.14 -0.20
CA LEU C 419 -18.96 3.41 0.27
C LEU C 419 -18.00 4.20 1.14
N PRO C 420 -17.40 3.64 2.21
CA PRO C 420 -16.55 4.49 3.07
C PRO C 420 -15.29 4.98 2.39
N LEU C 421 -14.79 4.26 1.39
CA LEU C 421 -13.61 4.70 0.65
C LEU C 421 -13.93 5.71 -0.42
N LEU C 422 -15.21 5.86 -0.80
CA LEU C 422 -15.62 6.88 -1.75
C LEU C 422 -16.18 8.12 -1.08
N ILE C 423 -16.81 7.99 0.09
CA ILE C 423 -17.42 9.14 0.75
C ILE C 423 -16.35 10.09 1.26
N LYS C 424 -15.15 9.60 1.56
CA LYS C 424 -14.09 10.48 2.03
C LYS C 424 -13.60 11.45 0.96
N PRO C 425 -13.20 11.01 -0.24
CA PRO C 425 -12.77 11.99 -1.25
C PRO C 425 -13.93 12.75 -1.90
N LEU C 426 -15.17 12.34 -1.67
CA LEU C 426 -16.33 13.03 -2.22
C LEU C 426 -16.83 14.15 -1.33
N THR C 427 -16.33 14.24 -0.08
CA THR C 427 -16.86 15.24 0.85
C THR C 427 -16.70 16.68 0.37
N PRO C 428 -15.52 17.14 -0.07
CA PRO C 428 -15.47 18.50 -0.64
C PRO C 428 -16.37 18.65 -1.85
N LEU C 429 -16.43 17.62 -2.69
CA LEU C 429 -17.29 17.66 -3.85
C LEU C 429 -18.76 17.69 -3.45
N MET C 430 -19.12 16.93 -2.41
CA MET C 430 -20.49 16.98 -1.92
C MET C 430 -20.83 18.37 -1.38
N ILE C 431 -19.90 19.01 -0.66
CA ILE C 431 -20.18 20.34 -0.12
C ILE C 431 -20.35 21.35 -1.26
N ALA C 432 -19.46 21.30 -2.26
CA ALA C 432 -19.58 22.23 -3.37
C ALA C 432 -20.87 22.00 -4.15
N SER C 433 -21.21 20.74 -4.42
CA SER C 433 -22.46 20.43 -5.13
C SER C 433 -23.67 20.83 -4.29
N PHE C 434 -23.56 20.74 -2.97
CA PHE C 434 -24.62 21.24 -2.11
C PHE C 434 -24.81 22.73 -2.26
N ALA C 435 -23.71 23.48 -2.31
CA ALA C 435 -23.80 24.91 -2.55
C ALA C 435 -24.43 25.20 -3.91
N PHE C 436 -24.05 24.44 -4.94
CA PHE C 436 -24.60 24.65 -6.27
C PHE C 436 -26.09 24.32 -6.31
N ASN C 437 -26.52 23.27 -5.63
CA ASN C 437 -27.94 22.96 -5.52
C ASN C 437 -28.66 23.86 -4.54
N PHE C 438 -27.92 24.68 -3.78
CA PHE C 438 -28.54 25.65 -2.88
C PHE C 438 -28.84 26.95 -3.61
N ASN C 439 -27.91 27.42 -4.44
CA ASN C 439 -28.09 28.68 -5.16
C ASN C 439 -28.03 28.45 -6.66
N ASN C 440 -28.78 29.25 -7.41
CA ASN C 440 -28.79 29.16 -8.86
C ASN C 440 -28.94 30.57 -9.44
N PHE C 441 -29.07 30.63 -10.76
CA PHE C 441 -28.97 31.89 -11.49
C PHE C 441 -29.86 31.79 -12.72
N VAL C 442 -29.62 32.66 -13.70
CA VAL C 442 -30.43 32.71 -14.92
C VAL C 442 -29.96 31.61 -15.86
N LEU C 443 -30.53 30.42 -15.69
CA LEU C 443 -30.28 29.21 -16.46
C LEU C 443 -31.22 28.15 -15.91
N ILE C 444 -31.47 27.11 -16.73
CA ILE C 444 -32.40 26.03 -16.42
C ILE C 444 -33.62 26.58 -15.70
N GLN C 445 -34.39 27.42 -16.40
CA GLN C 445 -35.50 28.14 -15.76
C GLN C 445 -36.77 27.97 -16.59
N LEU C 446 -37.45 26.84 -16.39
CA LEU C 446 -38.80 26.68 -16.93
C LEU C 446 -39.78 25.96 -16.00
N LEU C 447 -39.33 25.30 -14.93
CA LEU C 447 -40.29 24.64 -14.04
C LEU C 447 -41.17 25.67 -13.36
N THR C 448 -42.36 25.23 -12.97
CA THR C 448 -43.31 26.04 -12.20
C THR C 448 -43.54 27.39 -12.88
N ASN C 449 -44.13 27.32 -14.08
CA ASN C 449 -44.45 28.54 -14.81
C ASN C 449 -45.53 29.31 -14.05
N GLY C 450 -45.13 30.38 -13.38
CA GLY C 450 -46.00 31.08 -12.46
C GLY C 450 -45.56 30.89 -11.02
N GLY C 451 -46.43 31.32 -10.12
CA GLY C 451 -46.13 31.27 -8.70
C GLY C 451 -46.80 30.11 -7.99
N PRO C 452 -46.03 29.10 -7.63
CA PRO C 452 -46.58 28.01 -6.81
C PRO C 452 -47.09 28.49 -5.46
N ASP C 453 -46.45 29.50 -4.88
CA ASP C 453 -46.86 30.08 -3.59
C ASP C 453 -46.91 29.02 -2.49
N ARG C 454 -45.80 28.29 -2.32
CA ARG C 454 -45.72 27.32 -1.23
C ARG C 454 -45.63 28.01 0.13
N LEU C 455 -44.78 29.02 0.24
CA LEU C 455 -44.58 29.79 1.46
C LEU C 455 -44.74 31.27 1.17
N GLY C 456 -45.80 31.62 0.44
CA GLY C 456 -45.99 32.98 -0.01
C GLY C 456 -44.93 33.49 -0.95
N THR C 457 -44.39 32.61 -1.79
CA THR C 457 -43.29 32.95 -2.69
C THR C 457 -43.84 33.44 -4.03
N THR C 458 -43.27 34.53 -4.53
CA THR C 458 -43.62 35.06 -5.86
C THR C 458 -42.53 34.63 -6.82
N THR C 459 -42.78 33.52 -7.53
CA THR C 459 -41.91 32.75 -8.43
C THR C 459 -42.33 32.97 -9.88
N PRO C 460 -41.39 33.10 -10.84
CA PRO C 460 -41.77 33.43 -12.22
C PRO C 460 -42.18 32.19 -12.99
N ALA C 461 -42.21 32.30 -14.33
CA ALA C 461 -42.09 31.13 -15.21
C ALA C 461 -40.61 30.73 -15.22
N GLY C 462 -40.17 30.15 -14.10
CA GLY C 462 -38.77 29.78 -13.99
C GLY C 462 -38.53 28.75 -12.89
N TYR C 463 -37.52 27.92 -13.13
CA TYR C 463 -37.14 26.84 -12.22
C TYR C 463 -36.27 27.38 -11.10
N THR C 464 -35.86 26.51 -10.18
CA THR C 464 -34.91 26.74 -9.07
C THR C 464 -35.26 28.00 -8.28
N ASP C 465 -36.40 27.91 -7.58
CA ASP C 465 -36.98 28.89 -6.65
C ASP C 465 -36.14 29.08 -5.38
N LEU C 466 -34.93 28.52 -5.40
CA LEU C 466 -34.07 28.44 -4.22
C LEU C 466 -33.49 29.81 -3.90
N LEU C 467 -34.26 30.59 -3.15
CA LEU C 467 -33.90 31.91 -2.65
C LEU C 467 -33.43 32.86 -3.74
N VAL C 468 -33.81 32.62 -4.99
CA VAL C 468 -33.55 33.53 -6.09
C VAL C 468 -34.85 33.96 -6.77
N ASN C 469 -35.66 33.01 -7.20
CA ASN C 469 -36.98 33.39 -7.69
C ASN C 469 -37.92 33.82 -6.58
N TYR C 470 -37.61 33.50 -5.31
CA TYR C 470 -38.41 34.05 -4.22
C TYR C 470 -38.21 35.55 -4.09
N THR C 471 -37.10 36.08 -4.61
CA THR C 471 -36.70 37.46 -4.44
C THR C 471 -36.43 38.20 -5.76
N TYR C 472 -36.76 37.60 -6.92
CA TYR C 472 -36.31 38.13 -8.20
C TYR C 472 -36.64 39.61 -8.36
N ARG C 473 -37.81 40.02 -7.89
CA ARG C 473 -38.36 41.34 -8.23
C ARG C 473 -37.81 42.44 -7.34
N ILE C 474 -37.54 42.13 -6.08
CA ILE C 474 -36.78 43.04 -5.23
C ILE C 474 -35.32 42.76 -5.51
N ALA C 475 -35.08 41.93 -6.53
CA ALA C 475 -33.76 41.49 -6.97
C ALA C 475 -33.75 41.32 -8.48
N PHE C 476 -32.87 40.46 -8.97
CA PHE C 476 -32.64 40.14 -10.39
C PHE C 476 -31.91 41.31 -11.05
N GLU C 477 -32.53 41.94 -12.05
CA GLU C 477 -31.89 43.05 -12.75
C GLU C 477 -31.90 44.28 -11.86
N GLY C 478 -31.21 44.18 -10.72
CA GLY C 478 -31.17 45.27 -9.76
C GLY C 478 -32.53 45.60 -9.18
N GLY C 479 -33.08 44.68 -8.40
CA GLY C 479 -34.38 44.93 -7.79
C GLY C 479 -35.47 45.23 -8.79
N GLY C 480 -35.36 44.71 -10.01
CA GLY C 480 -36.31 44.99 -11.06
C GLY C 480 -36.22 46.38 -11.65
N GLY C 481 -35.68 47.34 -10.91
CA GLY C 481 -35.53 48.70 -11.40
C GLY C 481 -34.08 49.15 -11.35
N GLN C 482 -33.16 48.24 -11.66
CA GLN C 482 -31.73 48.53 -11.72
C GLN C 482 -31.18 49.01 -10.38
N ASP C 483 -31.68 48.43 -9.29
CA ASP C 483 -31.10 48.64 -7.95
C ASP C 483 -30.05 47.56 -7.69
N PHE C 484 -29.01 47.59 -8.53
CA PHE C 484 -27.95 46.59 -8.43
C PHE C 484 -27.22 46.68 -7.10
N GLY C 485 -27.27 47.83 -6.43
CA GLY C 485 -26.74 47.90 -5.08
C GLY C 485 -27.46 46.96 -4.14
N LEU C 486 -28.79 46.99 -4.15
CA LEU C 486 -29.56 46.06 -3.34
C LEU C 486 -29.37 44.61 -3.80
N ALA C 487 -29.27 44.40 -5.12
CA ALA C 487 -29.06 43.04 -5.61
C ALA C 487 -27.73 42.47 -5.10
N ALA C 488 -26.67 43.28 -5.17
CA ALA C 488 -25.38 42.84 -4.65
C ALA C 488 -25.41 42.69 -3.13
N ALA C 489 -26.22 43.51 -2.44
CA ALA C 489 -26.33 43.37 -0.99
C ALA C 489 -26.96 42.04 -0.61
N ILE C 490 -28.07 41.67 -1.26
CA ILE C 490 -28.70 40.40 -0.93
C ILE C 490 -27.82 39.24 -1.37
N ALA C 491 -27.07 39.41 -2.47
CA ALA C 491 -26.11 38.39 -2.87
C ALA C 491 -25.02 38.22 -1.82
N THR C 492 -24.52 39.32 -1.27
CA THR C 492 -23.51 39.23 -0.20
C THR C 492 -24.09 38.55 1.03
N LEU C 493 -25.35 38.86 1.36
CA LEU C 493 -25.99 38.21 2.50
C LEU C 493 -26.11 36.70 2.29
N ILE C 494 -26.56 36.27 1.11
CA ILE C 494 -26.69 34.84 0.86
C ILE C 494 -25.32 34.17 0.90
N PHE C 495 -24.30 34.82 0.32
CA PHE C 495 -22.94 34.27 0.37
C PHE C 495 -22.49 34.11 1.80
N LEU C 496 -22.71 35.13 2.63
CA LEU C 496 -22.26 35.08 4.02
C LEU C 496 -22.96 33.96 4.80
N LEU C 497 -24.28 33.82 4.64
CA LEU C 497 -24.95 32.82 5.46
C LEU C 497 -24.68 31.40 4.96
N VAL C 498 -24.52 31.20 3.65
CA VAL C 498 -24.17 29.86 3.19
C VAL C 498 -22.74 29.53 3.59
N GLY C 499 -21.84 30.53 3.62
CA GLY C 499 -20.50 30.28 4.12
C GLY C 499 -20.50 29.94 5.60
N ALA C 500 -21.39 30.57 6.38
CA ALA C 500 -21.55 30.20 7.77
C ALA C 500 -22.04 28.76 7.90
N LEU C 501 -22.99 28.37 7.06
CA LEU C 501 -23.49 27.00 7.08
C LEU C 501 -22.39 26.01 6.71
N ALA C 502 -21.56 26.36 5.73
CA ALA C 502 -20.57 25.42 5.20
C ALA C 502 -19.55 25.02 6.26
N ILE C 503 -19.10 25.97 7.07
CA ILE C 503 -18.16 25.67 8.14
C ILE C 503 -18.92 25.13 9.35
N MET D 3 -13.51 -21.02 -8.03
CA MET D 3 -13.79 -20.05 -9.07
C MET D 3 -14.20 -18.70 -8.49
N VAL D 4 -13.55 -17.63 -8.97
CA VAL D 4 -13.89 -16.30 -8.49
C VAL D 4 -15.32 -15.93 -8.87
N GLN D 5 -15.77 -16.37 -10.04
CA GLN D 5 -17.12 -16.06 -10.47
C GLN D 5 -18.12 -16.77 -9.55
N PRO D 6 -19.03 -16.04 -8.92
CA PRO D 6 -19.93 -16.66 -7.94
C PRO D 6 -21.00 -17.53 -8.59
N LYS D 7 -21.55 -18.42 -7.79
CA LYS D 7 -22.70 -19.20 -8.22
C LYS D 7 -23.94 -18.30 -8.30
N SER D 8 -24.93 -18.74 -9.07
CA SER D 8 -26.16 -17.99 -9.26
C SER D 8 -25.89 -16.62 -9.87
N GLN D 9 -24.82 -16.53 -10.65
CA GLN D 9 -24.48 -15.26 -11.31
C GLN D 9 -25.55 -14.83 -12.30
N LYS D 10 -26.13 -15.79 -13.02
CA LYS D 10 -27.16 -15.47 -14.00
C LYS D 10 -28.32 -14.71 -13.35
N ALA D 11 -28.66 -15.05 -12.10
CA ALA D 11 -29.72 -14.35 -11.41
C ALA D 11 -29.36 -12.89 -11.17
N ARG D 12 -28.20 -12.64 -10.58
CA ARG D 12 -27.78 -11.27 -10.31
C ARG D 12 -27.54 -10.52 -11.61
N LEU D 13 -26.94 -11.18 -12.60
CA LEU D 13 -26.73 -10.54 -13.89
C LEU D 13 -28.05 -10.18 -14.55
N PHE D 14 -29.04 -11.08 -14.51
CA PHE D 14 -30.33 -10.81 -15.12
C PHE D 14 -31.06 -9.67 -14.40
N ILE D 15 -31.03 -9.67 -13.06
CA ILE D 15 -31.70 -8.61 -12.32
C ILE D 15 -31.04 -7.26 -12.62
N THR D 16 -29.70 -7.23 -12.64
CA THR D 16 -29.00 -5.99 -12.95
C THR D 16 -29.34 -5.51 -14.35
N HIS D 17 -29.39 -6.43 -15.32
CA HIS D 17 -29.69 -6.04 -16.69
C HIS D 17 -31.09 -5.47 -16.80
N LEU D 18 -32.07 -6.11 -16.17
CA LEU D 18 -33.44 -5.61 -16.23
C LEU D 18 -33.55 -4.24 -15.56
N LEU D 19 -32.92 -4.08 -14.40
CA LEU D 19 -32.99 -2.80 -13.70
C LEU D 19 -32.32 -1.70 -14.50
N LEU D 20 -31.16 -1.99 -15.09
CA LEU D 20 -30.47 -0.99 -15.89
C LEU D 20 -31.27 -0.64 -17.14
N LEU D 21 -31.92 -1.62 -17.77
CA LEU D 21 -32.75 -1.32 -18.93
C LEU D 21 -33.93 -0.43 -18.56
N LEU D 22 -34.59 -0.73 -17.44
CA LEU D 22 -35.71 0.10 -17.02
C LEU D 22 -35.25 1.52 -16.67
N PHE D 23 -34.11 1.64 -16.00
CA PHE D 23 -33.58 2.96 -15.67
C PHE D 23 -33.22 3.72 -16.94
N ILE D 24 -32.62 3.03 -17.91
CA ILE D 24 -32.28 3.66 -19.19
C ILE D 24 -33.53 4.18 -19.88
N ALA D 25 -34.59 3.37 -19.92
CA ALA D 25 -35.83 3.82 -20.54
C ALA D 25 -36.41 5.03 -19.81
N ALA D 26 -36.41 4.97 -18.47
CA ALA D 26 -37.01 6.04 -17.68
C ALA D 26 -36.27 7.36 -17.87
N ILE D 27 -34.93 7.31 -17.93
CA ILE D 27 -34.18 8.55 -18.07
C ILE D 27 -33.93 8.92 -19.54
N MET D 28 -34.32 8.05 -20.47
CA MET D 28 -34.22 8.39 -21.89
C MET D 28 -35.53 8.96 -22.43
N PHE D 29 -36.67 8.58 -21.83
CA PHE D 29 -37.94 9.13 -22.30
C PHE D 29 -37.97 10.65 -22.33
N PRO D 30 -37.57 11.38 -21.28
CA PRO D 30 -37.55 12.84 -21.39
C PRO D 30 -36.49 13.37 -22.33
N LEU D 31 -35.45 12.60 -22.60
CA LEU D 31 -34.43 12.99 -23.57
C LEU D 31 -34.79 12.58 -24.99
N LEU D 32 -35.96 11.97 -25.20
CA LEU D 32 -36.42 11.71 -26.55
C LEU D 32 -36.83 13.04 -27.18
N MET D 33 -35.84 13.87 -27.47
CA MET D 33 -36.04 15.20 -28.02
C MET D 33 -36.11 15.17 -29.54
N VAL D 34 -35.79 14.03 -30.16
CA VAL D 34 -35.72 13.93 -31.60
C VAL D 34 -37.09 13.85 -32.26
N VAL D 35 -38.15 13.66 -31.47
CA VAL D 35 -39.49 13.59 -32.07
C VAL D 35 -39.90 14.95 -32.62
N ALA D 36 -39.63 16.02 -31.86
CA ALA D 36 -39.95 17.35 -32.34
C ALA D 36 -39.13 17.71 -33.57
N ILE D 37 -37.90 17.21 -33.64
CA ILE D 37 -37.06 17.44 -34.81
C ILE D 37 -37.61 16.70 -36.03
N SER D 38 -37.80 15.39 -35.89
CA SER D 38 -38.27 14.55 -36.98
C SER D 38 -39.77 14.71 -37.24
N LEU D 39 -40.41 15.67 -36.58
CA LEU D 39 -41.76 16.08 -37.01
C LEU D 39 -41.75 16.41 -38.51
N ARG D 40 -40.79 17.22 -38.94
CA ARG D 40 -40.50 17.45 -40.35
C ARG D 40 -39.02 17.23 -40.58
N GLN D 41 -38.69 16.48 -41.64
CA GLN D 41 -37.29 16.17 -41.91
C GLN D 41 -36.50 17.37 -42.40
N GLY D 42 -37.18 18.48 -42.72
CA GLY D 42 -36.48 19.65 -43.23
C GLY D 42 -35.64 20.38 -42.19
N ASN D 43 -35.84 20.08 -40.90
CA ASN D 43 -35.05 20.75 -39.88
C ASN D 43 -33.59 20.31 -39.94
N PHE D 44 -33.34 19.02 -40.04
CA PHE D 44 -31.97 18.50 -40.16
C PHE D 44 -31.31 18.96 -41.45
N VAL D 67 -33.81 25.98 -41.36
CA VAL D 67 -34.06 24.59 -41.71
C VAL D 67 -32.83 23.98 -42.40
N GLU D 68 -32.76 22.65 -42.38
CA GLU D 68 -31.67 21.90 -42.99
C GLU D 68 -30.33 22.33 -42.40
N GLN D 69 -30.17 22.05 -41.11
CA GLN D 69 -28.95 22.44 -40.40
C GLN D 69 -27.72 21.75 -40.98
N ALA D 70 -27.83 20.47 -41.31
CA ALA D 70 -26.67 19.73 -41.79
C ALA D 70 -26.22 20.22 -43.15
N ASP D 71 -27.14 20.31 -44.11
CA ASP D 71 -26.79 20.72 -45.47
C ASP D 71 -28.06 21.14 -46.20
N GLY D 72 -27.87 21.92 -47.25
CA GLY D 72 -28.95 22.28 -48.14
C GLY D 72 -29.76 23.48 -47.65
N ARG D 73 -30.44 24.11 -48.60
CA ARG D 73 -31.31 25.26 -48.37
C ARG D 73 -30.58 26.40 -47.67
N ILE D 74 -31.33 27.32 -47.06
CA ILE D 74 -30.77 28.47 -46.38
C ILE D 74 -31.37 28.56 -44.98
N THR D 75 -30.51 28.80 -43.99
CA THR D 75 -30.93 28.93 -42.61
C THR D 75 -30.41 30.25 -42.06
N PRO D 76 -31.27 31.12 -41.54
CA PRO D 76 -30.86 32.47 -41.15
C PRO D 76 -29.63 32.49 -40.25
N PRO D 77 -29.57 31.71 -39.17
CA PRO D 77 -28.30 31.54 -38.48
C PRO D 77 -27.40 30.58 -39.24
N PRO D 78 -26.08 30.75 -39.17
CA PRO D 78 -25.23 29.95 -40.05
C PRO D 78 -25.14 28.48 -39.66
N PHE D 79 -24.87 27.66 -40.67
CA PHE D 79 -24.94 26.21 -40.55
C PHE D 79 -24.16 25.73 -39.33
N PRO D 80 -24.86 25.22 -38.32
CA PRO D 80 -24.18 24.90 -37.05
C PRO D 80 -23.06 23.90 -37.20
N VAL D 81 -23.21 22.90 -38.09
CA VAL D 81 -22.24 21.81 -38.18
C VAL D 81 -20.85 22.34 -38.49
N LEU D 82 -20.75 23.33 -39.39
CA LEU D 82 -19.44 23.84 -39.77
C LEU D 82 -18.97 25.01 -38.91
N LEU D 83 -19.89 25.76 -38.28
CA LEU D 83 -19.50 26.95 -37.53
C LEU D 83 -19.74 26.81 -36.04
N TRP D 84 -21.00 26.59 -35.61
CA TRP D 84 -21.29 26.64 -34.18
C TRP D 84 -20.76 25.41 -33.47
N LEU D 85 -20.95 24.23 -34.06
CA LEU D 85 -20.40 23.02 -33.48
C LEU D 85 -18.88 23.09 -33.42
N TRP D 86 -18.25 23.60 -34.48
CA TRP D 86 -16.79 23.70 -34.49
C TRP D 86 -16.29 24.65 -33.42
N ASN D 87 -16.93 25.82 -33.28
CA ASN D 87 -16.51 26.76 -32.24
C ASN D 87 -16.68 26.15 -30.86
N SER D 88 -17.82 25.50 -30.62
CA SER D 88 -18.06 24.91 -29.32
C SER D 88 -17.03 23.83 -29.00
N VAL D 89 -16.73 22.97 -29.97
CA VAL D 89 -15.79 21.88 -29.70
C VAL D 89 -14.37 22.41 -29.53
N LYS D 90 -13.97 23.42 -30.31
CA LYS D 90 -12.64 24.00 -30.15
C LYS D 90 -12.48 24.62 -28.77
N VAL D 91 -13.45 25.45 -28.37
CA VAL D 91 -13.38 26.10 -27.07
C VAL D 91 -13.37 25.06 -25.96
N ALA D 92 -14.25 24.07 -26.06
CA ALA D 92 -14.33 23.05 -25.01
C ALA D 92 -13.03 22.28 -24.90
N GLY D 93 -12.46 21.85 -26.03
CA GLY D 93 -11.23 21.09 -25.98
C GLY D 93 -10.08 21.89 -25.39
N ILE D 94 -9.91 23.14 -25.84
CA ILE D 94 -8.80 23.95 -25.34
C ILE D 94 -8.97 24.23 -23.85
N SER D 95 -10.18 24.62 -23.43
CA SER D 95 -10.42 24.87 -22.02
C SER D 95 -10.19 23.63 -21.18
N ALA D 96 -10.62 22.47 -21.68
CA ALA D 96 -10.44 21.23 -20.94
C ALA D 96 -8.96 20.90 -20.78
N ILE D 97 -8.18 21.06 -21.84
CA ILE D 97 -6.75 20.75 -21.76
C ILE D 97 -6.06 21.67 -20.76
N GLY D 98 -6.31 22.98 -20.87
CA GLY D 98 -5.70 23.91 -19.94
C GLY D 98 -6.15 23.68 -18.51
N ILE D 99 -7.43 23.39 -18.33
CA ILE D 99 -7.96 23.12 -16.99
C ILE D 99 -7.30 21.89 -16.40
N VAL D 100 -7.17 20.82 -17.19
CA VAL D 100 -6.55 19.60 -16.69
C VAL D 100 -5.12 19.86 -16.26
N ALA D 101 -4.35 20.56 -17.10
CA ALA D 101 -2.96 20.83 -16.77
C ALA D 101 -2.83 21.64 -15.48
N LEU D 102 -3.54 22.78 -15.43
CA LEU D 102 -3.43 23.65 -14.26
C LEU D 102 -3.91 22.94 -13.00
N SER D 103 -5.02 22.20 -13.08
N SER D 103 -5.02 22.20 -13.08
CA SER D 103 -5.57 21.55 -11.92
CA SER D 103 -5.57 21.55 -11.92
C SER D 103 -4.65 20.43 -11.42
C SER D 103 -4.65 20.43 -11.42
N THR D 104 -4.06 19.67 -12.34
CA THR D 104 -3.17 18.59 -11.91
C THR D 104 -1.93 19.16 -11.23
N THR D 105 -1.39 20.27 -11.74
CA THR D 105 -0.25 20.90 -11.08
C THR D 105 -0.62 21.38 -9.68
N CYS D 106 -1.74 22.10 -9.58
CA CYS D 106 -2.15 22.65 -8.30
C CYS D 106 -2.43 21.54 -7.29
N ALA D 107 -3.08 20.47 -7.73
CA ALA D 107 -3.41 19.37 -6.84
C ALA D 107 -2.16 18.63 -6.38
N TYR D 108 -1.20 18.42 -7.28
CA TYR D 108 0.05 17.80 -6.85
C TYR D 108 0.72 18.65 -5.78
N ALA D 109 0.81 19.97 -6.01
CA ALA D 109 1.44 20.83 -5.03
C ALA D 109 0.71 20.76 -3.69
N PHE D 110 -0.61 20.99 -3.69
CA PHE D 110 -1.37 21.04 -2.46
C PHE D 110 -1.29 19.71 -1.71
N ALA D 111 -1.44 18.60 -2.43
CA ALA D 111 -1.53 17.32 -1.76
C ALA D 111 -0.18 16.84 -1.24
N ARG D 112 0.90 17.03 -2.03
CA ARG D 112 2.14 16.34 -1.70
C ARG D 112 3.34 17.28 -1.60
N MET D 113 3.12 18.55 -1.23
CA MET D 113 4.24 19.35 -0.74
C MET D 113 3.71 20.43 0.19
N ARG D 114 4.63 21.07 0.92
CA ARG D 114 4.29 22.02 1.95
C ARG D 114 4.70 23.42 1.52
N PHE D 115 3.89 24.41 1.91
CA PHE D 115 4.17 25.82 1.71
C PHE D 115 3.26 26.61 2.63
N PRO D 116 3.73 27.72 3.20
CA PRO D 116 2.95 28.39 4.25
C PRO D 116 1.63 28.91 3.72
N GLY D 117 0.62 28.91 4.59
CA GLY D 117 -0.72 29.32 4.20
C GLY D 117 -1.48 28.30 3.39
N LYS D 118 -1.01 27.06 3.35
CA LYS D 118 -1.63 26.05 2.50
C LYS D 118 -3.08 25.80 2.93
N ALA D 119 -3.30 25.51 4.21
CA ALA D 119 -4.64 25.22 4.69
C ALA D 119 -5.56 26.41 4.52
N THR D 120 -5.07 27.62 4.84
CA THR D 120 -5.88 28.82 4.64
C THR D 120 -6.28 28.96 3.18
N LEU D 121 -5.35 28.71 2.26
CA LEU D 121 -5.67 28.80 0.84
C LEU D 121 -6.70 27.75 0.44
N LEU D 122 -6.59 26.53 0.97
CA LEU D 122 -7.60 25.53 0.63
C LEU D 122 -8.99 25.96 1.08
N LYS D 123 -9.12 26.37 2.35
CA LYS D 123 -10.43 26.76 2.86
C LYS D 123 -10.98 27.97 2.09
N GLY D 124 -10.13 28.97 1.85
CA GLY D 124 -10.53 30.11 1.05
C GLY D 124 -11.04 29.67 -0.30
N MET D 125 -10.18 29.04 -1.09
CA MET D 125 -10.53 28.61 -2.44
C MET D 125 -11.83 27.81 -2.46
N LEU D 126 -12.04 26.94 -1.46
CA LEU D 126 -13.35 26.28 -1.36
C LEU D 126 -14.48 27.28 -1.19
N ILE D 127 -14.30 28.27 -0.31
CA ILE D 127 -15.39 29.21 -0.06
C ILE D 127 -15.68 30.05 -1.31
N PHE D 128 -14.64 30.60 -1.91
CA PHE D 128 -14.77 31.42 -3.11
C PHE D 128 -15.14 30.62 -4.36
N GLN D 129 -15.11 29.28 -4.31
CA GLN D 129 -15.53 28.49 -5.46
C GLN D 129 -16.95 28.83 -5.89
N MET D 130 -17.87 28.88 -4.93
CA MET D 130 -19.29 28.94 -5.26
C MET D 130 -19.75 30.38 -5.47
N PHE D 131 -20.47 30.60 -6.57
CA PHE D 131 -20.96 31.91 -6.96
C PHE D 131 -22.02 31.78 -8.05
N PRO D 132 -23.10 32.55 -7.99
CA PRO D 132 -24.08 32.55 -9.08
C PRO D 132 -23.77 33.62 -10.11
N ALA D 133 -24.51 33.56 -11.22
CA ALA D 133 -24.30 34.46 -12.34
C ALA D 133 -24.90 35.85 -12.12
N VAL D 134 -25.69 36.03 -11.05
CA VAL D 134 -26.31 37.34 -10.80
C VAL D 134 -25.24 38.41 -10.59
N LEU D 135 -24.09 38.03 -10.06
CA LEU D 135 -22.93 38.90 -9.96
C LEU D 135 -21.95 38.70 -11.09
N SER D 136 -21.88 37.48 -11.62
CA SER D 136 -20.87 37.14 -12.62
C SER D 136 -21.05 37.97 -13.88
N LEU D 137 -22.28 38.13 -14.35
CA LEU D 137 -22.49 38.81 -15.63
C LEU D 137 -21.98 40.25 -15.58
N VAL D 138 -22.42 41.01 -14.57
CA VAL D 138 -22.02 42.41 -14.48
C VAL D 138 -20.53 42.53 -14.17
N ALA D 139 -20.03 41.74 -13.21
CA ALA D 139 -18.63 41.87 -12.83
C ALA D 139 -17.70 41.51 -14.00
N LEU D 140 -18.01 40.42 -14.71
CA LEU D 140 -17.16 39.98 -15.79
C LEU D 140 -17.29 40.87 -17.02
N TYR D 141 -18.49 41.41 -17.28
CA TYR D 141 -18.64 42.40 -18.34
C TYR D 141 -17.82 43.65 -18.04
N ALA D 142 -17.82 44.08 -16.79
CA ALA D 142 -16.95 45.19 -16.40
C ALA D 142 -15.48 44.83 -16.61
N LEU D 143 -15.09 43.63 -16.22
CA LEU D 143 -13.71 43.19 -16.43
C LEU D 143 -13.34 43.26 -17.91
N PHE D 144 -14.20 42.75 -18.78
CA PHE D 144 -13.86 42.65 -20.19
C PHE D 144 -13.84 44.03 -20.86
N ASP D 145 -14.86 44.85 -20.64
CA ASP D 145 -14.85 46.17 -21.28
C ASP D 145 -13.87 47.12 -20.62
N ARG D 146 -13.34 46.78 -19.44
CA ARG D 146 -12.23 47.52 -18.86
C ARG D 146 -10.88 47.04 -19.38
N LEU D 147 -10.77 45.77 -19.77
CA LEU D 147 -9.51 45.25 -20.28
C LEU D 147 -8.96 46.13 -21.40
N GLY D 148 -9.61 46.11 -22.56
CA GLY D 148 -9.35 47.10 -23.58
C GLY D 148 -8.01 47.01 -24.27
N GLU D 149 -6.93 47.09 -23.49
CA GLU D 149 -5.60 47.04 -24.07
C GLU D 149 -5.32 45.67 -24.68
N TYR D 150 -4.18 45.57 -25.34
CA TYR D 150 -3.90 44.45 -26.24
C TYR D 150 -3.16 43.34 -25.51
N ILE D 151 -3.87 42.25 -25.23
CA ILE D 151 -3.30 40.99 -24.78
C ILE D 151 -4.12 39.85 -25.37
N PRO D 152 -3.50 38.67 -25.55
CA PRO D 152 -4.18 37.59 -26.28
C PRO D 152 -5.50 37.17 -25.67
N PHE D 153 -5.72 37.41 -24.39
CA PHE D 153 -7.01 37.15 -23.75
C PHE D 153 -7.93 38.37 -23.90
N ILE D 154 -8.23 38.69 -25.17
CA ILE D 154 -8.98 39.89 -25.49
C ILE D 154 -10.37 39.81 -24.86
N GLY D 155 -10.75 40.87 -24.13
CA GLY D 155 -11.94 40.80 -23.30
C GLY D 155 -13.24 40.69 -24.06
N LEU D 156 -13.41 41.51 -25.11
CA LEU D 156 -14.66 41.53 -25.84
C LEU D 156 -14.69 40.34 -26.79
N ASN D 157 -15.63 40.36 -27.76
CA ASN D 157 -15.87 39.19 -28.59
C ASN D 157 -14.59 38.74 -29.28
N THR D 158 -14.06 37.60 -28.86
CA THR D 158 -12.80 37.09 -29.34
C THR D 158 -12.87 35.63 -29.74
N HIS D 159 -13.63 34.81 -29.01
CA HIS D 159 -13.75 33.37 -29.21
C HIS D 159 -12.43 32.70 -28.85
N GLY D 160 -11.42 33.51 -28.50
CA GLY D 160 -10.13 33.01 -28.10
C GLY D 160 -9.62 33.67 -26.82
N GLY D 161 -10.28 34.75 -26.41
CA GLY D 161 -9.89 35.41 -25.18
C GLY D 161 -10.86 35.18 -24.05
N VAL D 162 -12.15 35.21 -24.36
CA VAL D 162 -13.20 34.90 -23.40
C VAL D 162 -13.52 33.42 -23.52
N ILE D 163 -14.00 32.82 -22.43
CA ILE D 163 -14.34 31.41 -22.37
C ILE D 163 -13.09 30.58 -22.71
N PHE D 164 -12.64 30.70 -23.95
CA PHE D 164 -11.52 29.97 -24.52
C PHE D 164 -10.29 30.07 -23.62
N ALA D 165 -9.92 28.96 -23.00
CA ALA D 165 -8.81 28.86 -22.06
C ALA D 165 -8.94 29.83 -20.90
N TYR D 166 -10.08 30.51 -20.78
CA TYR D 166 -10.29 31.51 -19.73
C TYR D 166 -11.28 31.02 -18.68
N LEU D 167 -11.99 29.93 -18.97
CA LEU D 167 -12.76 29.17 -17.98
C LEU D 167 -11.85 28.47 -16.97
N GLY D 168 -10.54 28.74 -17.06
CA GLY D 168 -9.53 27.99 -16.34
C GLY D 168 -9.66 28.02 -14.84
N GLY D 169 -10.25 29.07 -14.28
CA GLY D 169 -10.36 29.12 -12.83
C GLY D 169 -11.32 28.08 -12.30
N ILE D 170 -10.79 27.00 -11.75
CA ILE D 170 -11.56 25.83 -11.34
C ILE D 170 -11.07 25.37 -9.97
N ALA D 171 -12.02 25.03 -9.11
CA ALA D 171 -11.75 24.51 -7.77
C ALA D 171 -12.11 23.04 -7.63
N LEU D 172 -13.23 22.61 -8.21
CA LEU D 172 -13.66 21.23 -8.09
C LEU D 172 -12.59 20.27 -8.58
N HIS D 173 -11.99 20.57 -9.73
CA HIS D 173 -10.99 19.66 -10.28
C HIS D 173 -9.71 19.68 -9.46
N VAL D 174 -9.30 20.84 -8.96
CA VAL D 174 -8.14 20.86 -8.07
C VAL D 174 -8.38 19.94 -6.90
N TRP D 175 -9.56 20.04 -6.27
CA TRP D 175 -9.90 19.16 -5.16
C TRP D 175 -9.94 17.70 -5.59
N THR D 176 -10.46 17.42 -6.79
CA THR D 176 -10.62 16.05 -7.24
C THR D 176 -9.28 15.36 -7.45
N ILE D 177 -8.38 15.99 -8.22
CA ILE D 177 -7.06 15.39 -8.39
C ILE D 177 -6.30 15.35 -7.06
N LYS D 178 -6.48 16.35 -6.20
CA LYS D 178 -5.81 16.28 -4.90
C LYS D 178 -6.26 15.05 -4.13
N GLY D 179 -7.58 14.87 -4.01
CA GLY D 179 -8.10 13.71 -3.30
C GLY D 179 -7.65 12.40 -3.91
N TYR D 180 -7.59 12.34 -5.24
CA TYR D 180 -7.08 11.14 -5.90
C TYR D 180 -5.61 10.91 -5.54
N PHE D 181 -4.83 11.99 -5.48
CA PHE D 181 -3.43 11.88 -5.11
C PHE D 181 -3.28 11.37 -3.69
N GLU D 182 -4.20 11.73 -2.80
CA GLU D 182 -4.16 11.21 -1.44
C GLU D 182 -4.38 9.70 -1.42
N THR D 183 -5.11 9.17 -2.40
CA THR D 183 -5.36 7.73 -2.44
C THR D 183 -4.08 6.95 -2.73
N ILE D 184 -3.32 7.39 -3.74
CA ILE D 184 -2.12 6.65 -4.14
C ILE D 184 -1.13 6.62 -2.99
N ASP D 185 -0.50 5.47 -2.79
CA ASP D 185 0.51 5.34 -1.74
C ASP D 185 1.66 6.30 -2.01
N SER D 186 2.18 6.88 -0.94
CA SER D 186 3.29 7.81 -1.02
C SER D 186 4.64 7.13 -1.26
N SER D 187 4.81 5.90 -0.79
CA SER D 187 6.12 5.26 -0.83
C SER D 187 6.69 5.17 -2.23
N LEU D 188 5.83 5.18 -3.26
CA LEU D 188 6.32 5.14 -4.63
C LEU D 188 7.13 6.38 -4.97
N GLU D 189 6.57 7.56 -4.73
CA GLU D 189 7.33 8.77 -5.00
C GLU D 189 8.40 9.02 -3.94
N GLU D 190 8.26 8.44 -2.75
CA GLU D 190 9.37 8.49 -1.80
C GLU D 190 10.58 7.75 -2.34
N ALA D 191 10.36 6.55 -2.90
CA ALA D 191 11.46 5.81 -3.51
C ALA D 191 12.00 6.55 -4.72
N ALA D 192 11.11 7.17 -5.51
CA ALA D 192 11.57 7.95 -6.65
C ALA D 192 12.46 9.11 -6.22
N ALA D 193 12.07 9.81 -5.16
CA ALA D 193 12.91 10.88 -4.62
C ALA D 193 14.23 10.34 -4.09
N LEU D 194 14.18 9.17 -3.44
CA LEU D 194 15.41 8.56 -2.93
C LEU D 194 16.32 8.09 -4.07
N ASP D 195 15.78 7.97 -5.28
CA ASP D 195 16.59 7.59 -6.44
C ASP D 195 17.26 8.79 -7.11
N GLY D 196 17.03 10.01 -6.63
CA GLY D 196 17.61 11.18 -7.22
C GLY D 196 16.71 11.96 -8.15
N ALA D 197 15.44 11.57 -8.26
CA ALA D 197 14.49 12.30 -9.08
C ALA D 197 14.04 13.57 -8.37
N THR D 198 14.11 14.70 -9.08
CA THR D 198 13.53 15.92 -8.56
C THR D 198 12.01 15.74 -8.49
N PRO D 199 11.32 16.56 -7.68
CA PRO D 199 9.86 16.42 -7.61
C PRO D 199 9.17 16.51 -8.96
N TRP D 200 9.67 17.34 -9.88
CA TRP D 200 9.08 17.42 -11.20
C TRP D 200 9.21 16.10 -11.96
N GLN D 201 10.40 15.52 -11.97
CA GLN D 201 10.59 14.24 -12.66
C GLN D 201 9.75 13.15 -12.03
N ALA D 202 9.68 13.12 -10.69
CA ALA D 202 8.86 12.11 -10.02
C ALA D 202 7.40 12.27 -10.38
N PHE D 203 6.91 13.53 -10.36
CA PHE D 203 5.52 13.79 -10.71
C PHE D 203 5.22 13.43 -12.15
N ARG D 204 6.20 13.60 -13.04
CA ARG D 204 5.96 13.27 -14.44
C ARG D 204 5.97 11.77 -14.68
N LEU D 205 6.88 11.04 -14.03
CA LEU D 205 7.15 9.66 -14.38
C LEU D 205 6.53 8.62 -13.46
N VAL D 206 5.98 9.01 -12.31
CA VAL D 206 5.41 8.04 -11.39
C VAL D 206 3.98 8.41 -11.04
N LEU D 207 3.78 9.64 -10.57
CA LEU D 207 2.47 10.03 -10.04
C LEU D 207 1.41 10.09 -11.14
N LEU D 208 1.72 10.77 -12.25
CA LEU D 208 0.74 10.93 -13.31
C LEU D 208 0.32 9.61 -13.96
N PRO D 209 1.23 8.72 -14.36
CA PRO D 209 0.79 7.48 -15.02
C PRO D 209 -0.13 6.63 -14.16
N LEU D 210 0.07 6.63 -12.84
CA LEU D 210 -0.80 5.90 -11.94
C LEU D 210 -2.08 6.66 -11.62
N SER D 211 -2.12 7.96 -11.89
CA SER D 211 -3.27 8.79 -11.57
C SER D 211 -4.07 9.18 -12.81
N VAL D 212 -3.72 8.63 -13.97
CA VAL D 212 -4.32 9.02 -15.24
C VAL D 212 -5.84 8.87 -15.30
N PRO D 213 -6.49 7.92 -14.59
CA PRO D 213 -7.97 7.89 -14.68
C PRO D 213 -8.63 9.16 -14.18
N ILE D 214 -8.07 9.80 -13.15
CA ILE D 214 -8.69 11.02 -12.67
C ILE D 214 -8.49 12.17 -13.65
N LEU D 215 -7.35 12.20 -14.35
CA LEU D 215 -7.20 13.19 -15.43
C LEU D 215 -8.22 12.94 -16.52
N ALA D 216 -8.46 11.68 -16.87
CA ALA D 216 -9.50 11.39 -17.85
C ALA D 216 -10.86 11.89 -17.39
N VAL D 217 -11.22 11.59 -16.13
CA VAL D 217 -12.53 11.98 -15.60
C VAL D 217 -12.68 13.50 -15.59
N VAL D 218 -11.64 14.20 -15.14
CA VAL D 218 -11.71 15.66 -15.06
C VAL D 218 -11.75 16.27 -16.45
N PHE D 219 -11.01 15.69 -17.40
CA PHE D 219 -11.09 16.16 -18.78
C PHE D 219 -12.51 16.01 -19.31
N ILE D 220 -13.16 14.88 -19.01
CA ILE D 220 -14.55 14.70 -19.42
C ILE D 220 -15.44 15.78 -18.83
N LEU D 221 -15.32 15.98 -17.51
CA LEU D 221 -16.17 16.95 -16.83
C LEU D 221 -15.98 18.35 -17.39
N SER D 222 -14.71 18.74 -17.62
CA SER D 222 -14.42 20.06 -18.17
C SER D 222 -14.98 20.20 -19.57
N PHE D 223 -14.85 19.17 -20.40
CA PHE D 223 -15.37 19.25 -21.76
C PHE D 223 -16.88 19.44 -21.76
N ILE D 224 -17.59 18.69 -20.92
CA ILE D 224 -19.05 18.84 -20.90
C ILE D 224 -19.44 20.20 -20.33
N ALA D 225 -18.75 20.66 -19.29
CA ALA D 225 -19.07 21.97 -18.72
C ALA D 225 -18.85 23.09 -19.72
N ALA D 226 -17.79 22.98 -20.51
CA ALA D 226 -17.53 24.00 -21.53
C ALA D 226 -18.51 23.90 -22.69
N ILE D 227 -18.92 22.69 -23.06
CA ILE D 227 -19.87 22.53 -24.16
C ILE D 227 -21.21 23.12 -23.79
N THR D 228 -21.75 22.74 -22.63
CA THR D 228 -23.06 23.24 -22.20
C THR D 228 -22.86 24.36 -21.19
N GLU D 229 -22.51 25.54 -21.71
CA GLU D 229 -22.25 26.73 -20.90
C GLU D 229 -23.04 27.88 -21.50
N VAL D 230 -24.31 28.00 -21.10
CA VAL D 230 -25.19 29.06 -21.60
C VAL D 230 -24.79 30.41 -21.00
N PRO D 231 -24.53 30.54 -19.68
CA PRO D 231 -24.14 31.86 -19.17
C PRO D 231 -22.76 32.29 -19.62
N VAL D 232 -22.32 33.45 -19.14
CA VAL D 232 -21.08 34.09 -19.58
C VAL D 232 -21.15 34.26 -21.09
N ALA D 233 -22.20 34.96 -21.55
CA ALA D 233 -22.38 35.25 -22.97
C ALA D 233 -21.74 36.59 -23.31
N SER D 234 -20.41 36.59 -23.27
CA SER D 234 -19.65 37.79 -23.60
C SER D 234 -19.46 37.99 -25.09
N LEU D 235 -19.94 37.05 -25.91
CA LEU D 235 -19.82 37.13 -27.36
C LEU D 235 -21.05 37.77 -28.01
N LEU D 236 -21.82 38.54 -27.23
CA LEU D 236 -23.10 39.03 -27.73
C LEU D 236 -22.94 40.14 -28.76
N LEU D 237 -21.81 40.84 -28.75
CA LEU D 237 -21.60 41.90 -29.74
C LEU D 237 -21.59 41.36 -31.16
N ARG D 238 -20.95 40.22 -31.36
CA ARG D 238 -20.93 39.52 -32.65
C ARG D 238 -21.76 38.25 -32.48
N ASP D 239 -23.07 38.36 -32.72
CA ASP D 239 -24.02 37.33 -32.34
C ASP D 239 -24.67 36.64 -33.54
N VAL D 240 -24.01 36.65 -34.70
CA VAL D 240 -24.53 35.90 -35.84
C VAL D 240 -23.46 34.92 -36.35
N ASN D 241 -22.23 35.40 -36.54
CA ASN D 241 -21.16 34.57 -37.06
C ASN D 241 -20.57 33.74 -35.92
N SER D 242 -19.39 33.16 -36.14
CA SER D 242 -18.74 32.24 -35.21
C SER D 242 -18.85 32.66 -33.75
N TYR D 243 -19.42 31.77 -32.94
CA TYR D 243 -19.52 31.88 -31.49
C TYR D 243 -20.11 30.57 -30.96
N THR D 244 -20.25 30.49 -29.64
CA THR D 244 -20.56 29.22 -28.98
C THR D 244 -21.95 28.72 -29.36
N LEU D 245 -22.06 27.40 -29.55
CA LEU D 245 -23.33 26.80 -29.94
C LEU D 245 -24.39 26.94 -28.84
N ALA D 246 -23.97 27.07 -27.58
CA ALA D 246 -24.93 27.31 -26.51
C ALA D 246 -25.63 28.66 -26.69
N VAL D 247 -24.85 29.73 -26.86
CA VAL D 247 -25.45 31.02 -27.17
C VAL D 247 -26.21 30.96 -28.49
N GLY D 248 -25.79 30.08 -29.40
CA GLY D 248 -26.52 29.91 -30.65
C GLY D 248 -27.93 29.40 -30.43
N MET D 249 -28.07 28.36 -29.61
CA MET D 249 -29.42 27.88 -29.30
C MET D 249 -30.20 28.93 -28.50
N GLN D 250 -29.50 29.69 -27.66
CA GLN D 250 -30.18 30.76 -26.93
C GLN D 250 -30.75 31.79 -27.90
N GLN D 251 -30.01 32.11 -28.96
CA GLN D 251 -30.53 32.97 -30.02
C GLN D 251 -31.70 32.30 -30.72
N TYR D 252 -31.62 30.99 -30.93
CA TYR D 252 -32.76 30.27 -31.52
C TYR D 252 -34.02 30.44 -30.69
N LEU D 253 -33.88 30.42 -29.37
CA LEU D 253 -35.01 30.65 -28.46
C LEU D 253 -35.39 32.13 -28.51
N ASN D 254 -36.38 32.47 -29.32
CA ASN D 254 -36.79 33.85 -29.52
C ASN D 254 -38.18 34.11 -28.94
N PRO D 255 -38.37 35.24 -28.27
CA PRO D 255 -39.65 35.48 -27.57
C PRO D 255 -40.88 35.50 -28.47
N GLN D 256 -40.80 36.09 -29.66
CA GLN D 256 -42.03 36.32 -30.42
C GLN D 256 -42.48 35.10 -31.22
N ASN D 257 -41.70 34.03 -31.26
CA ASN D 257 -42.13 32.85 -32.01
C ASN D 257 -42.02 31.57 -31.19
N TYR D 258 -41.08 31.53 -30.23
CA TYR D 258 -40.82 30.34 -29.43
C TYR D 258 -40.59 29.12 -30.32
N LEU D 259 -39.75 29.31 -31.34
CA LEU D 259 -39.48 28.28 -32.33
C LEU D 259 -38.51 27.24 -31.79
N TRP D 260 -38.95 25.99 -31.70
CA TRP D 260 -38.16 24.92 -31.09
C TRP D 260 -37.84 23.76 -32.02
N GLY D 261 -38.69 23.51 -33.02
CA GLY D 261 -38.57 22.34 -33.88
C GLY D 261 -37.27 22.25 -34.64
N ASP D 262 -36.57 23.37 -34.84
CA ASP D 262 -35.21 23.38 -35.35
C ASP D 262 -34.19 23.76 -34.29
N PHE D 263 -34.65 24.42 -33.22
CA PHE D 263 -33.76 24.80 -32.13
C PHE D 263 -33.16 23.57 -31.45
N ALA D 264 -33.98 22.55 -31.21
CA ALA D 264 -33.50 21.34 -30.56
C ALA D 264 -32.55 20.54 -31.44
N ALA D 265 -32.53 20.82 -32.75
CA ALA D 265 -31.59 20.13 -33.63
C ALA D 265 -30.14 20.45 -33.26
N ALA D 266 -29.86 21.68 -32.85
CA ALA D 266 -28.52 22.01 -32.41
C ALA D 266 -28.17 21.27 -31.13
N ALA D 267 -29.14 21.10 -30.23
CA ALA D 267 -28.88 20.33 -29.00
C ALA D 267 -28.57 18.87 -29.33
N VAL D 268 -29.35 18.26 -30.22
CA VAL D 268 -29.09 16.86 -30.56
C VAL D 268 -27.76 16.74 -31.31
N MET D 269 -27.39 17.77 -32.07
CA MET D 269 -26.05 17.79 -32.67
C MET D 269 -24.96 17.84 -31.60
N SER D 270 -25.13 18.71 -30.61
CA SER D 270 -24.12 18.84 -29.55
C SER D 270 -24.09 17.61 -28.66
N ALA D 271 -25.11 16.76 -28.74
CA ALA D 271 -25.06 15.47 -28.06
C ALA D 271 -23.92 14.60 -28.54
N LEU D 272 -23.44 14.81 -29.78
CA LEU D 272 -22.42 13.97 -30.40
C LEU D 272 -21.00 14.22 -29.85
N PRO D 273 -20.52 15.46 -29.80
CA PRO D 273 -19.14 15.66 -29.31
C PRO D 273 -18.89 15.13 -27.92
N ILE D 274 -19.85 15.26 -27.01
CA ILE D 274 -19.68 14.72 -25.67
CA ILE D 274 -19.68 14.72 -25.67
C ILE D 274 -19.54 13.19 -25.73
N THR D 275 -20.35 12.55 -26.57
CA THR D 275 -20.24 11.10 -26.72
C THR D 275 -18.86 10.71 -27.24
N ILE D 276 -18.36 11.41 -28.25
CA ILE D 276 -17.07 11.07 -28.83
C ILE D 276 -15.96 11.29 -27.80
N VAL D 277 -16.00 12.41 -27.08
CA VAL D 277 -14.98 12.69 -26.07
C VAL D 277 -15.05 11.66 -24.95
N PHE D 278 -16.26 11.27 -24.56
CA PHE D 278 -16.41 10.30 -23.50
C PHE D 278 -15.84 8.95 -23.91
N LEU D 279 -16.04 8.56 -25.17
CA LEU D 279 -15.45 7.30 -25.63
C LEU D 279 -13.92 7.40 -25.71
N LEU D 280 -13.40 8.52 -26.21
CA LEU D 280 -11.95 8.68 -26.29
C LEU D 280 -11.31 8.62 -24.91
N ALA D 281 -11.89 9.30 -23.92
CA ALA D 281 -11.40 9.21 -22.56
C ALA D 281 -11.69 7.84 -21.92
N GLN D 282 -12.73 7.15 -22.38
CA GLN D 282 -13.00 5.79 -21.93
C GLN D 282 -11.88 4.86 -22.35
N ARG D 283 -11.25 5.15 -23.50
CA ARG D 283 -10.14 4.28 -23.89
C ARG D 283 -9.00 4.39 -22.90
N TRP D 284 -8.97 5.50 -22.14
CA TRP D 284 -7.95 5.74 -21.12
C TRP D 284 -8.25 5.00 -19.83
N LEU D 285 -9.49 5.12 -19.33
CA LEU D 285 -9.87 4.65 -18.00
C LEU D 285 -9.49 3.18 -17.80
N VAL D 286 -8.82 2.88 -16.70
CA VAL D 286 -8.33 1.55 -16.41
C VAL D 286 -8.18 1.40 -14.90
N ASN D 287 -8.40 0.19 -14.40
CA ASN D 287 -8.31 -0.11 -12.98
C ASN D 287 -7.12 -1.03 -12.71
N GLY D 288 -6.75 -1.12 -11.44
CA GLY D 288 -5.60 -1.92 -11.07
C GLY D 288 -4.27 -1.33 -11.48
N LEU D 289 -4.16 0.00 -11.51
CA LEU D 289 -2.91 0.63 -11.90
C LEU D 289 -1.83 0.42 -10.84
N THR D 290 -2.17 0.64 -9.58
CA THR D 290 -1.24 0.39 -8.48
C THR D 290 -1.44 -1.02 -7.91
N ALA D 291 -1.42 -1.99 -8.82
CA ALA D 291 -1.63 -3.39 -8.48
C ALA D 291 -0.29 -4.08 -8.27
N GLY D 292 -0.12 -4.69 -7.10
CA GLY D 292 1.13 -5.33 -6.77
C GLY D 292 2.28 -4.41 -6.49
N GLY D 293 2.02 -3.11 -6.33
CA GLY D 293 3.07 -2.14 -6.10
C GLY D 293 3.74 -2.28 -4.74
N VAL D 294 2.96 -2.16 -3.66
CA VAL D 294 3.50 -2.22 -2.31
C VAL D 294 2.68 -3.21 -1.49
N LYS D 295 3.31 -3.70 -0.42
CA LYS D 295 2.69 -4.63 0.51
C LYS D 295 2.09 -3.87 1.70
N GLY D 296 1.44 -4.62 2.58
CA GLY D 296 0.95 -4.06 3.82
C GLY D 296 -0.50 -3.63 3.80
#